data_9B62
#
_entry.id   9B62
#
_cell.length_a   1.00
_cell.length_b   1.00
_cell.length_c   1.00
_cell.angle_alpha   90.00
_cell.angle_beta   90.00
_cell.angle_gamma   90.00
#
_symmetry.space_group_name_H-M   'P 1'
#
loop_
_entity.id
_entity.type
_entity.pdbx_description
1 polymer Exportin-1
2 polymer 'GTP-binding nuclear protein Ran'
3 polymer 'SUMO-conjugating enzyme UBC9'
4 polymer 'Small ubiquitin-related modifier 1'
5 polymer 'E3 SUMO-protein ligase RanBP2'
6 polymer 'Ran GTPase-activating protein 1'
7 non-polymer "GUANOSINE-5'-TRIPHOSPHATE"
8 non-polymer 'MAGNESIUM ION'
#
loop_
_entity_poly.entity_id
_entity_poly.type
_entity_poly.pdbx_seq_one_letter_code
_entity_poly.pdbx_strand_id
1 'polypeptide(L)'
;SHMMPAIMTMLADHAARQLLDFSQKLDINLLDNVVNCLYHGEGAQQRMAQEVLTHLKEHPDAWTRVDTILEFSQNMNTKY
YGLQILENVIKTRWKILPRNQCEGIKKYVVGLIIKTSSDPTCVEKEKVYIGKLNMILVQILKQEWPKHWPTFISDIVGAS
RTSESLCQNNMVILKLLSEEVFDFSSGQITQVKSKHLKDSMCNEFSQIFQLCQFVMENSQNAPLVHATLETLLRFLNWIP
LGYIFETKLISTLIYKFLNVPMFRNVSLKCLTEIAGVSVSQYEEQFVTLFTLTMMQLKQMLPLNTNIRLAYSNGKDDEQN
FIQNLSLFLCTFLKEHDQLIEKRLNLRETLMEALHYMLLVSEVEETEIFKICLEYWNHLAAELYRESPFSTSASPLLSGS
QHFDVPPRRQLYLPMLFKVRLLMVSRMAKPEEVLVVENDQGEVVREFMKDTDSINLYKNMRETLVYLTHLDYVDTERIMT
EKLHNQVNGTEWSWKNLNTLCWAIGSISGAMHEEDEKRFLVTVIKDLLGLCEQKRGKDNKAIIASNIMYIVGQYPRFLRA
HWKFLKTVVNKLFEFMHETHDGVQDMACDTFIKIAQKCRRHFVQVQVGEVMPFIDEILNNINTIICDLQPQQVHTFYEAV
GYMIGAQTDQTVQEHLIEKYMLLPNQVWDSIIQQATKNVDILKDPETVKQLGSILKTNVRACKAVGHPFVIQLGRIYLDM
LNVYKCLSENISAAIQANGEMVTKQPLIRSMRTVKRETLKLISGWVSRSNDPQMVAENFVPPLLDAVLIDYQRNVPAARE
PEVLSTMAIIVNKLGGHITAEIPQIFDAVFECTLNMINKDFEEYPEHRTNFFLLLQAVNSHCFPAFLAIPPTQFKLVLDS
IIWAFKHTMRNVADTGLQILFTLLQNVAQEEAAAQSFYQTYFCDILQHIFSVVTDTSHTAGLTMHASILAYMFNLVEEGK
ISTSLNPGNPVNNQIFLQEYVANLLKSAFPHLQDAQVKLFVTGLFSLNQDIPAFKEHLRDFLVQIKEFAGEDTSDLFLEE
REIALRQADEEKHKRQMSVPGIFNPHEIPEEMCD
;
A
2 'polypeptide(L)'
;GSHMASMAAQGEPQVQFKLVLVGDGGTGKTTFVKRHLTGEFEKKYVATLGVEVHPLVFHTNRGPIKFNVWDTAGLEKFGG
LRDGYYIQAQCAIIMFDVTSRVTYKNVPNWHRDLVRVCENIPIVLCGNKVDIKDRKVKAKSIVFHRKKNLQYYDISAKSN
YNFEKPFLWLARKLIGDPNLEFVAMPALAPPEVVMDPALAAQYEHDLEVAQTTALPDEDDDL
;
B,F
3 'polypeptide(L)'
;GSHMSGIALSRLAQERKAWRKDHPFGFVAVPTKNPDGTMNLMNWECAIPGKKGTPWEGGLFKLRMLFKDDYPSSPPKCKF
EPPLFHPNVYPSGTVCLSILEEDKDWRPAITIKQILLGIQELLNEPNIQDPAQAEAYTIYCQNRVEYEKRVRAQAKKFAP
S
;
C
4 'polypeptide(L)'
;GSHMMSDQEAKPSTEDLGDKKEGEYIKLKVIGQDSSEIHFKVKMTTHLKKLKESYCQRQGVPMNSLRFLFEGQRIADNHT
PKELGMEEEDVIEVYQEPTGG
;
D
5 'polypeptide(L)'
;GSHMDSLITPHVSRSSTPRESPCGKIAVAVLEETTRERTDVIQGDDVADATSEVEVSSTSETTPKAVVSPPKFVFGSESV
KSIFSSEKSKPFAFGNSSATGSLFGFSFNAPLKSNNSETSSVAQSGSESKVEPKKCELSKNSDIEQSSDSKVKNLFASFP
TEESSINYTFKTPEKAKEKKKPEDSPSDDDVLIVYELTPTAEQKALATKLKLPPTFFCYKNRPDYVSEEEEDDEDFETAV
KKLNGKLYLDGSEKCRPLEENTADNEKECIIVWEKKPTVEEKAKADTLKLPPTFFCGVCSDTDEDNGNGEDFQSELQKVQ
EAQKSQTEEITSTTDSVYTGGTEVMVPSFCKSEEPDSITKSISSPSVSSETMDKPVDLSTRKEIDTDSTSQGESKIVSFG
FGSSTGLSFADLASSNSGDFAFGSKDKNFQWANTGAAVFGTQSVGTQSAGKVGEDEDGSDEEVVHNEDIHFEPIVSLPEV
EVKSGEEDEEILFKERAKLYRWDRDVSQWKERGVGDIKILWHTMKNYYRILMRRDQVFKVCANHVITKTMELKPLNVSNN
ALVWTASDYADGEAKVEQLAVRFKTKEVADCFKKTFEECQQNLMKLQKGHVSLAAELSK
;
E
6 'polypeptide(L)'
;GSHMMASEDIAKLAETLAKTQVAGGQLSFKGKSLKLNTAEDAKDVIKEIEDFDSLEALRLEGNTVGVEAARVIAKALEKK
SELKRCHWSDMFTGRLRTEIPPALISLGEGLITAGAQLVELDLSDNAFGPDGVQGFEALLKSSACFTLQELKLNNCGMGI
GGGKILAAALTECHRKSSAQGKPLALKVFVAGRNRLENDGATALAEAFRVIGTLEEVHMPQNGINHPGITALAQAFAVNP
LLRVINLNDNTFTEKGAVAMAETLKTLRQVEVINFGDCLVRSKGAVAIADAIRGGLPKLKELNLSFCEIKRDAALAVAEA
MADKAELEKLDLNGNTLGEEGCEQLQEVLEGFNMAKVLASLSDDEDEEEEEEGEEEEEEAEEEEEEDEEEEEEEEEEEEE
EPQQRGQGEKSATPSRKILDPNTGEPAPVLSSPPPADVSTFLAFPSPEKLLRLGPKSSVLIAQQTDTSDPEKVVSAFLKV
SSVFKDEATVRMAVQDAVDALMQKAFNSSSFNSNTFLTRLLVHMGLLKSEDKVKAIANLYGPLMALNHMVQQDYFPKALA
PLLLAFVTKPNSALESCSFARHSLLQTLYKV
;
G
#
# COMPACT_ATOMS: atom_id res chain seq x y z
N ALA A 12 -30.36 16.51 54.17
CA ALA A 12 -30.16 15.27 54.90
C ALA A 12 -28.66 14.98 55.05
N ASP A 13 -27.86 16.04 55.15
CA ASP A 13 -26.42 15.86 55.26
C ASP A 13 -26.05 15.13 56.55
N HIS A 14 -26.68 15.49 57.67
CA HIS A 14 -26.42 14.80 58.92
C HIS A 14 -26.83 13.33 58.82
N ALA A 15 -28.00 13.07 58.24
CA ALA A 15 -28.45 11.69 58.07
C ALA A 15 -27.46 10.91 57.21
N ALA A 16 -26.99 11.52 56.11
CA ALA A 16 -26.04 10.84 55.25
C ALA A 16 -24.74 10.54 55.99
N ARG A 17 -24.22 11.52 56.72
CA ARG A 17 -22.93 11.35 57.40
C ARG A 17 -23.04 10.52 58.67
N GLN A 18 -24.25 10.19 59.13
CA GLN A 18 -24.38 9.31 60.28
C GLN A 18 -23.74 7.95 60.04
N LEU A 19 -23.54 7.56 58.78
CA LEU A 19 -22.97 6.24 58.48
C LEU A 19 -21.59 6.05 59.09
N LEU A 20 -20.88 7.13 59.40
CA LEU A 20 -19.50 7.05 59.88
C LEU A 20 -19.41 6.96 61.40
N ASP A 21 -20.53 6.87 62.10
CA ASP A 21 -20.50 6.90 63.56
C ASP A 21 -19.73 5.71 64.12
N PHE A 22 -19.95 4.51 63.58
CA PHE A 22 -19.32 3.30 64.07
C PHE A 22 -19.55 3.14 65.58
N SER A 23 -20.78 3.40 66.01
CA SER A 23 -21.20 3.24 67.39
C SER A 23 -22.38 2.32 67.54
N GLN A 24 -23.34 2.36 66.62
CA GLN A 24 -24.51 1.49 66.63
C GLN A 24 -24.48 0.61 65.38
N LYS A 25 -25.43 -0.33 65.32
CA LYS A 25 -25.48 -1.24 64.19
C LYS A 25 -25.73 -0.48 62.90
N LEU A 26 -25.11 -0.96 61.82
CA LEU A 26 -25.25 -0.29 60.53
C LEU A 26 -26.71 -0.22 60.11
N ASP A 27 -27.10 0.91 59.53
CA ASP A 27 -28.44 1.14 59.04
C ASP A 27 -28.45 0.87 57.55
N ILE A 28 -28.96 -0.30 57.15
CA ILE A 28 -28.91 -0.69 55.74
C ILE A 28 -29.76 0.25 54.89
N ASN A 29 -30.88 0.73 55.43
CA ASN A 29 -31.73 1.63 54.65
C ASN A 29 -31.00 2.90 54.28
N LEU A 30 -30.27 3.49 55.23
CA LEU A 30 -29.53 4.72 54.93
C LEU A 30 -28.45 4.47 53.90
N LEU A 31 -27.73 3.35 54.02
CA LEU A 31 -26.68 3.04 53.05
C LEU A 31 -27.26 2.85 51.66
N ASP A 32 -28.39 2.15 51.56
CA ASP A 32 -29.04 1.97 50.27
C ASP A 32 -29.48 3.31 49.69
N ASN A 33 -30.03 4.18 50.55
CA ASN A 33 -30.46 5.49 50.07
C ASN A 33 -29.29 6.30 49.51
N VAL A 34 -28.17 6.32 50.24
CA VAL A 34 -27.04 7.11 49.77
C VAL A 34 -26.45 6.51 48.50
N VAL A 35 -26.40 5.18 48.41
CA VAL A 35 -25.87 4.57 47.20
C VAL A 35 -26.77 4.87 46.00
N ASN A 36 -28.09 4.80 46.18
CA ASN A 36 -29.00 5.13 45.09
C ASN A 36 -28.86 6.60 44.70
N CYS A 37 -28.68 7.49 45.67
CA CYS A 37 -28.44 8.89 45.36
C CYS A 37 -27.17 9.05 44.54
N LEU A 38 -26.11 8.31 44.89
CA LEU A 38 -24.89 8.36 44.10
C LEU A 38 -25.15 7.93 42.66
N TYR A 39 -25.83 6.79 42.48
CA TYR A 39 -26.04 6.27 41.14
C TYR A 39 -27.25 6.87 40.44
N HIS A 40 -28.12 7.58 41.16
CA HIS A 40 -29.33 8.16 40.58
C HIS A 40 -29.55 9.57 41.12
N GLY A 41 -28.47 10.33 41.28
CA GLY A 41 -28.54 11.68 41.79
C GLY A 41 -28.42 12.70 40.69
N GLU A 42 -28.98 13.89 40.92
CA GLU A 42 -28.98 14.95 39.93
C GLU A 42 -27.85 15.95 40.17
N GLY A 43 -27.83 16.59 41.33
CA GLY A 43 -26.88 17.65 41.61
C GLY A 43 -26.05 17.43 42.85
N ALA A 44 -26.15 18.37 43.80
CA ALA A 44 -25.34 18.29 45.01
C ALA A 44 -25.62 17.03 45.81
N GLN A 45 -26.79 16.42 45.65
CA GLN A 45 -27.07 15.16 46.32
C GLN A 45 -26.08 14.09 45.90
N GLN A 46 -25.79 14.01 44.59
CA GLN A 46 -24.86 13.01 44.10
C GLN A 46 -23.47 13.21 44.68
N ARG A 47 -22.99 14.46 44.71
CA ARG A 47 -21.67 14.73 45.28
C ARG A 47 -21.63 14.43 46.76
N MET A 48 -22.69 14.77 47.49
CA MET A 48 -22.74 14.48 48.92
C MET A 48 -22.66 12.98 49.16
N ALA A 49 -23.45 12.21 48.41
CA ALA A 49 -23.43 10.76 48.56
C ALA A 49 -22.05 10.20 48.21
N GLN A 50 -21.44 10.71 47.15
CA GLN A 50 -20.11 10.25 46.75
C GLN A 50 -19.10 10.50 47.86
N GLU A 51 -19.12 11.70 48.44
CA GLU A 51 -18.17 12.03 49.50
C GLU A 51 -18.40 11.17 50.73
N VAL A 52 -19.67 10.96 51.11
CA VAL A 52 -19.97 10.13 52.27
C VAL A 52 -19.47 8.70 52.04
N LEU A 53 -19.74 8.14 50.87
CA LEU A 53 -19.33 6.78 50.58
C LEU A 53 -17.81 6.66 50.54
N THR A 54 -17.13 7.65 49.97
CA THR A 54 -15.67 7.61 49.93
C THR A 54 -15.08 7.66 51.34
N HIS A 55 -15.66 8.51 52.20
CA HIS A 55 -15.17 8.57 53.59
C HIS A 55 -15.43 7.25 54.31
N LEU A 56 -16.59 6.64 54.10
CA LEU A 56 -16.90 5.37 54.75
C LEU A 56 -15.97 4.26 54.28
N LYS A 57 -15.64 4.26 52.98
CA LYS A 57 -14.79 3.20 52.44
C LYS A 57 -13.40 3.22 53.06
N GLU A 58 -12.84 4.42 53.27
CA GLU A 58 -11.46 4.56 53.74
C GLU A 58 -11.38 4.63 55.26
N HIS A 59 -12.34 4.07 55.98
CA HIS A 59 -12.30 4.03 57.44
C HIS A 59 -11.76 2.70 57.91
N PRO A 60 -10.64 2.65 58.62
CA PRO A 60 -10.13 1.34 59.08
C PRO A 60 -11.12 0.66 60.00
N ASP A 61 -11.19 -0.66 59.91
CA ASP A 61 -12.07 -1.51 60.70
C ASP A 61 -13.51 -1.45 60.21
N ALA A 62 -13.77 -0.79 59.07
CA ALA A 62 -15.11 -0.76 58.51
C ALA A 62 -15.49 -2.06 57.82
N TRP A 63 -14.51 -2.90 57.51
CA TRP A 63 -14.79 -4.18 56.86
C TRP A 63 -15.63 -5.10 57.73
N THR A 64 -15.64 -4.88 59.04
CA THR A 64 -16.43 -5.73 59.92
C THR A 64 -17.92 -5.64 59.63
N ARG A 65 -18.38 -4.55 59.01
CA ARG A 65 -19.78 -4.38 58.68
C ARG A 65 -20.16 -5.08 57.37
N VAL A 66 -19.19 -5.48 56.56
CA VAL A 66 -19.51 -6.07 55.26
C VAL A 66 -20.38 -7.31 55.42
N ASP A 67 -20.09 -8.12 56.44
CA ASP A 67 -20.86 -9.35 56.65
C ASP A 67 -22.34 -9.06 56.85
N THR A 68 -22.70 -7.85 57.26
CA THR A 68 -24.10 -7.45 57.33
C THR A 68 -24.61 -6.94 55.99
N ILE A 69 -23.80 -6.13 55.30
CA ILE A 69 -24.24 -5.55 54.02
C ILE A 69 -24.60 -6.66 53.04
N LEU A 70 -23.83 -7.74 53.03
CA LEU A 70 -24.08 -8.83 52.10
C LEU A 70 -25.18 -9.77 52.58
N GLU A 71 -25.71 -9.58 53.79
CA GLU A 71 -26.75 -10.44 54.33
C GLU A 71 -28.14 -9.82 54.32
N PHE A 72 -28.24 -8.50 54.43
CA PHE A 72 -29.52 -7.82 54.54
C PHE A 72 -29.85 -6.94 53.34
N SER A 73 -28.91 -6.13 52.88
CA SER A 73 -29.18 -5.23 51.77
C SER A 73 -29.61 -6.01 50.53
N GLN A 74 -30.66 -5.52 49.87
CA GLN A 74 -31.16 -6.12 48.64
C GLN A 74 -30.65 -5.43 47.39
N ASN A 75 -30.42 -4.11 47.46
CA ASN A 75 -29.87 -3.40 46.32
C ASN A 75 -28.51 -3.96 45.97
N MET A 76 -28.30 -4.23 44.67
CA MET A 76 -27.06 -4.87 44.23
C MET A 76 -25.89 -3.89 44.19
N ASN A 77 -26.15 -2.59 44.20
CA ASN A 77 -25.09 -1.60 44.16
C ASN A 77 -24.50 -1.31 45.54
N THR A 78 -25.16 -1.74 46.62
CA THR A 78 -24.57 -1.65 47.95
C THR A 78 -23.75 -2.87 48.30
N LYS A 79 -24.15 -4.05 47.81
CA LYS A 79 -23.33 -5.23 48.00
C LYS A 79 -22.00 -5.09 47.26
N TYR A 80 -22.03 -4.45 46.08
CA TYR A 80 -20.78 -4.15 45.39
C TYR A 80 -19.91 -3.23 46.22
N TYR A 81 -20.51 -2.27 46.92
CA TYR A 81 -19.74 -1.38 47.79
C TYR A 81 -19.12 -2.14 48.96
N GLY A 82 -19.89 -3.01 49.60
CA GLY A 82 -19.32 -3.84 50.65
C GLY A 82 -18.18 -4.71 50.15
N LEU A 83 -18.34 -5.25 48.94
CA LEU A 83 -17.26 -6.03 48.35
C LEU A 83 -16.03 -5.18 48.07
N GLN A 84 -16.24 -3.92 47.68
CA GLN A 84 -15.10 -3.02 47.49
C GLN A 84 -14.34 -2.82 48.80
N ILE A 85 -15.08 -2.60 49.90
CA ILE A 85 -14.43 -2.44 51.20
C ILE A 85 -13.65 -3.70 51.55
N LEU A 86 -14.28 -4.86 51.38
CA LEU A 86 -13.63 -6.12 51.73
C LEU A 86 -12.39 -6.35 50.88
N GLU A 87 -12.46 -6.03 49.58
CA GLU A 87 -11.31 -6.21 48.71
C GLU A 87 -10.18 -5.30 49.11
N ASN A 88 -10.48 -4.06 49.48
CA ASN A 88 -9.44 -3.16 49.93
C ASN A 88 -8.74 -3.73 51.17
N VAL A 89 -9.52 -4.23 52.13
CA VAL A 89 -8.91 -4.81 53.32
C VAL A 89 -8.05 -6.01 52.97
N ILE A 90 -8.54 -6.87 52.08
CA ILE A 90 -7.78 -8.07 51.72
C ILE A 90 -6.47 -7.67 51.04
N LYS A 91 -6.51 -6.68 50.16
CA LYS A 91 -5.29 -6.27 49.47
C LYS A 91 -4.29 -5.64 50.42
N THR A 92 -4.75 -4.83 51.37
CA THR A 92 -3.81 -4.06 52.16
C THR A 92 -3.36 -4.77 53.45
N ARG A 93 -4.31 -5.23 54.27
CA ARG A 93 -4.01 -5.63 55.63
C ARG A 93 -4.24 -7.12 55.87
N TRP A 94 -4.09 -7.96 54.85
CA TRP A 94 -4.31 -9.39 55.01
C TRP A 94 -3.30 -10.00 55.98
N LYS A 95 -2.04 -9.59 55.88
CA LYS A 95 -0.97 -10.23 56.64
C LYS A 95 -1.00 -9.87 58.12
N ILE A 96 -1.79 -8.87 58.53
CA ILE A 96 -1.85 -8.49 59.94
C ILE A 96 -3.13 -8.96 60.62
N LEU A 97 -4.12 -9.44 59.85
CA LEU A 97 -5.31 -10.00 60.47
C LEU A 97 -4.97 -11.32 61.15
N PRO A 98 -5.65 -11.65 62.24
CA PRO A 98 -5.42 -12.96 62.87
C PRO A 98 -5.87 -14.09 61.97
N ARG A 99 -5.25 -15.25 62.17
CA ARG A 99 -5.54 -16.40 61.32
C ARG A 99 -7.02 -16.74 61.31
N ASN A 100 -7.68 -16.62 62.47
CA ASN A 100 -9.09 -16.98 62.53
C ASN A 100 -9.93 -16.08 61.62
N GLN A 101 -9.66 -14.78 61.61
CA GLN A 101 -10.41 -13.88 60.75
C GLN A 101 -10.12 -14.15 59.28
N CYS A 102 -8.86 -14.44 58.94
CA CYS A 102 -8.53 -14.75 57.55
C CYS A 102 -9.27 -16.00 57.10
N GLU A 103 -9.28 -17.04 57.93
CA GLU A 103 -10.02 -18.26 57.59
C GLU A 103 -11.50 -17.98 57.45
N GLY A 104 -12.06 -17.17 58.35
CA GLY A 104 -13.47 -16.83 58.25
C GLY A 104 -13.81 -16.12 56.96
N ILE A 105 -13.00 -15.13 56.58
CA ILE A 105 -13.24 -14.40 55.34
C ILE A 105 -13.14 -15.34 54.14
N LYS A 106 -12.11 -16.19 54.13
CA LYS A 106 -11.93 -17.11 53.02
C LYS A 106 -13.13 -18.04 52.89
N LYS A 107 -13.55 -18.63 54.00
CA LYS A 107 -14.68 -19.56 53.96
C LYS A 107 -15.96 -18.86 53.55
N TYR A 108 -16.19 -17.65 54.06
CA TYR A 108 -17.39 -16.91 53.70
C TYR A 108 -17.42 -16.61 52.20
N VAL A 109 -16.29 -16.14 51.65
CA VAL A 109 -16.25 -15.81 50.23
C VAL A 109 -16.47 -17.05 49.38
N VAL A 110 -15.80 -18.16 49.74
CA VAL A 110 -15.96 -19.37 48.94
C VAL A 110 -17.39 -19.88 49.01
N GLY A 111 -18.01 -19.83 50.20
CA GLY A 111 -19.39 -20.25 50.32
C GLY A 111 -20.33 -19.40 49.49
N LEU A 112 -20.11 -18.08 49.50
CA LEU A 112 -20.93 -17.19 48.67
C LEU A 112 -20.76 -17.53 47.19
N ILE A 113 -19.52 -17.76 46.76
CA ILE A 113 -19.29 -18.07 45.35
C ILE A 113 -19.99 -19.36 44.96
N ILE A 114 -19.90 -20.39 45.80
CA ILE A 114 -20.54 -21.66 45.48
C ILE A 114 -22.05 -21.51 45.50
N LYS A 115 -22.59 -20.71 46.42
CA LYS A 115 -24.03 -20.56 46.53
C LYS A 115 -24.61 -19.80 45.34
N THR A 116 -24.01 -18.67 44.98
CA THR A 116 -24.58 -17.83 43.93
C THR A 116 -24.23 -18.31 42.53
N SER A 117 -23.25 -19.20 42.40
CA SER A 117 -22.87 -19.73 41.09
C SER A 117 -23.57 -21.02 40.73
N SER A 118 -24.32 -21.61 41.67
CA SER A 118 -25.03 -22.86 41.41
C SER A 118 -26.48 -22.66 40.99
N ASP A 119 -26.98 -21.41 41.02
CA ASP A 119 -28.34 -21.12 40.60
C ASP A 119 -28.31 -20.30 39.32
N PRO A 120 -28.81 -20.81 38.19
CA PRO A 120 -28.73 -20.03 36.94
C PRO A 120 -29.41 -18.67 37.03
N THR A 121 -30.48 -18.55 37.80
CA THR A 121 -31.21 -17.28 37.85
C THR A 121 -30.32 -16.15 38.37
N CYS A 122 -29.66 -16.37 39.51
CA CYS A 122 -28.84 -15.31 40.09
C CYS A 122 -27.66 -14.96 39.21
N VAL A 123 -26.98 -15.96 38.64
CA VAL A 123 -25.82 -15.69 37.80
C VAL A 123 -26.25 -14.90 36.57
N GLU A 124 -27.38 -15.27 35.96
CA GLU A 124 -27.86 -14.52 34.81
C GLU A 124 -28.24 -13.10 35.19
N LYS A 125 -28.91 -12.92 36.34
CA LYS A 125 -29.42 -11.61 36.70
C LYS A 125 -28.30 -10.65 37.07
N GLU A 126 -27.37 -11.09 37.92
CA GLU A 126 -26.40 -10.17 38.50
C GLU A 126 -25.23 -9.93 37.54
N LYS A 127 -24.41 -10.95 37.32
CA LYS A 127 -23.35 -10.89 36.31
C LYS A 127 -22.24 -9.91 36.71
N VAL A 128 -22.41 -9.20 37.82
CA VAL A 128 -21.44 -8.22 38.30
C VAL A 128 -21.05 -8.50 39.75
N TYR A 129 -22.03 -8.78 40.60
CA TYR A 129 -21.75 -9.23 41.96
C TYR A 129 -20.91 -10.52 41.93
N ILE A 130 -21.23 -11.43 41.02
CA ILE A 130 -20.47 -12.67 40.90
C ILE A 130 -19.06 -12.37 40.45
N GLY A 131 -18.89 -11.44 39.51
CA GLY A 131 -17.55 -11.09 39.07
C GLY A 131 -16.72 -10.46 40.18
N LYS A 132 -17.36 -9.63 41.00
CA LYS A 132 -16.65 -9.05 42.15
C LYS A 132 -16.25 -10.12 43.15
N LEU A 133 -17.14 -11.09 43.40
CA LEU A 133 -16.77 -12.19 44.27
C LEU A 133 -15.59 -12.98 43.71
N ASN A 134 -15.59 -13.23 42.41
CA ASN A 134 -14.47 -13.92 41.78
C ASN A 134 -13.18 -13.13 41.95
N MET A 135 -13.23 -11.81 41.78
CA MET A 135 -12.03 -11.01 41.95
C MET A 135 -11.55 -11.03 43.39
N ILE A 136 -12.47 -11.01 44.35
CA ILE A 136 -12.06 -11.10 45.75
C ILE A 136 -11.37 -12.43 46.02
N LEU A 137 -11.91 -13.52 45.46
CA LEU A 137 -11.25 -14.82 45.63
C LEU A 137 -9.87 -14.81 45.00
N VAL A 138 -9.71 -14.16 43.85
CA VAL A 138 -8.41 -14.10 43.21
C VAL A 138 -7.43 -13.31 44.07
N GLN A 139 -7.90 -12.24 44.71
CA GLN A 139 -7.04 -11.49 45.61
C GLN A 139 -6.62 -12.34 46.81
N ILE A 140 -7.56 -13.09 47.37
CA ILE A 140 -7.22 -13.99 48.48
C ILE A 140 -6.20 -15.02 48.03
N LEU A 141 -6.32 -15.50 46.79
CA LEU A 141 -5.35 -16.45 46.26
C LEU A 141 -3.96 -15.82 46.17
N LYS A 142 -3.87 -14.64 45.55
CA LYS A 142 -2.58 -13.97 45.45
C LYS A 142 -1.97 -13.77 46.83
N GLN A 143 -2.80 -13.48 47.84
CA GLN A 143 -2.27 -13.30 49.19
C GLN A 143 -1.85 -14.62 49.83
N GLU A 144 -2.54 -15.71 49.51
CA GLU A 144 -2.49 -16.90 50.36
C GLU A 144 -2.47 -18.23 49.61
N TRP A 145 -2.37 -18.23 48.28
CA TRP A 145 -2.71 -19.44 47.54
C TRP A 145 -1.73 -20.57 47.81
N PRO A 146 -0.48 -20.50 47.40
CA PRO A 146 0.36 -21.71 47.43
C PRO A 146 0.85 -22.05 48.83
N LYS A 147 1.12 -21.02 49.64
CA LYS A 147 1.73 -21.24 50.95
C LYS A 147 0.74 -21.90 51.92
N HIS A 148 -0.47 -21.37 51.99
CA HIS A 148 -1.46 -21.82 52.97
C HIS A 148 -2.67 -22.49 52.35
N TRP A 149 -2.72 -22.61 51.02
CA TRP A 149 -3.85 -23.23 50.32
C TRP A 149 -3.29 -24.20 49.28
N PRO A 150 -2.65 -25.28 49.73
CA PRO A 150 -1.97 -26.17 48.76
C PRO A 150 -2.89 -26.78 47.73
N THR A 151 -4.13 -27.10 48.09
CA THR A 151 -5.02 -27.91 47.25
C THR A 151 -6.14 -27.08 46.63
N PHE A 152 -5.85 -25.82 46.27
CA PHE A 152 -6.88 -25.01 45.62
C PHE A 152 -7.19 -25.52 44.23
N ILE A 153 -6.15 -25.76 43.42
CA ILE A 153 -6.37 -26.17 42.04
C ILE A 153 -7.03 -27.54 41.98
N SER A 154 -6.59 -28.47 42.82
CA SER A 154 -7.20 -29.79 42.83
C SER A 154 -8.67 -29.71 43.24
N ASP A 155 -8.98 -28.86 44.21
CA ASP A 155 -10.36 -28.75 44.68
C ASP A 155 -11.25 -28.04 43.67
N ILE A 156 -10.77 -26.92 43.11
CA ILE A 156 -11.60 -26.16 42.17
C ILE A 156 -11.84 -26.97 40.90
N VAL A 157 -10.82 -27.66 40.40
CA VAL A 157 -11.01 -28.55 39.26
C VAL A 157 -11.90 -29.73 39.65
N GLY A 158 -11.68 -30.28 40.85
CA GLY A 158 -12.53 -31.37 41.30
C GLY A 158 -13.96 -30.91 41.52
N ALA A 159 -14.15 -29.68 41.98
CA ALA A 159 -15.49 -29.15 42.16
C ALA A 159 -16.13 -28.76 40.84
N SER A 160 -15.34 -28.57 39.79
CA SER A 160 -15.88 -28.22 38.47
C SER A 160 -16.63 -29.37 37.83
N ARG A 161 -16.52 -30.58 38.37
CA ARG A 161 -17.22 -31.74 37.84
C ARG A 161 -18.59 -31.96 38.47
N THR A 162 -19.03 -31.04 39.33
CA THR A 162 -20.30 -31.20 40.02
C THR A 162 -21.47 -30.55 39.28
N SER A 163 -21.21 -29.49 38.53
CA SER A 163 -22.27 -28.81 37.80
C SER A 163 -21.65 -28.00 36.67
N GLU A 164 -22.47 -27.69 35.67
CA GLU A 164 -22.00 -26.89 34.55
C GLU A 164 -21.91 -25.41 34.91
N SER A 165 -22.84 -24.92 35.72
CA SER A 165 -22.74 -23.54 36.19
C SER A 165 -21.51 -23.35 37.07
N LEU A 166 -21.26 -24.29 37.97
CA LEU A 166 -20.04 -24.24 38.77
C LEU A 166 -18.80 -24.29 37.88
N CYS A 167 -18.83 -25.13 36.85
CA CYS A 167 -17.69 -25.22 35.95
C CYS A 167 -17.46 -23.91 35.22
N GLN A 168 -18.54 -23.25 34.79
CA GLN A 168 -18.40 -21.96 34.11
C GLN A 168 -17.80 -20.91 35.03
N ASN A 169 -18.31 -20.84 36.27
CA ASN A 169 -17.76 -19.87 37.21
C ASN A 169 -16.31 -20.17 37.53
N ASN A 170 -15.97 -21.46 37.65
CA ASN A 170 -14.58 -21.84 37.93
C ASN A 170 -13.67 -21.48 36.76
N MET A 171 -14.16 -21.63 35.53
CA MET A 171 -13.38 -21.17 34.38
C MET A 171 -13.15 -19.67 34.45
N VAL A 172 -14.17 -18.90 34.82
CA VAL A 172 -13.99 -17.46 34.96
C VAL A 172 -12.94 -17.16 36.02
N ILE A 173 -12.99 -17.87 37.15
CA ILE A 173 -12.02 -17.66 38.22
C ILE A 173 -10.62 -17.98 37.72
N LEU A 174 -10.45 -19.08 36.98
CA LEU A 174 -9.13 -19.46 36.50
C LEU A 174 -8.58 -18.44 35.52
N LYS A 175 -9.41 -17.91 34.63
CA LYS A 175 -8.91 -16.90 33.70
C LYS A 175 -8.55 -15.61 34.43
N LEU A 176 -9.34 -15.24 35.45
CA LEU A 176 -8.99 -14.06 36.23
C LEU A 176 -7.65 -14.26 36.93
N LEU A 177 -7.42 -15.45 37.50
CA LEU A 177 -6.14 -15.72 38.15
C LEU A 177 -4.99 -15.66 37.14
N SER A 178 -5.19 -16.23 35.96
CA SER A 178 -4.15 -16.19 34.94
C SER A 178 -3.84 -14.74 34.54
N GLU A 179 -4.86 -13.92 34.38
CA GLU A 179 -4.65 -12.51 34.05
C GLU A 179 -3.87 -11.81 35.15
N GLU A 180 -4.27 -12.01 36.41
CA GLU A 180 -3.67 -11.27 37.50
C GLU A 180 -2.27 -11.77 37.85
N VAL A 181 -1.90 -12.97 37.42
CA VAL A 181 -0.57 -13.52 37.69
C VAL A 181 0.40 -13.27 36.54
N PHE A 182 -0.08 -13.37 35.30
CA PHE A 182 0.80 -13.32 34.13
C PHE A 182 0.68 -12.05 33.30
N ASP A 183 -0.48 -11.41 33.27
CA ASP A 183 -0.72 -10.29 32.38
C ASP A 183 -0.62 -8.94 33.10
N PHE A 184 -1.24 -8.81 34.27
CA PHE A 184 -1.30 -7.56 35.01
C PHE A 184 -0.56 -7.68 36.33
N SER A 185 0.61 -8.31 36.32
CA SER A 185 1.39 -8.51 37.53
C SER A 185 2.41 -7.40 37.75
N SER A 186 3.00 -6.89 36.67
CA SER A 186 4.02 -5.85 36.80
C SER A 186 3.42 -4.60 37.43
N GLY A 187 4.10 -4.08 38.46
CA GLY A 187 3.63 -2.92 39.17
C GLY A 187 2.66 -3.22 40.30
N GLN A 188 2.13 -4.44 40.38
CA GLN A 188 1.23 -4.83 41.44
C GLN A 188 1.77 -5.93 42.33
N ILE A 189 2.78 -6.68 41.89
CA ILE A 189 3.38 -7.75 42.67
C ILE A 189 4.89 -7.63 42.55
N THR A 190 5.59 -7.87 43.65
CA THR A 190 7.04 -7.85 43.62
C THR A 190 7.56 -8.93 42.68
N GLN A 191 8.79 -8.73 42.20
CA GLN A 191 9.35 -9.65 41.21
C GLN A 191 9.46 -11.07 41.77
N VAL A 192 9.96 -11.20 43.00
CA VAL A 192 10.11 -12.53 43.60
C VAL A 192 8.76 -13.20 43.76
N LYS A 193 7.78 -12.45 44.29
CA LYS A 193 6.46 -13.04 44.49
C LYS A 193 5.79 -13.36 43.16
N SER A 194 5.95 -12.50 42.17
CA SER A 194 5.36 -12.77 40.86
C SER A 194 5.98 -14.03 40.24
N LYS A 195 7.30 -14.19 40.35
CA LYS A 195 7.93 -15.39 39.83
C LYS A 195 7.48 -16.62 40.59
N HIS A 196 7.34 -16.52 41.91
CA HIS A 196 6.85 -17.65 42.69
C HIS A 196 5.47 -18.07 42.25
N LEU A 197 4.58 -17.09 42.07
CA LEU A 197 3.23 -17.39 41.59
C LEU A 197 3.25 -18.01 40.20
N LYS A 198 4.06 -17.46 39.30
CA LYS A 198 4.12 -18.00 37.95
C LYS A 198 4.60 -19.44 37.95
N ASP A 199 5.65 -19.75 38.71
CA ASP A 199 6.12 -21.12 38.78
C ASP A 199 5.06 -22.03 39.38
N SER A 200 4.40 -21.57 40.45
CA SER A 200 3.39 -22.41 41.10
C SER A 200 2.23 -22.70 40.16
N MET A 201 1.82 -21.72 39.36
CA MET A 201 0.71 -21.92 38.44
C MET A 201 1.12 -22.76 37.24
N CYS A 202 2.33 -22.59 36.74
CA CYS A 202 2.80 -23.40 35.63
C CYS A 202 2.98 -24.86 36.03
N ASN A 203 3.33 -25.11 37.30
CA ASN A 203 3.50 -26.49 37.75
C ASN A 203 2.17 -27.23 37.82
N GLU A 204 1.09 -26.54 38.17
CA GLU A 204 -0.22 -27.16 38.37
C GLU A 204 -1.15 -26.96 37.18
N PHE A 205 -0.63 -26.49 36.04
CA PHE A 205 -1.49 -26.23 34.89
C PHE A 205 -1.88 -27.50 34.14
N SER A 206 -1.15 -28.60 34.31
CA SER A 206 -1.51 -29.82 33.61
C SER A 206 -2.85 -30.38 34.03
N GLN A 207 -3.41 -29.89 35.14
CA GLN A 207 -4.69 -30.36 35.64
C GLN A 207 -5.85 -29.45 35.28
N ILE A 208 -5.59 -28.15 35.10
CA ILE A 208 -6.64 -27.21 34.69
C ILE A 208 -6.69 -27.14 33.18
N PHE A 209 -5.95 -28.03 32.52
CA PHE A 209 -6.02 -28.19 31.07
C PHE A 209 -6.75 -29.44 30.64
N GLN A 210 -6.76 -30.49 31.47
CA GLN A 210 -7.64 -31.62 31.23
C GLN A 210 -9.09 -31.22 31.34
N LEU A 211 -9.40 -30.31 32.28
CA LEU A 211 -10.77 -29.83 32.42
C LEU A 211 -11.23 -29.12 31.16
N CYS A 212 -10.38 -28.25 30.60
CA CYS A 212 -10.75 -27.54 29.38
C CYS A 212 -10.95 -28.52 28.22
N GLN A 213 -10.06 -29.49 28.08
CA GLN A 213 -10.21 -30.48 27.02
C GLN A 213 -11.51 -31.26 27.17
N PHE A 214 -11.83 -31.67 28.40
CA PHE A 214 -13.05 -32.43 28.62
C PHE A 214 -14.29 -31.59 28.33
N VAL A 215 -14.29 -30.33 28.76
CA VAL A 215 -15.44 -29.47 28.51
C VAL A 215 -15.62 -29.22 27.03
N MET A 216 -14.52 -28.93 26.32
CA MET A 216 -14.59 -28.65 24.89
C MET A 216 -14.94 -29.87 24.05
N GLU A 217 -14.92 -31.07 24.64
CA GLU A 217 -15.16 -32.29 23.89
C GLU A 217 -16.34 -33.10 24.39
N ASN A 218 -16.95 -32.74 25.52
CA ASN A 218 -18.10 -33.48 26.04
C ASN A 218 -19.27 -32.56 26.36
N SER A 219 -18.98 -31.30 26.71
CA SER A 219 -20.04 -30.39 27.09
C SER A 219 -20.91 -30.04 25.90
N GLN A 220 -22.22 -29.93 26.15
CA GLN A 220 -23.20 -29.49 25.16
C GLN A 220 -23.85 -28.18 25.57
N ASN A 221 -23.27 -27.47 26.53
CA ASN A 221 -23.81 -26.23 27.05
C ASN A 221 -23.07 -25.06 26.42
N ALA A 222 -23.79 -24.25 25.66
CA ALA A 222 -23.14 -23.18 24.90
C ALA A 222 -22.39 -22.19 25.79
N PRO A 223 -22.99 -21.62 26.85
CA PRO A 223 -22.24 -20.68 27.68
C PRO A 223 -21.02 -21.31 28.34
N LEU A 224 -21.10 -22.57 28.75
CA LEU A 224 -19.97 -23.22 29.38
C LEU A 224 -18.80 -23.36 28.40
N VAL A 225 -19.08 -23.84 27.19
CA VAL A 225 -18.03 -24.02 26.20
C VAL A 225 -17.46 -22.67 25.79
N HIS A 226 -18.32 -21.65 25.68
CA HIS A 226 -17.82 -20.33 25.33
C HIS A 226 -16.91 -19.78 26.41
N ALA A 227 -17.27 -19.99 27.68
CA ALA A 227 -16.39 -19.57 28.78
C ALA A 227 -15.07 -20.33 28.74
N THR A 228 -15.11 -21.63 28.46
CA THR A 228 -13.88 -22.40 28.37
C THR A 228 -12.97 -21.87 27.26
N LEU A 229 -13.54 -21.56 26.10
CA LEU A 229 -12.74 -20.97 25.02
C LEU A 229 -12.21 -19.61 25.40
N GLU A 230 -13.02 -18.80 26.09
CA GLU A 230 -12.58 -17.47 26.50
C GLU A 230 -11.39 -17.56 27.45
N THR A 231 -11.39 -18.57 28.34
CA THR A 231 -10.25 -18.74 29.24
C THR A 231 -9.06 -19.35 28.54
N LEU A 232 -9.28 -20.25 27.58
CA LEU A 232 -8.17 -20.78 26.79
C LEU A 232 -7.46 -19.66 26.05
N LEU A 233 -8.22 -18.68 25.56
CA LEU A 233 -7.62 -17.54 24.89
C LEU A 233 -6.62 -16.83 25.79
N ARG A 234 -6.91 -16.75 27.09
CA ARG A 234 -5.99 -16.13 28.03
C ARG A 234 -4.83 -17.06 28.38
N PHE A 235 -5.10 -18.36 28.49
CA PHE A 235 -4.03 -19.31 28.80
C PHE A 235 -3.00 -19.38 27.69
N LEU A 236 -3.41 -19.13 26.45
CA LEU A 236 -2.49 -19.25 25.32
C LEU A 236 -1.37 -18.23 25.38
N ASN A 237 -1.47 -17.20 26.23
CA ASN A 237 -0.43 -16.18 26.29
C ASN A 237 0.86 -16.71 26.92
N TRP A 238 0.76 -17.69 27.81
CA TRP A 238 1.90 -18.08 28.63
C TRP A 238 2.15 -19.58 28.75
N ILE A 239 1.20 -20.43 28.36
CA ILE A 239 1.34 -21.86 28.62
C ILE A 239 2.50 -22.41 27.79
N PRO A 240 3.16 -23.49 28.23
CA PRO A 240 4.24 -24.06 27.41
C PRO A 240 3.70 -24.51 26.06
N LEU A 241 4.54 -24.35 25.03
CA LEU A 241 4.12 -24.68 23.67
C LEU A 241 3.77 -26.16 23.54
N GLY A 242 4.26 -27.01 24.44
CA GLY A 242 3.91 -28.42 24.36
C GLY A 242 2.42 -28.66 24.45
N TYR A 243 1.73 -27.86 25.25
CA TYR A 243 0.28 -27.99 25.37
C TYR A 243 -0.46 -27.49 24.14
N ILE A 244 0.22 -26.84 23.21
CA ILE A 244 -0.43 -26.28 22.03
C ILE A 244 -0.21 -27.15 20.81
N PHE A 245 1.05 -27.47 20.50
CA PHE A 245 1.41 -28.13 19.25
C PHE A 245 1.60 -29.63 19.38
N GLU A 246 1.66 -30.16 20.59
CA GLU A 246 1.82 -31.60 20.80
C GLU A 246 0.52 -32.26 21.26
N THR A 247 -0.62 -31.64 21.00
CA THR A 247 -1.92 -32.19 21.33
C THR A 247 -2.87 -31.89 20.19
N LYS A 248 -4.16 -32.12 20.41
CA LYS A 248 -5.18 -31.89 19.39
C LYS A 248 -5.98 -30.61 19.65
N LEU A 249 -5.32 -29.57 20.14
CA LEU A 249 -6.00 -28.31 20.39
C LEU A 249 -6.32 -27.60 19.08
N ILE A 250 -5.36 -27.53 18.17
CA ILE A 250 -5.56 -26.80 16.92
C ILE A 250 -6.67 -27.45 16.10
N SER A 251 -6.63 -28.78 15.98
CA SER A 251 -7.66 -29.48 15.22
C SER A 251 -9.04 -29.28 15.85
N THR A 252 -9.11 -29.33 17.18
CA THR A 252 -10.39 -29.12 17.85
C THR A 252 -10.92 -27.72 17.60
N LEU A 253 -10.05 -26.71 17.67
CA LEU A 253 -10.48 -25.35 17.42
C LEU A 253 -10.95 -25.17 15.98
N ILE A 254 -10.26 -25.80 15.03
CA ILE A 254 -10.56 -25.57 13.62
C ILE A 254 -11.90 -26.20 13.25
N TYR A 255 -12.16 -27.42 13.71
CA TYR A 255 -13.29 -28.19 13.20
C TYR A 255 -14.52 -28.14 14.09
N LYS A 256 -14.36 -28.11 15.40
CA LYS A 256 -15.51 -28.17 16.28
C LYS A 256 -16.12 -26.81 16.57
N PHE A 257 -15.32 -25.74 16.57
CA PHE A 257 -15.80 -24.43 16.99
C PHE A 257 -15.65 -23.34 15.95
N LEU A 258 -14.70 -23.45 15.03
CA LEU A 258 -14.54 -22.39 14.04
C LEU A 258 -15.77 -22.27 13.15
N ASN A 259 -16.38 -23.40 12.77
CA ASN A 259 -17.53 -23.37 11.89
C ASN A 259 -18.82 -22.97 12.59
N VAL A 260 -18.90 -23.13 13.91
CA VAL A 260 -20.12 -22.77 14.62
C VAL A 260 -20.23 -21.26 14.71
N PRO A 261 -21.36 -20.65 14.29
CA PRO A 261 -21.44 -19.19 14.28
C PRO A 261 -21.20 -18.54 15.64
N MET A 262 -21.61 -19.17 16.73
CA MET A 262 -21.46 -18.55 18.05
C MET A 262 -20.08 -18.77 18.64
N PHE A 263 -19.19 -19.51 17.96
CA PHE A 263 -17.82 -19.72 18.42
C PHE A 263 -16.79 -19.25 17.41
N ARG A 264 -17.21 -18.55 16.35
CA ARG A 264 -16.26 -18.14 15.31
C ARG A 264 -15.21 -17.19 15.87
N ASN A 265 -15.66 -16.13 16.56
CA ASN A 265 -14.74 -15.05 16.92
C ASN A 265 -13.69 -15.51 17.92
N VAL A 266 -14.11 -16.19 18.98
CA VAL A 266 -13.16 -16.60 20.00
C VAL A 266 -12.22 -17.67 19.47
N SER A 267 -12.74 -18.58 18.63
CA SER A 267 -11.87 -19.59 18.04
C SER A 267 -10.84 -18.96 17.11
N LEU A 268 -11.25 -17.97 16.33
CA LEU A 268 -10.29 -17.29 15.46
C LEU A 268 -9.28 -16.48 16.26
N LYS A 269 -9.69 -15.92 17.40
CA LYS A 269 -8.74 -15.25 18.27
C LYS A 269 -7.72 -16.23 18.83
N CYS A 270 -8.18 -17.42 19.25
CA CYS A 270 -7.24 -18.44 19.71
C CYS A 270 -6.27 -18.85 18.61
N LEU A 271 -6.79 -19.02 17.40
CA LEU A 271 -5.92 -19.38 16.28
C LEU A 271 -4.93 -18.27 15.94
N THR A 272 -5.35 -17.01 16.08
CA THR A 272 -4.43 -15.90 15.87
C THR A 272 -3.34 -15.88 16.93
N GLU A 273 -3.70 -16.16 18.19
CA GLU A 273 -2.68 -16.24 19.23
C GLU A 273 -1.69 -17.37 18.92
N ILE A 274 -2.18 -18.52 18.48
CA ILE A 274 -1.29 -19.62 18.13
C ILE A 274 -0.40 -19.25 16.96
N ALA A 275 -0.97 -18.60 15.94
CA ALA A 275 -0.24 -18.28 14.74
C ALA A 275 0.87 -17.25 14.97
N GLY A 276 0.77 -16.47 16.03
CA GLY A 276 1.79 -15.48 16.33
C GLY A 276 3.04 -16.03 16.99
N VAL A 277 3.06 -17.32 17.29
CA VAL A 277 4.22 -17.94 17.92
C VAL A 277 5.27 -18.18 16.84
N SER A 278 6.46 -17.64 17.03
CA SER A 278 7.57 -17.79 16.10
C SER A 278 8.57 -18.76 16.73
N VAL A 279 8.55 -20.01 16.27
CA VAL A 279 9.43 -21.04 16.79
C VAL A 279 9.74 -22.01 15.67
N SER A 280 10.95 -22.59 15.71
CA SER A 280 11.40 -23.48 14.66
C SER A 280 11.08 -24.94 14.94
N GLN A 281 10.99 -25.33 16.22
CA GLN A 281 10.77 -26.75 16.54
C GLN A 281 9.47 -27.26 15.95
N TYR A 282 8.47 -26.39 15.80
CA TYR A 282 7.17 -26.74 15.22
C TYR A 282 6.99 -25.95 13.94
N GLU A 283 7.07 -26.63 12.80
CA GLU A 283 6.79 -26.01 11.51
C GLU A 283 5.77 -26.77 10.68
N GLU A 284 5.59 -28.07 10.91
CA GLU A 284 4.50 -28.79 10.25
C GLU A 284 3.16 -28.47 10.88
N GLN A 285 3.15 -28.15 12.17
CA GLN A 285 1.89 -27.76 12.83
C GLN A 285 1.41 -26.41 12.32
N PHE A 286 2.33 -25.49 12.04
CA PHE A 286 1.92 -24.23 11.42
C PHE A 286 1.44 -24.44 10.00
N VAL A 287 2.06 -25.37 9.28
CA VAL A 287 1.61 -25.67 7.91
C VAL A 287 0.19 -26.23 7.93
N THR A 288 -0.09 -27.17 8.84
CA THR A 288 -1.43 -27.71 8.94
C THR A 288 -2.40 -26.76 9.65
N LEU A 289 -1.88 -25.79 10.41
CA LEU A 289 -2.74 -24.74 10.95
C LEU A 289 -3.26 -23.82 9.85
N PHE A 290 -2.56 -23.75 8.72
CA PHE A 290 -2.93 -22.86 7.63
C PHE A 290 -3.87 -23.56 6.64
N THR A 291 -3.48 -24.72 6.13
CA THR A 291 -4.30 -25.40 5.14
C THR A 291 -5.67 -25.75 5.71
N LEU A 292 -5.70 -26.28 6.94
CA LEU A 292 -6.98 -26.63 7.55
C LEU A 292 -7.83 -25.39 7.80
N THR A 293 -7.22 -24.32 8.30
CA THR A 293 -7.97 -23.09 8.55
C THR A 293 -8.52 -22.52 7.24
N MET A 294 -7.71 -22.51 6.19
CA MET A 294 -8.17 -21.99 4.91
C MET A 294 -9.29 -22.84 4.33
N MET A 295 -9.17 -24.16 4.42
CA MET A 295 -10.25 -25.02 3.92
C MET A 295 -11.52 -24.84 4.75
N GLN A 296 -11.39 -24.58 6.05
CA GLN A 296 -12.55 -24.30 6.88
C GLN A 296 -13.07 -22.89 6.71
N LEU A 297 -12.32 -22.03 6.03
CA LEU A 297 -12.69 -20.63 5.85
C LEU A 297 -13.39 -20.36 4.52
N LYS A 298 -13.08 -21.13 3.48
CA LYS A 298 -13.77 -20.97 2.21
C LYS A 298 -15.10 -21.71 2.16
N GLN A 299 -15.44 -22.46 3.20
CA GLN A 299 -16.77 -23.02 3.35
C GLN A 299 -17.71 -22.10 4.11
N MET A 300 -17.19 -21.00 4.67
CA MET A 300 -18.00 -20.03 5.37
C MET A 300 -17.86 -18.61 4.80
N LEU A 301 -16.77 -18.32 4.10
CA LEU A 301 -16.55 -17.02 3.46
C LEU A 301 -16.12 -17.29 2.03
N PRO A 302 -17.08 -17.56 1.13
CA PRO A 302 -16.71 -17.94 -0.24
C PRO A 302 -15.88 -16.86 -0.92
N LEU A 303 -14.95 -17.31 -1.77
CA LEU A 303 -14.05 -16.39 -2.45
C LEU A 303 -14.79 -15.40 -3.34
N ASN A 304 -16.01 -15.73 -3.79
CA ASN A 304 -16.79 -14.86 -4.65
C ASN A 304 -17.70 -13.93 -3.88
N THR A 305 -17.42 -13.70 -2.59
CA THR A 305 -18.23 -12.82 -1.76
C THR A 305 -17.74 -11.40 -1.86
N ASN A 306 -18.68 -10.46 -1.94
CA ASN A 306 -18.37 -9.03 -1.95
C ASN A 306 -18.34 -8.57 -0.49
N ILE A 307 -17.17 -8.73 0.14
CA ILE A 307 -17.06 -8.40 1.57
C ILE A 307 -17.32 -6.93 1.80
N ARG A 308 -17.08 -6.08 0.80
CA ARG A 308 -17.38 -4.65 0.92
C ARG A 308 -18.85 -4.44 1.26
N LEU A 309 -19.75 -4.84 0.34
CA LEU A 309 -21.17 -4.61 0.55
C LEU A 309 -21.68 -5.40 1.74
N ALA A 310 -21.26 -6.66 1.88
CA ALA A 310 -21.76 -7.48 2.98
C ALA A 310 -21.40 -6.87 4.33
N TYR A 311 -20.15 -6.41 4.48
CA TYR A 311 -19.74 -5.78 5.72
C TYR A 311 -20.48 -4.47 5.94
N SER A 312 -20.70 -3.70 4.88
CA SER A 312 -21.33 -2.39 5.04
C SER A 312 -22.66 -2.50 5.78
N ASN A 313 -23.48 -3.48 5.41
CA ASN A 313 -24.76 -3.74 6.06
C ASN A 313 -24.71 -5.13 6.67
N GLY A 314 -24.19 -5.22 7.90
CA GLY A 314 -24.07 -6.49 8.58
C GLY A 314 -24.08 -6.31 10.08
N LYS A 315 -24.28 -7.42 10.78
CA LYS A 315 -24.32 -7.40 12.24
C LYS A 315 -22.93 -7.19 12.82
N ASP A 316 -22.89 -6.80 14.09
CA ASP A 316 -21.61 -6.55 14.74
C ASP A 316 -20.76 -7.80 14.83
N ASP A 317 -21.39 -8.98 14.99
CA ASP A 317 -20.63 -10.22 15.04
C ASP A 317 -19.87 -10.44 13.74
N GLU A 318 -20.52 -10.21 12.61
CA GLU A 318 -19.87 -10.43 11.32
C GLU A 318 -18.72 -9.44 11.11
N GLN A 319 -18.91 -8.19 11.50
CA GLN A 319 -17.84 -7.21 11.37
C GLN A 319 -16.65 -7.56 12.26
N ASN A 320 -16.93 -8.00 13.49
CA ASN A 320 -15.85 -8.46 14.36
C ASN A 320 -15.13 -9.65 13.75
N PHE A 321 -15.88 -10.56 13.12
CA PHE A 321 -15.24 -11.70 12.47
C PHE A 321 -14.35 -11.25 11.33
N ILE A 322 -14.79 -10.27 10.55
CA ILE A 322 -13.97 -9.78 9.44
C ILE A 322 -12.68 -9.17 9.98
N GLN A 323 -12.76 -8.37 11.04
CA GLN A 323 -11.55 -7.79 11.61
C GLN A 323 -10.63 -8.88 12.15
N ASN A 324 -11.19 -9.88 12.83
CA ASN A 324 -10.35 -10.96 13.36
C ASN A 324 -9.71 -11.76 12.24
N LEU A 325 -10.43 -11.96 11.13
CA LEU A 325 -9.85 -12.66 9.99
C LEU A 325 -8.71 -11.88 9.38
N SER A 326 -8.86 -10.56 9.25
CA SER A 326 -7.77 -9.75 8.76
C SER A 326 -6.56 -9.86 9.68
N LEU A 327 -6.79 -9.81 10.99
CA LEU A 327 -5.69 -9.95 11.95
C LEU A 327 -5.01 -11.30 11.82
N PHE A 328 -5.79 -12.37 11.71
CA PHE A 328 -5.22 -13.70 11.60
C PHE A 328 -4.38 -13.84 10.34
N LEU A 329 -4.93 -13.44 9.20
CA LEU A 329 -4.19 -13.56 7.95
C LEU A 329 -2.92 -12.74 7.99
N CYS A 330 -3.01 -11.49 8.46
CA CYS A 330 -1.82 -10.64 8.54
C CYS A 330 -0.76 -11.28 9.41
N THR A 331 -1.15 -11.71 10.61
CA THR A 331 -0.18 -12.29 11.55
C THR A 331 0.48 -13.53 10.95
N PHE A 332 -0.33 -14.48 10.49
CA PHE A 332 0.23 -15.73 10.02
C PHE A 332 1.10 -15.53 8.79
N LEU A 333 0.68 -14.67 7.86
CA LEU A 333 1.49 -14.43 6.68
C LEU A 333 2.81 -13.77 7.06
N LYS A 334 2.75 -12.67 7.81
CA LYS A 334 3.97 -12.00 8.25
C LYS A 334 4.93 -12.98 8.90
N GLU A 335 4.41 -13.93 9.68
CA GLU A 335 5.29 -14.86 10.38
C GLU A 335 5.85 -15.93 9.45
N HIS A 336 4.97 -16.69 8.79
CA HIS A 336 5.35 -17.94 8.13
C HIS A 336 5.10 -17.92 6.63
N ASP A 337 5.25 -16.75 6.00
CA ASP A 337 5.21 -16.71 4.55
C ASP A 337 6.29 -17.60 3.93
N GLN A 338 7.48 -17.62 4.55
CA GLN A 338 8.55 -18.47 4.05
C GLN A 338 8.14 -19.94 4.08
N LEU A 339 7.58 -20.38 5.21
CA LEU A 339 7.14 -21.77 5.31
C LEU A 339 6.09 -22.10 4.26
N ILE A 340 5.12 -21.21 4.08
CA ILE A 340 4.05 -21.47 3.12
C ILE A 340 4.63 -21.52 1.70
N GLU A 341 5.59 -20.65 1.40
CA GLU A 341 6.14 -20.59 0.04
C GLU A 341 7.00 -21.80 -0.26
N LYS A 342 7.74 -22.31 0.74
CA LYS A 342 8.63 -23.43 0.48
C LYS A 342 7.88 -24.62 -0.10
N ARG A 343 6.72 -24.95 0.45
CA ARG A 343 5.94 -26.08 -0.05
C ARG A 343 5.31 -25.70 -1.39
N LEU A 344 5.55 -26.54 -2.40
CA LEU A 344 5.06 -26.24 -3.74
C LEU A 344 3.55 -26.49 -3.85
N ASN A 345 3.07 -27.57 -3.24
CA ASN A 345 1.67 -27.92 -3.38
C ASN A 345 0.74 -27.00 -2.60
N LEU A 346 1.27 -26.09 -1.79
CA LEU A 346 0.46 -25.12 -1.06
C LEU A 346 0.36 -23.79 -1.78
N ARG A 347 0.75 -23.72 -3.05
CA ARG A 347 0.70 -22.45 -3.77
C ARG A 347 -0.73 -21.94 -3.89
N GLU A 348 -1.67 -22.84 -4.21
CA GLU A 348 -3.06 -22.42 -4.38
C GLU A 348 -3.63 -21.87 -3.07
N THR A 349 -3.31 -22.49 -1.94
CA THR A 349 -3.80 -22.00 -0.66
C THR A 349 -3.24 -20.62 -0.36
N LEU A 350 -1.96 -20.39 -0.66
CA LEU A 350 -1.38 -19.07 -0.45
C LEU A 350 -2.06 -18.03 -1.35
N MET A 351 -2.32 -18.39 -2.60
CA MET A 351 -3.01 -17.47 -3.50
C MET A 351 -4.41 -17.14 -2.99
N GLU A 352 -5.11 -18.13 -2.44
CA GLU A 352 -6.44 -17.88 -1.91
C GLU A 352 -6.40 -17.04 -0.64
N ALA A 353 -5.38 -17.23 0.20
CA ALA A 353 -5.20 -16.35 1.35
C ALA A 353 -4.97 -14.91 0.92
N LEU A 354 -4.13 -14.73 -0.11
CA LEU A 354 -3.93 -13.38 -0.64
C LEU A 354 -5.20 -12.81 -1.25
N HIS A 355 -6.01 -13.67 -1.87
CA HIS A 355 -7.29 -13.21 -2.41
C HIS A 355 -8.22 -12.74 -1.28
N TYR A 356 -8.25 -13.47 -0.17
CA TYR A 356 -9.01 -13.00 0.98
C TYR A 356 -8.48 -11.67 1.50
N MET A 357 -7.16 -11.52 1.55
CA MET A 357 -6.58 -10.26 1.98
C MET A 357 -7.00 -9.12 1.06
N LEU A 358 -7.02 -9.36 -0.25
CA LEU A 358 -7.47 -8.34 -1.20
C LEU A 358 -8.94 -8.02 -1.02
N LEU A 359 -9.77 -9.04 -0.77
CA LEU A 359 -11.20 -8.81 -0.57
C LEU A 359 -11.45 -7.97 0.68
N VAL A 360 -10.74 -8.27 1.77
CA VAL A 360 -10.94 -7.53 3.01
C VAL A 360 -10.37 -6.12 2.91
N SER A 361 -9.48 -5.87 1.94
CA SER A 361 -8.92 -4.53 1.78
C SER A 361 -9.93 -3.56 1.19
N GLU A 362 -11.03 -4.06 0.61
CA GLU A 362 -12.06 -3.20 0.04
C GLU A 362 -13.04 -2.68 1.09
N VAL A 363 -13.06 -3.26 2.29
CA VAL A 363 -13.98 -2.82 3.32
C VAL A 363 -13.68 -1.38 3.70
N GLU A 364 -14.74 -0.59 3.87
CA GLU A 364 -14.60 0.83 4.18
C GLU A 364 -14.56 1.03 5.70
N GLU A 365 -13.55 0.42 6.31
CA GLU A 365 -13.26 0.59 7.74
C GLU A 365 -11.78 0.91 7.88
N THR A 366 -11.47 2.00 8.58
CA THR A 366 -10.09 2.46 8.64
C THR A 366 -9.18 1.45 9.33
N GLU A 367 -9.64 0.88 10.45
CA GLU A 367 -8.79 -0.03 11.20
C GLU A 367 -8.49 -1.30 10.41
N ILE A 368 -9.50 -1.88 9.76
CA ILE A 368 -9.29 -3.07 8.95
C ILE A 368 -8.35 -2.76 7.80
N PHE A 369 -8.53 -1.60 7.17
CA PHE A 369 -7.66 -1.25 6.06
C PHE A 369 -6.22 -1.06 6.52
N LYS A 370 -6.01 -0.49 7.71
CA LYS A 370 -4.66 -0.38 8.24
C LYS A 370 -4.06 -1.76 8.51
N ILE A 371 -4.87 -2.67 9.05
CA ILE A 371 -4.38 -4.03 9.31
C ILE A 371 -3.94 -4.69 8.01
N CYS A 372 -4.73 -4.52 6.95
CA CYS A 372 -4.35 -5.10 5.66
C CYS A 372 -3.15 -4.38 5.05
N LEU A 373 -3.10 -3.06 5.22
CA LEU A 373 -2.05 -2.26 4.61
C LEU A 373 -0.69 -2.54 5.23
N GLU A 374 -0.64 -2.86 6.52
CA GLU A 374 0.66 -3.19 7.11
C GLU A 374 1.22 -4.46 6.49
N TYR A 375 0.37 -5.46 6.24
CA TYR A 375 0.86 -6.66 5.56
C TYR A 375 1.26 -6.35 4.12
N TRP A 376 0.48 -5.54 3.42
CA TRP A 376 0.85 -5.20 2.05
C TRP A 376 2.19 -4.49 2.01
N ASN A 377 2.42 -3.56 2.94
CA ASN A 377 3.70 -2.87 3.01
C ASN A 377 4.82 -3.84 3.35
N HIS A 378 4.58 -4.76 4.26
CA HIS A 378 5.58 -5.77 4.59
C HIS A 378 5.98 -6.57 3.37
N LEU A 379 4.99 -7.06 2.62
CA LEU A 379 5.28 -7.86 1.43
C LEU A 379 6.03 -7.03 0.39
N ALA A 380 5.58 -5.80 0.16
CA ALA A 380 6.24 -4.96 -0.84
C ALA A 380 7.68 -4.68 -0.45
N ALA A 381 7.93 -4.37 0.83
CA ALA A 381 9.28 -4.11 1.28
C ALA A 381 10.16 -5.35 1.14
N GLU A 382 9.63 -6.52 1.48
CA GLU A 382 10.40 -7.75 1.35
C GLU A 382 10.77 -7.99 -0.11
N LEU A 383 9.80 -7.87 -1.01
CA LEU A 383 10.08 -8.09 -2.43
C LEU A 383 11.10 -7.08 -2.96
N TYR A 384 10.98 -5.82 -2.54
CA TYR A 384 11.92 -4.80 -2.98
C TYR A 384 13.32 -5.10 -2.48
N ARG A 385 13.46 -5.46 -1.20
CA ARG A 385 14.77 -5.76 -0.64
C ARG A 385 15.37 -7.03 -1.26
N GLU A 386 14.55 -7.93 -1.77
CA GLU A 386 15.08 -9.07 -2.51
C GLU A 386 15.83 -8.60 -3.74
N SER A 387 15.19 -7.76 -4.55
CA SER A 387 15.80 -7.20 -5.75
C SER A 387 15.10 -5.89 -6.11
N PRO A 388 15.77 -4.75 -6.03
CA PRO A 388 15.10 -3.47 -6.28
C PRO A 388 14.99 -3.09 -7.75
N PHE A 389 15.23 -4.00 -8.68
CA PHE A 389 15.20 -3.69 -10.11
C PHE A 389 13.89 -4.15 -10.72
N SER A 390 13.52 -3.51 -11.82
CA SER A 390 12.25 -3.81 -12.47
C SER A 390 12.27 -5.21 -13.06
N THR A 391 11.09 -5.81 -13.17
CA THR A 391 10.97 -7.17 -13.67
C THR A 391 11.47 -7.27 -15.10
N SER A 392 12.12 -8.39 -15.41
CA SER A 392 12.64 -8.62 -16.76
C SER A 392 11.57 -9.27 -17.65
N ASP A 404 15.83 -12.57 -16.05
CA ASP A 404 15.04 -13.45 -15.19
C ASP A 404 14.32 -12.65 -14.11
N VAL A 405 13.70 -13.36 -13.17
CA VAL A 405 12.99 -12.72 -12.06
C VAL A 405 13.43 -13.42 -10.78
N PRO A 406 13.51 -12.72 -9.65
CA PRO A 406 13.88 -13.39 -8.41
C PRO A 406 12.90 -14.49 -8.08
N PRO A 407 13.36 -15.59 -7.48
CA PRO A 407 12.46 -16.73 -7.25
C PRO A 407 11.25 -16.38 -6.40
N ARG A 408 11.42 -15.54 -5.39
CA ARG A 408 10.32 -15.21 -4.49
C ARG A 408 9.35 -14.22 -5.12
N ARG A 409 9.82 -13.39 -6.04
CA ARG A 409 8.94 -12.43 -6.70
C ARG A 409 8.01 -13.12 -7.69
N GLN A 410 8.45 -14.22 -8.30
CA GLN A 410 7.63 -14.90 -9.29
C GLN A 410 6.34 -15.42 -8.68
N LEU A 411 6.35 -15.72 -7.37
CA LEU A 411 5.15 -16.22 -6.72
C LEU A 411 4.04 -15.18 -6.74
N TYR A 412 4.37 -13.93 -6.47
CA TYR A 412 3.39 -12.88 -6.29
C TYR A 412 3.11 -12.09 -7.56
N LEU A 413 3.81 -12.37 -8.66
CA LEU A 413 3.55 -11.65 -9.91
C LEU A 413 2.08 -11.68 -10.32
N PRO A 414 1.36 -12.80 -10.26
CA PRO A 414 -0.03 -12.79 -10.74
C PRO A 414 -0.95 -11.88 -9.94
N MET A 415 -0.56 -11.46 -8.74
CA MET A 415 -1.44 -10.68 -7.87
C MET A 415 -0.85 -9.34 -7.44
N LEU A 416 0.31 -8.94 -7.97
CA LEU A 416 0.87 -7.65 -7.58
C LEU A 416 0.15 -6.48 -8.25
N PHE A 417 -0.35 -6.67 -9.47
CA PHE A 417 -1.08 -5.60 -10.11
C PHE A 417 -2.39 -5.31 -9.38
N LYS A 418 -2.97 -6.32 -8.73
CA LYS A 418 -4.15 -6.08 -7.90
C LYS A 418 -3.82 -5.19 -6.71
N VAL A 419 -2.67 -5.42 -6.08
CA VAL A 419 -2.25 -4.56 -4.98
C VAL A 419 -1.98 -3.14 -5.48
N ARG A 420 -1.35 -3.02 -6.64
CA ARG A 420 -1.11 -1.70 -7.21
C ARG A 420 -2.43 -0.97 -7.48
N LEU A 421 -3.40 -1.68 -8.04
CA LEU A 421 -4.71 -1.08 -8.30
C LEU A 421 -5.39 -0.66 -6.99
N LEU A 422 -5.28 -1.51 -5.96
CA LEU A 422 -5.86 -1.17 -4.66
C LEU A 422 -5.23 0.10 -4.10
N MET A 423 -3.90 0.21 -4.18
CA MET A 423 -3.22 1.38 -3.65
C MET A 423 -3.59 2.64 -4.43
N VAL A 424 -3.69 2.52 -5.75
CA VAL A 424 -4.06 3.68 -6.56
C VAL A 424 -5.51 4.07 -6.32
N SER A 425 -6.38 3.10 -6.01
CA SER A 425 -7.81 3.39 -5.94
C SER A 425 -8.24 3.98 -4.60
N ARG A 426 -7.56 3.62 -3.51
CA ARG A 426 -7.95 4.06 -2.16
C ARG A 426 -6.93 5.01 -1.56
N MET A 427 -6.21 5.76 -2.39
CA MET A 427 -5.16 6.63 -1.88
C MET A 427 -5.75 7.64 -0.90
N ALA A 428 -4.99 7.92 0.16
CA ALA A 428 -5.44 8.82 1.23
C ALA A 428 -4.98 10.25 0.95
N LYS A 429 -5.64 11.19 1.60
CA LYS A 429 -5.34 12.60 1.40
C LYS A 429 -3.98 12.93 1.99
N PRO A 430 -3.08 13.62 1.25
CA PRO A 430 -1.73 13.86 1.78
C PRO A 430 -1.69 14.86 2.92
N GLU A 431 -2.38 15.98 2.76
CA GLU A 431 -2.34 17.06 3.72
C GLU A 431 -3.59 17.07 4.57
N GLU A 432 -3.45 17.53 5.81
CA GLU A 432 -4.56 17.68 6.74
C GLU A 432 -4.52 19.10 7.28
N VAL A 433 -5.46 19.93 6.83
CA VAL A 433 -5.52 21.34 7.19
C VAL A 433 -6.71 21.56 8.12
N LEU A 434 -6.45 22.24 9.23
CA LEU A 434 -7.47 22.49 10.25
C LEU A 434 -7.50 23.99 10.56
N VAL A 435 -8.69 24.57 10.56
CA VAL A 435 -8.87 25.98 10.90
C VAL A 435 -9.07 26.06 12.41
N VAL A 436 -8.11 26.69 13.09
CA VAL A 436 -8.10 26.76 14.54
C VAL A 436 -7.89 28.20 14.97
N GLU A 437 -8.64 28.63 15.99
CA GLU A 437 -8.48 29.95 16.56
C GLU A 437 -7.73 29.84 17.88
N ASN A 438 -6.70 30.67 18.05
CA ASN A 438 -5.87 30.61 19.23
C ASN A 438 -6.56 31.34 20.38
N ASP A 439 -5.84 31.55 21.48
CA ASP A 439 -6.40 32.24 22.64
C ASP A 439 -6.75 33.69 22.36
N GLN A 440 -6.26 34.26 21.25
CA GLN A 440 -6.55 35.64 20.88
C GLN A 440 -7.59 35.75 19.77
N GLY A 441 -8.34 34.68 19.52
CA GLY A 441 -9.39 34.73 18.51
C GLY A 441 -8.88 35.03 17.12
N GLU A 442 -7.80 34.38 16.71
CA GLU A 442 -7.21 34.57 15.38
C GLU A 442 -7.26 33.23 14.66
N VAL A 443 -8.19 33.10 13.71
CA VAL A 443 -8.32 31.85 12.97
C VAL A 443 -7.13 31.70 12.02
N VAL A 444 -6.46 30.55 12.10
CA VAL A 444 -5.33 30.24 11.24
C VAL A 444 -5.47 28.81 10.75
N ARG A 445 -4.83 28.54 9.61
CA ARG A 445 -4.80 27.20 9.05
C ARG A 445 -3.55 26.49 9.56
N GLU A 446 -3.74 25.43 10.34
CA GLU A 446 -2.66 24.59 10.81
C GLU A 446 -2.59 23.33 9.97
N PHE A 447 -1.38 22.91 9.65
CA PHE A 447 -1.13 21.68 8.91
C PHE A 447 -0.69 20.62 9.89
N MET A 448 -1.63 19.76 10.31
CA MET A 448 -1.28 18.65 11.17
C MET A 448 -0.21 17.80 10.50
N LYS A 449 0.82 17.42 11.27
CA LYS A 449 2.03 16.83 10.71
C LYS A 449 2.15 15.33 10.97
N ASP A 450 1.89 14.88 12.19
CA ASP A 450 2.16 13.50 12.60
C ASP A 450 0.92 12.86 13.19
N THR A 451 -0.20 12.99 12.49
CA THR A 451 -1.45 12.39 12.93
C THR A 451 -1.54 10.96 12.39
N ASP A 452 -2.70 10.33 12.60
CA ASP A 452 -2.89 8.96 12.10
C ASP A 452 -3.16 8.95 10.60
N SER A 453 -3.88 9.95 10.09
CA SER A 453 -4.16 10.01 8.66
C SER A 453 -2.88 10.22 7.86
N ILE A 454 -1.99 11.07 8.35
CA ILE A 454 -0.71 11.28 7.67
C ILE A 454 0.08 9.98 7.64
N ASN A 455 0.03 9.23 8.74
CA ASN A 455 0.72 7.93 8.78
C ASN A 455 0.14 6.96 7.77
N LEU A 456 -1.20 6.95 7.64
CA LEU A 456 -1.84 6.10 6.64
C LEU A 456 -1.37 6.47 5.25
N TYR A 457 -1.38 7.76 4.93
CA TYR A 457 -0.95 8.19 3.60
C TYR A 457 0.51 7.83 3.35
N LYS A 458 1.37 7.99 4.36
CA LYS A 458 2.77 7.67 4.19
C LYS A 458 2.97 6.18 3.93
N ASN A 459 2.23 5.34 4.66
CA ASN A 459 2.32 3.91 4.42
C ASN A 459 1.87 3.54 3.01
N MET A 460 0.75 4.12 2.56
CA MET A 460 0.28 3.84 1.21
C MET A 460 1.28 4.32 0.16
N ARG A 461 1.84 5.50 0.36
CA ARG A 461 2.84 6.02 -0.57
C ARG A 461 4.06 5.11 -0.63
N GLU A 462 4.53 4.65 0.53
CA GLU A 462 5.68 3.76 0.55
C GLU A 462 5.40 2.46 -0.18
N THR A 463 4.23 1.86 0.07
CA THR A 463 3.87 0.62 -0.60
C THR A 463 3.81 0.82 -2.11
N LEU A 464 3.17 1.90 -2.55
CA LEU A 464 3.02 2.14 -3.98
C LEU A 464 4.37 2.44 -4.63
N VAL A 465 5.27 3.12 -3.92
CA VAL A 465 6.58 3.40 -4.47
C VAL A 465 7.38 2.11 -4.62
N TYR A 466 7.33 1.23 -3.61
CA TYR A 466 8.00 -0.06 -3.74
C TYR A 466 7.45 -0.84 -4.94
N LEU A 467 6.13 -0.90 -5.07
CA LEU A 467 5.54 -1.64 -6.17
C LEU A 467 5.91 -1.03 -7.51
N THR A 468 5.93 0.30 -7.60
CA THR A 468 6.32 0.95 -8.84
C THR A 468 7.78 0.65 -9.19
N HIS A 469 8.65 0.62 -8.19
CA HIS A 469 10.03 0.21 -8.44
C HIS A 469 10.08 -1.21 -8.97
N LEU A 470 9.24 -2.09 -8.43
CA LEU A 470 9.20 -3.46 -8.95
C LEU A 470 8.77 -3.49 -10.41
N ASP A 471 7.79 -2.66 -10.78
CA ASP A 471 7.34 -2.58 -12.17
C ASP A 471 6.66 -1.25 -12.37
N TYR A 472 7.32 -0.33 -13.08
CA TYR A 472 6.76 1.01 -13.30
C TYR A 472 5.76 1.02 -14.45
N VAL A 473 5.93 0.13 -15.43
CA VAL A 473 5.05 0.12 -16.58
C VAL A 473 3.61 -0.19 -16.16
N ASP A 474 3.45 -1.16 -15.25
CA ASP A 474 2.11 -1.54 -14.80
C ASP A 474 1.44 -0.40 -14.03
N THR A 475 2.18 0.28 -13.15
CA THR A 475 1.61 1.40 -12.42
C THR A 475 1.21 2.53 -13.38
N GLU A 476 2.08 2.81 -14.35
CA GLU A 476 1.74 3.83 -15.35
C GLU A 476 0.49 3.44 -16.12
N ARG A 477 0.37 2.17 -16.47
CA ARG A 477 -0.81 1.70 -17.19
C ARG A 477 -2.07 1.85 -16.34
N ILE A 478 -1.99 1.51 -15.06
CA ILE A 478 -3.15 1.63 -14.18
C ILE A 478 -3.59 3.08 -14.08
N MET A 479 -2.63 3.98 -13.85
CA MET A 479 -2.96 5.39 -13.73
C MET A 479 -3.51 5.95 -15.03
N THR A 480 -2.95 5.54 -16.16
CA THR A 480 -3.46 6.00 -17.46
C THR A 480 -4.88 5.51 -17.71
N GLU A 481 -5.16 4.25 -17.38
CA GLU A 481 -6.51 3.73 -17.55
C GLU A 481 -7.51 4.48 -16.67
N LYS A 482 -7.13 4.75 -15.43
CA LYS A 482 -8.03 5.51 -14.55
C LYS A 482 -8.26 6.92 -15.08
N LEU A 483 -7.20 7.57 -15.55
CA LEU A 483 -7.34 8.91 -16.10
C LEU A 483 -8.26 8.91 -17.31
N HIS A 484 -8.11 7.90 -18.17
CA HIS A 484 -9.02 7.77 -19.32
C HIS A 484 -10.45 7.58 -18.87
N ASN A 485 -10.66 6.75 -17.84
CA ASN A 485 -12.01 6.60 -17.31
C ASN A 485 -12.56 7.90 -16.76
N GLN A 486 -11.68 8.81 -16.33
CA GLN A 486 -12.16 10.10 -15.84
C GLN A 486 -12.59 11.01 -16.98
N VAL A 487 -11.83 11.05 -18.07
CA VAL A 487 -12.12 12.01 -19.13
C VAL A 487 -13.40 11.62 -19.87
N ASN A 488 -13.59 10.33 -20.14
CA ASN A 488 -14.76 9.92 -20.91
C ASN A 488 -16.06 10.10 -20.11
N GLY A 489 -15.98 10.28 -18.80
CA GLY A 489 -17.13 10.56 -17.98
C GLY A 489 -17.80 9.34 -17.38
N THR A 490 -17.42 8.13 -17.79
CA THR A 490 -18.02 6.93 -17.24
C THR A 490 -17.69 6.72 -15.76
N GLU A 491 -16.70 7.45 -15.24
CA GLU A 491 -16.33 7.33 -13.83
C GLU A 491 -16.05 8.68 -13.21
N TRP A 492 -16.50 9.77 -13.83
CA TRP A 492 -16.16 11.10 -13.34
C TRP A 492 -16.74 11.33 -11.94
N SER A 493 -15.91 11.93 -11.09
CA SER A 493 -16.32 12.33 -9.74
C SER A 493 -15.18 13.12 -9.13
N TRP A 494 -15.53 14.08 -8.27
CA TRP A 494 -14.51 14.91 -7.64
C TRP A 494 -13.58 14.08 -6.77
N LYS A 495 -14.15 13.20 -5.95
CA LYS A 495 -13.32 12.39 -5.05
C LYS A 495 -12.47 11.41 -5.85
N ASN A 496 -13.01 10.84 -6.92
CA ASN A 496 -12.23 9.93 -7.75
C ASN A 496 -11.04 10.65 -8.38
N LEU A 497 -11.26 11.84 -8.92
CA LEU A 497 -10.17 12.58 -9.53
C LEU A 497 -9.14 12.98 -8.48
N ASN A 498 -9.59 13.40 -7.29
CA ASN A 498 -8.67 13.74 -6.22
C ASN A 498 -7.82 12.53 -5.82
N THR A 499 -8.45 11.36 -5.70
CA THR A 499 -7.70 10.16 -5.34
C THR A 499 -6.69 9.81 -6.42
N LEU A 500 -7.09 9.90 -7.69
CA LEU A 500 -6.17 9.60 -8.78
C LEU A 500 -4.98 10.54 -8.77
N CYS A 501 -5.22 11.83 -8.53
CA CYS A 501 -4.13 12.80 -8.55
C CYS A 501 -3.22 12.63 -7.34
N TRP A 502 -3.77 12.28 -6.18
CA TRP A 502 -2.93 11.97 -5.02
C TRP A 502 -2.06 10.75 -5.31
N ALA A 503 -2.63 9.73 -5.95
CA ALA A 503 -1.85 8.55 -6.32
C ALA A 503 -0.74 8.91 -7.31
N ILE A 504 -1.05 9.77 -8.29
CA ILE A 504 -0.04 10.18 -9.26
C ILE A 504 1.08 10.95 -8.57
N GLY A 505 0.72 11.85 -7.66
CA GLY A 505 1.71 12.65 -6.96
C GLY A 505 2.51 11.87 -5.93
N SER A 506 1.99 10.73 -5.47
CA SER A 506 2.70 9.96 -4.45
C SER A 506 3.91 9.22 -5.01
N ILE A 507 3.95 8.96 -6.32
CA ILE A 507 5.02 8.18 -6.91
C ILE A 507 6.07 9.08 -7.56
N SER A 508 6.15 10.34 -7.15
CA SER A 508 7.18 11.23 -7.67
C SER A 508 8.55 10.71 -7.26
N GLY A 509 9.47 10.65 -8.22
CA GLY A 509 10.81 10.18 -7.97
C GLY A 509 11.01 8.69 -8.09
N ALA A 510 9.94 7.93 -8.36
CA ALA A 510 10.03 6.48 -8.49
C ALA A 510 10.26 6.03 -9.92
N MET A 511 10.44 6.95 -10.86
CA MET A 511 10.71 6.62 -12.25
C MET A 511 11.97 7.34 -12.70
N HIS A 512 12.60 6.80 -13.75
CA HIS A 512 13.71 7.48 -14.37
C HIS A 512 13.23 8.82 -14.95
N GLU A 513 14.18 9.71 -15.20
CA GLU A 513 13.83 11.08 -15.57
C GLU A 513 13.00 11.11 -16.85
N GLU A 514 13.39 10.32 -17.86
CA GLU A 514 12.71 10.36 -19.14
C GLU A 514 11.33 9.71 -19.06
N ASP A 515 11.22 8.58 -18.36
CA ASP A 515 9.92 7.97 -18.16
C ASP A 515 8.99 8.90 -17.40
N GLU A 516 9.51 9.56 -16.37
CA GLU A 516 8.72 10.52 -15.62
C GLU A 516 8.29 11.67 -16.51
N LYS A 517 9.18 12.15 -17.38
CA LYS A 517 8.84 13.26 -18.27
C LYS A 517 7.70 12.87 -19.19
N ARG A 518 7.79 11.70 -19.82
CA ARG A 518 6.72 11.26 -20.72
C ARG A 518 5.41 11.08 -19.97
N PHE A 519 5.46 10.43 -18.80
CA PHE A 519 4.25 10.20 -18.02
C PHE A 519 3.61 11.52 -17.62
N LEU A 520 4.41 12.50 -17.18
CA LEU A 520 3.88 13.80 -16.79
C LEU A 520 3.28 14.52 -17.99
N VAL A 521 3.94 14.48 -19.14
CA VAL A 521 3.38 15.14 -20.32
C VAL A 521 2.01 14.56 -20.62
N THR A 522 1.91 13.23 -20.65
CA THR A 522 0.62 12.59 -20.93
C THR A 522 -0.43 13.01 -19.92
N VAL A 523 -0.11 12.91 -18.63
CA VAL A 523 -1.10 13.17 -17.58
C VAL A 523 -1.57 14.62 -17.64
N ILE A 524 -0.62 15.56 -17.73
CA ILE A 524 -0.99 16.97 -17.70
C ILE A 524 -1.75 17.35 -18.95
N LYS A 525 -1.35 16.81 -20.11
CA LYS A 525 -2.09 17.10 -21.33
C LYS A 525 -3.53 16.61 -21.23
N ASP A 526 -3.73 15.39 -20.71
CA ASP A 526 -5.08 14.87 -20.57
C ASP A 526 -5.89 15.69 -19.57
N LEU A 527 -5.28 16.08 -18.45
CA LEU A 527 -6.01 16.87 -17.46
C LEU A 527 -6.39 18.24 -18.03
N LEU A 528 -5.49 18.88 -18.76
CA LEU A 528 -5.83 20.15 -19.39
C LEU A 528 -6.95 19.99 -20.40
N GLY A 529 -6.92 18.90 -21.18
CA GLY A 529 -8.01 18.64 -22.10
C GLY A 529 -9.34 18.45 -21.38
N LEU A 530 -9.31 17.83 -20.20
CA LEU A 530 -10.53 17.63 -19.43
C LEU A 530 -11.03 18.92 -18.80
N CYS A 531 -10.12 19.85 -18.51
CA CYS A 531 -10.52 21.09 -17.84
C CYS A 531 -11.49 21.89 -18.71
N GLU A 532 -11.18 22.04 -19.99
CA GLU A 532 -12.07 22.76 -20.89
C GLU A 532 -13.37 22.00 -21.11
N GLN A 533 -13.30 20.67 -21.18
CA GLN A 533 -14.48 19.86 -21.43
C GLN A 533 -15.54 20.08 -20.37
N LYS A 534 -15.16 19.98 -19.10
CA LYS A 534 -16.12 20.13 -18.01
C LYS A 534 -16.60 21.58 -17.92
N ARG A 535 -17.90 21.74 -17.72
CA ARG A 535 -18.51 23.05 -17.60
C ARG A 535 -18.73 23.39 -16.12
N GLY A 536 -18.86 24.68 -15.86
CA GLY A 536 -19.05 25.14 -14.51
C GLY A 536 -17.75 25.61 -13.88
N LYS A 537 -17.86 26.53 -12.93
CA LYS A 537 -16.68 27.08 -12.28
C LYS A 537 -16.10 26.13 -11.26
N ASP A 538 -16.95 25.37 -10.57
CA ASP A 538 -16.45 24.46 -9.53
C ASP A 538 -15.66 23.30 -10.13
N ASN A 539 -16.16 22.71 -11.22
CA ASN A 539 -15.44 21.61 -11.85
C ASN A 539 -14.09 22.08 -12.37
N LYS A 540 -14.06 23.24 -13.03
CA LYS A 540 -12.79 23.78 -13.52
C LYS A 540 -11.84 24.09 -12.38
N ALA A 541 -12.37 24.61 -11.26
CA ALA A 541 -11.52 24.88 -10.10
C ALA A 541 -10.92 23.59 -9.55
N ILE A 542 -11.72 22.52 -9.48
CA ILE A 542 -11.20 21.24 -8.99
C ILE A 542 -10.12 20.71 -9.92
N ILE A 543 -10.36 20.78 -11.23
CA ILE A 543 -9.38 20.26 -12.18
C ILE A 543 -8.09 21.05 -12.11
N ALA A 544 -8.20 22.38 -12.03
CA ALA A 544 -7.00 23.22 -11.94
C ALA A 544 -6.24 22.96 -10.64
N SER A 545 -6.96 22.79 -9.53
CA SER A 545 -6.31 22.47 -8.27
C SER A 545 -5.54 21.16 -8.37
N ASN A 546 -6.14 20.16 -9.00
CA ASN A 546 -5.47 18.88 -9.16
C ASN A 546 -4.24 19.00 -10.06
N ILE A 547 -4.35 19.76 -11.15
CA ILE A 547 -3.21 19.96 -12.03
C ILE A 547 -2.07 20.62 -11.27
N MET A 548 -2.38 21.64 -10.47
CA MET A 548 -1.34 22.34 -9.72
C MET A 548 -0.74 21.43 -8.65
N TYR A 549 -1.55 20.61 -8.00
CA TYR A 549 -0.99 19.67 -7.03
C TYR A 549 -0.03 18.70 -7.70
N ILE A 550 -0.40 18.17 -8.87
CA ILE A 550 0.49 17.25 -9.57
C ILE A 550 1.78 17.97 -9.97
N VAL A 551 1.66 19.20 -10.47
CA VAL A 551 2.83 19.94 -10.92
C VAL A 551 3.78 20.20 -9.74
N GLY A 552 3.23 20.57 -8.59
CA GLY A 552 4.07 20.87 -7.44
C GLY A 552 4.77 19.66 -6.84
N GLN A 553 4.29 18.46 -7.15
CA GLN A 553 4.86 17.23 -6.61
C GLN A 553 5.98 16.66 -7.47
N TYR A 554 6.29 17.30 -8.60
CA TYR A 554 7.34 16.84 -9.51
C TYR A 554 8.28 18.00 -9.79
N PRO A 555 9.03 18.46 -8.78
CA PRO A 555 9.93 19.58 -8.99
C PRO A 555 11.05 19.29 -9.98
N ARG A 556 11.41 18.02 -10.18
CA ARG A 556 12.46 17.70 -11.15
C ARG A 556 12.02 18.08 -12.56
N PHE A 557 10.76 17.81 -12.90
CA PHE A 557 10.25 18.18 -14.21
C PHE A 557 10.29 19.69 -14.40
N LEU A 558 9.89 20.44 -13.37
CA LEU A 558 9.91 21.90 -13.47
C LEU A 558 11.34 22.43 -13.61
N ARG A 559 12.28 21.87 -12.84
CA ARG A 559 13.66 22.33 -12.91
C ARG A 559 14.27 22.02 -14.27
N ALA A 560 13.89 20.90 -14.88
CA ALA A 560 14.44 20.53 -16.18
C ALA A 560 14.07 21.55 -17.24
N HIS A 561 12.81 22.03 -17.23
CA HIS A 561 12.28 22.91 -18.28
C HIS A 561 11.89 24.24 -17.66
N TRP A 562 12.42 25.33 -18.19
CA TRP A 562 12.20 26.65 -17.62
C TRP A 562 10.92 27.30 -18.14
N LYS A 563 10.60 27.12 -19.42
CA LYS A 563 9.38 27.74 -19.95
C LYS A 563 8.15 27.24 -19.22
N PHE A 564 8.09 25.92 -18.97
CA PHE A 564 6.94 25.37 -18.26
C PHE A 564 6.87 25.89 -16.84
N LEU A 565 8.01 25.99 -16.16
CA LEU A 565 8.02 26.51 -14.79
C LEU A 565 7.54 27.95 -14.75
N LYS A 566 8.01 28.78 -15.68
CA LYS A 566 7.58 30.17 -15.73
C LYS A 566 6.08 30.26 -16.02
N THR A 567 5.59 29.44 -16.95
CA THR A 567 4.17 29.44 -17.24
C THR A 567 3.35 29.03 -16.02
N VAL A 568 3.82 28.03 -15.29
CA VAL A 568 3.10 27.58 -14.09
C VAL A 568 3.08 28.68 -13.04
N VAL A 569 4.20 29.37 -12.86
CA VAL A 569 4.25 30.45 -11.86
C VAL A 569 3.30 31.58 -12.26
N ASN A 570 3.29 31.95 -13.54
CA ASN A 570 2.37 32.99 -14.00
C ASN A 570 0.92 32.56 -13.81
N LYS A 571 0.61 31.29 -14.10
CA LYS A 571 -0.75 30.80 -13.90
C LYS A 571 -1.14 30.85 -12.43
N LEU A 572 -0.21 30.50 -11.54
CA LEU A 572 -0.48 30.61 -10.11
C LEU A 572 -0.76 32.06 -9.72
N PHE A 573 0.03 32.99 -10.25
CA PHE A 573 -0.23 34.41 -9.99
C PHE A 573 -1.61 34.81 -10.49
N GLU A 574 -2.08 34.22 -11.58
CA GLU A 574 -3.40 34.55 -12.08
C GLU A 574 -4.50 34.01 -11.16
N PHE A 575 -4.28 32.85 -10.56
CA PHE A 575 -5.27 32.28 -9.64
C PHE A 575 -5.36 33.07 -8.34
N MET A 576 -4.38 33.91 -8.04
CA MET A 576 -4.43 34.70 -6.81
C MET A 576 -5.45 35.82 -6.88
N HIS A 577 -5.98 36.12 -8.06
CA HIS A 577 -7.07 37.07 -8.22
C HIS A 577 -8.42 36.39 -8.35
N GLU A 578 -8.49 35.09 -8.11
CA GLU A 578 -9.72 34.32 -8.23
C GLU A 578 -10.45 34.35 -6.89
N THR A 579 -11.69 34.82 -6.91
CA THR A 579 -12.49 34.91 -5.68
C THR A 579 -13.19 33.60 -5.34
N HIS A 580 -13.16 32.60 -6.23
CA HIS A 580 -13.76 31.32 -5.92
C HIS A 580 -13.10 30.71 -4.69
N ASP A 581 -13.91 30.08 -3.85
CA ASP A 581 -13.38 29.55 -2.60
C ASP A 581 -12.38 28.43 -2.86
N GLY A 582 -11.26 28.48 -2.14
CA GLY A 582 -10.26 27.45 -2.21
C GLY A 582 -9.27 27.57 -3.35
N VAL A 583 -9.40 28.59 -4.20
CA VAL A 583 -8.47 28.74 -5.32
C VAL A 583 -7.23 29.52 -4.90
N GLN A 584 -7.40 30.62 -4.16
CA GLN A 584 -6.25 31.40 -3.71
C GLN A 584 -5.39 30.59 -2.74
N ASP A 585 -6.01 29.83 -1.85
CA ASP A 585 -5.25 28.98 -0.94
C ASP A 585 -4.44 27.93 -1.70
N MET A 586 -5.07 27.31 -2.71
CA MET A 586 -4.35 26.34 -3.53
C MET A 586 -3.18 27.01 -4.25
N ALA A 587 -3.40 28.20 -4.79
CA ALA A 587 -2.33 28.90 -5.48
C ALA A 587 -1.17 29.20 -4.54
N CYS A 588 -1.47 29.68 -3.33
CA CYS A 588 -0.41 29.99 -2.37
C CYS A 588 0.35 28.74 -1.95
N ASP A 589 -0.35 27.64 -1.70
CA ASP A 589 0.33 26.40 -1.31
C ASP A 589 1.23 25.90 -2.43
N THR A 590 0.72 25.87 -3.65
CA THR A 590 1.54 25.41 -4.77
C THR A 590 2.73 26.32 -4.98
N PHE A 591 2.53 27.63 -4.86
CA PHE A 591 3.62 28.57 -5.06
C PHE A 591 4.70 28.40 -4.00
N ILE A 592 4.32 28.20 -2.75
CA ILE A 592 5.34 28.02 -1.72
C ILE A 592 6.08 26.71 -1.94
N LYS A 593 5.38 25.65 -2.36
CA LYS A 593 6.07 24.39 -2.66
C LYS A 593 7.08 24.59 -3.78
N ILE A 594 6.66 25.23 -4.87
CA ILE A 594 7.55 25.42 -6.02
C ILE A 594 8.73 26.29 -5.65
N ALA A 595 8.48 27.33 -4.84
CA ALA A 595 9.57 28.20 -4.41
C ALA A 595 10.59 27.45 -3.56
N GLN A 596 10.10 26.62 -2.62
CA GLN A 596 11.02 25.86 -1.78
C GLN A 596 11.83 24.88 -2.61
N LYS A 597 11.19 24.16 -3.53
CA LYS A 597 11.88 23.10 -4.25
C LYS A 597 12.80 23.65 -5.35
N CYS A 598 12.37 24.71 -6.04
CA CYS A 598 13.09 25.25 -7.19
C CYS A 598 13.57 26.66 -6.93
N ARG A 599 14.10 26.92 -5.74
CA ARG A 599 14.45 28.29 -5.36
C ARG A 599 15.62 28.85 -6.17
N ARG A 600 16.47 27.98 -6.73
CA ARG A 600 17.67 28.43 -7.40
C ARG A 600 17.47 28.79 -8.87
N HIS A 601 16.28 28.53 -9.42
CA HIS A 601 16.00 28.86 -10.82
C HIS A 601 15.36 30.23 -10.99
N PHE A 602 15.11 30.95 -9.89
CA PHE A 602 14.58 32.30 -9.95
C PHE A 602 15.66 33.37 -9.84
N VAL A 603 16.65 33.16 -8.97
CA VAL A 603 17.70 34.16 -8.79
C VAL A 603 18.62 34.20 -10.01
N GLN A 604 18.93 33.04 -10.59
CA GLN A 604 19.86 32.99 -11.71
C GLN A 604 19.17 33.36 -13.01
N VAL A 605 19.93 33.92 -13.94
CA VAL A 605 19.40 34.31 -15.23
C VAL A 605 19.33 33.08 -16.13
N GLN A 606 18.17 32.87 -16.72
CA GLN A 606 17.94 31.70 -17.57
C GLN A 606 18.18 32.05 -19.03
N VAL A 607 18.10 31.04 -19.89
CA VAL A 607 18.32 31.25 -21.31
C VAL A 607 17.11 31.97 -21.90
N GLY A 608 17.36 33.06 -22.61
CA GLY A 608 16.31 33.88 -23.17
C GLY A 608 15.75 34.92 -22.24
N GLU A 609 16.19 34.98 -21.00
CA GLU A 609 15.74 35.96 -20.02
C GLU A 609 16.84 36.98 -19.80
N VAL A 610 16.48 38.27 -19.89
CA VAL A 610 17.45 39.33 -19.67
C VAL A 610 17.66 39.61 -18.19
N MET A 611 16.70 39.26 -17.34
CA MET A 611 16.78 39.52 -15.91
C MET A 611 16.28 38.30 -15.17
N PRO A 612 16.69 38.14 -13.91
CA PRO A 612 16.16 37.03 -13.10
C PRO A 612 14.65 37.18 -12.88
N PHE A 613 13.99 36.04 -12.69
CA PHE A 613 12.55 36.07 -12.47
C PHE A 613 12.19 36.72 -11.14
N ILE A 614 13.08 36.63 -10.15
CA ILE A 614 12.80 37.24 -8.85
C ILE A 614 12.65 38.75 -8.99
N ASP A 615 13.45 39.37 -9.87
CA ASP A 615 13.31 40.80 -10.12
C ASP A 615 11.94 41.11 -10.71
N GLU A 616 11.48 40.29 -11.65
CA GLU A 616 10.15 40.49 -12.22
C GLU A 616 9.07 40.38 -11.15
N ILE A 617 9.19 39.39 -10.26
CA ILE A 617 8.20 39.23 -9.21
C ILE A 617 8.20 40.43 -8.27
N LEU A 618 9.39 40.90 -7.90
CA LEU A 618 9.47 42.00 -6.94
C LEU A 618 9.01 43.32 -7.55
N ASN A 619 9.27 43.54 -8.84
CA ASN A 619 8.90 44.80 -9.46
C ASN A 619 7.39 45.01 -9.41
N ASN A 620 6.62 43.98 -9.74
CA ASN A 620 5.16 44.03 -9.70
C ASN A 620 4.69 43.01 -8.66
N ILE A 621 4.66 43.43 -7.40
CA ILE A 621 4.27 42.56 -6.29
C ILE A 621 2.98 43.10 -5.68
N ASN A 622 2.78 44.42 -5.76
CA ASN A 622 1.54 45.00 -5.28
C ASN A 622 0.36 44.63 -6.16
N THR A 623 0.60 44.31 -7.43
CA THR A 623 -0.46 43.85 -8.32
C THR A 623 -0.77 42.36 -8.17
N ILE A 624 0.10 41.61 -7.50
CA ILE A 624 -0.13 40.18 -7.32
C ILE A 624 -0.89 39.89 -6.04
N ILE A 625 -0.57 40.59 -4.96
CA ILE A 625 -1.16 40.34 -3.65
C ILE A 625 -2.31 41.31 -3.37
N CYS A 626 -2.84 41.97 -4.39
CA CYS A 626 -3.89 42.95 -4.17
C CYS A 626 -5.16 42.28 -3.63
N ASP A 627 -5.51 41.11 -4.16
CA ASP A 627 -6.75 40.43 -3.81
C ASP A 627 -6.57 39.37 -2.73
N LEU A 628 -5.36 39.20 -2.20
CA LEU A 628 -5.12 38.16 -1.20
C LEU A 628 -5.53 38.63 0.18
N GLN A 629 -5.95 37.67 1.01
CA GLN A 629 -6.19 37.93 2.42
C GLN A 629 -4.87 38.00 3.18
N PRO A 630 -4.86 38.60 4.37
CA PRO A 630 -3.57 38.83 5.06
C PRO A 630 -2.73 37.59 5.25
N GLN A 631 -3.32 36.45 5.63
CA GLN A 631 -2.52 35.26 5.83
C GLN A 631 -1.96 34.73 4.52
N GLN A 632 -2.74 34.83 3.44
CA GLN A 632 -2.24 34.45 2.12
C GLN A 632 -1.11 35.38 1.70
N VAL A 633 -1.20 36.66 2.07
CA VAL A 633 -0.10 37.58 1.80
C VAL A 633 1.15 37.16 2.57
N HIS A 634 0.98 36.74 3.83
CA HIS A 634 2.11 36.24 4.59
C HIS A 634 2.74 35.04 3.91
N THR A 635 1.91 34.11 3.43
CA THR A 635 2.43 32.94 2.73
C THR A 635 3.19 33.33 1.47
N PHE A 636 2.65 34.29 0.71
CA PHE A 636 3.34 34.75 -0.49
C PHE A 636 4.69 35.37 -0.16
N TYR A 637 4.74 36.17 0.92
CA TYR A 637 6.01 36.77 1.31
C TYR A 637 7.01 35.71 1.72
N GLU A 638 6.55 34.68 2.44
CA GLU A 638 7.45 33.57 2.77
C GLU A 638 7.98 32.89 1.52
N ALA A 639 7.10 32.62 0.56
CA ALA A 639 7.52 31.95 -0.67
C ALA A 639 8.55 32.78 -1.43
N VAL A 640 8.31 34.09 -1.52
CA VAL A 640 9.30 34.95 -2.18
C VAL A 640 10.60 34.98 -1.39
N GLY A 641 10.52 34.92 -0.06
CA GLY A 641 11.72 34.90 0.75
C GLY A 641 12.58 33.67 0.48
N TYR A 642 11.94 32.51 0.30
CA TYR A 642 12.69 31.31 0.00
C TYR A 642 13.52 31.45 -1.27
N MET A 643 13.14 32.36 -2.17
CA MET A 643 13.89 32.60 -3.39
C MET A 643 14.99 33.64 -3.22
N ILE A 644 14.98 34.40 -2.12
CA ILE A 644 16.04 35.38 -1.87
C ILE A 644 17.18 34.79 -1.04
N GLY A 645 16.93 33.73 -0.28
CA GLY A 645 18.01 33.04 0.41
C GLY A 645 18.88 32.20 -0.50
N ALA A 646 18.46 31.97 -1.74
CA ALA A 646 19.23 31.21 -2.71
C ALA A 646 20.21 32.06 -3.49
N GLN A 647 20.22 33.38 -3.25
CA GLN A 647 21.16 34.29 -3.92
C GLN A 647 22.45 34.31 -3.10
N THR A 648 23.47 33.62 -3.59
CA THR A 648 24.72 33.53 -2.85
C THR A 648 25.40 34.89 -2.76
N ASP A 649 25.38 35.68 -3.83
CA ASP A 649 26.06 36.96 -3.83
C ASP A 649 25.52 37.84 -2.71
N GLN A 650 26.43 38.58 -2.06
CA GLN A 650 26.07 39.32 -0.86
C GLN A 650 25.39 40.65 -1.19
N THR A 651 26.03 41.47 -2.02
CA THR A 651 25.44 42.76 -2.35
C THR A 651 24.12 42.61 -3.10
N VAL A 652 24.05 41.65 -4.02
CA VAL A 652 22.81 41.40 -4.75
C VAL A 652 21.72 40.97 -3.80
N GLN A 653 22.05 40.10 -2.84
CA GLN A 653 21.05 39.66 -1.87
C GLN A 653 20.60 40.81 -0.99
N GLU A 654 21.52 41.70 -0.61
CA GLU A 654 21.12 42.87 0.17
C GLU A 654 20.17 43.75 -0.62
N HIS A 655 20.44 43.96 -1.91
CA HIS A 655 19.53 44.75 -2.72
C HIS A 655 18.17 44.09 -2.83
N LEU A 656 18.15 42.76 -3.01
CA LEU A 656 16.87 42.06 -3.08
C LEU A 656 16.10 42.19 -1.79
N ILE A 657 16.77 42.05 -0.64
CA ILE A 657 16.08 42.15 0.64
C ILE A 657 15.54 43.56 0.84
N GLU A 658 16.31 44.57 0.45
CA GLU A 658 15.83 45.95 0.58
C GLU A 658 14.60 46.17 -0.29
N LYS A 659 14.63 45.66 -1.53
CA LYS A 659 13.47 45.79 -2.41
C LYS A 659 12.35 44.83 -2.04
N TYR A 660 12.69 43.72 -1.38
CA TYR A 660 11.71 42.72 -1.00
C TYR A 660 10.85 43.17 0.18
N MET A 661 11.32 44.13 0.96
CA MET A 661 10.63 44.63 2.15
C MET A 661 10.31 46.10 2.00
N LEU A 662 9.76 46.48 0.84
CA LEU A 662 9.50 47.89 0.57
C LEU A 662 8.13 48.31 1.09
N LEU A 663 7.08 47.56 0.75
CA LEU A 663 5.75 47.93 1.22
C LEU A 663 5.62 47.83 2.73
N PRO A 664 6.02 46.74 3.38
CA PRO A 664 5.96 46.71 4.85
C PRO A 664 6.78 47.82 5.48
N ASN A 665 7.94 48.14 4.91
CA ASN A 665 8.76 49.22 5.47
C ASN A 665 8.06 50.56 5.31
N GLN A 666 7.38 50.79 4.17
CA GLN A 666 6.65 52.03 4.00
C GLN A 666 5.56 52.17 5.05
N VAL A 667 4.78 51.11 5.27
CA VAL A 667 3.71 51.18 6.26
C VAL A 667 4.30 51.37 7.66
N TRP A 668 5.36 50.64 7.98
CA TRP A 668 5.98 50.74 9.30
C TRP A 668 6.53 52.14 9.55
N ASP A 669 7.23 52.71 8.55
CA ASP A 669 7.76 54.05 8.69
C ASP A 669 6.64 55.06 8.85
N SER A 670 5.55 54.91 8.10
CA SER A 670 4.42 55.81 8.25
C SER A 670 3.89 55.76 9.68
N ILE A 671 3.68 54.55 10.21
CA ILE A 671 3.12 54.42 11.56
C ILE A 671 4.08 54.99 12.59
N ILE A 672 5.38 54.72 12.45
CA ILE A 672 6.35 55.19 13.44
C ILE A 672 6.46 56.70 13.41
N GLN A 673 6.48 57.29 12.20
CA GLN A 673 6.53 58.74 12.10
C GLN A 673 5.27 59.36 12.71
N GLN A 674 4.12 58.74 12.49
CA GLN A 674 2.89 59.24 13.09
C GLN A 674 2.94 59.16 14.61
N ALA A 675 3.46 58.06 15.15
CA ALA A 675 3.55 57.89 16.59
C ALA A 675 4.53 58.86 17.21
N THR A 676 5.60 59.21 16.49
CA THR A 676 6.57 60.17 17.04
C THR A 676 5.88 61.48 17.40
N LYS A 677 4.90 61.90 16.60
CA LYS A 677 4.16 63.12 16.93
C LYS A 677 3.40 62.96 18.24
N ASN A 678 2.74 61.81 18.43
CA ASN A 678 2.01 61.53 19.65
C ASN A 678 1.85 60.03 19.78
N VAL A 679 2.18 59.49 20.96
CA VAL A 679 2.16 58.06 21.17
C VAL A 679 0.74 57.56 21.36
N ASP A 680 -0.22 58.48 21.42
CA ASP A 680 -1.61 58.11 21.65
C ASP A 680 -2.23 57.36 20.47
N ILE A 681 -1.60 57.39 19.30
CA ILE A 681 -2.17 56.68 18.16
C ILE A 681 -2.10 55.18 18.36
N LEU A 682 -1.06 54.70 19.05
CA LEU A 682 -0.89 53.26 19.23
C LEU A 682 -2.08 52.62 19.93
N LYS A 683 -2.87 53.40 20.67
CA LYS A 683 -4.09 52.89 21.26
C LYS A 683 -5.20 52.70 20.23
N ASP A 684 -5.06 53.23 19.03
CA ASP A 684 -6.08 53.06 18.00
C ASP A 684 -6.05 51.63 17.48
N PRO A 685 -7.17 50.92 17.45
CA PRO A 685 -7.12 49.50 17.05
C PRO A 685 -6.62 49.29 15.62
N GLU A 686 -6.90 50.21 14.71
CA GLU A 686 -6.51 50.00 13.31
C GLU A 686 -5.00 49.96 13.16
N THR A 687 -4.31 50.91 13.79
CA THR A 687 -2.85 50.93 13.69
C THR A 687 -2.24 49.72 14.39
N VAL A 688 -2.86 49.23 15.46
CA VAL A 688 -2.36 48.03 16.12
C VAL A 688 -2.52 46.82 15.21
N LYS A 689 -3.65 46.74 14.49
CA LYS A 689 -3.83 45.66 13.51
C LYS A 689 -2.77 45.75 12.42
N GLN A 690 -2.49 46.96 11.93
CA GLN A 690 -1.45 47.12 10.92
C GLN A 690 -0.10 46.68 11.45
N LEU A 691 0.23 47.04 12.69
CA LEU A 691 1.49 46.62 13.28
C LEU A 691 1.58 45.11 13.38
N GLY A 692 0.50 44.47 13.82
CA GLY A 692 0.51 43.02 13.92
C GLY A 692 0.72 42.35 12.57
N SER A 693 0.03 42.86 11.53
CA SER A 693 0.21 42.28 10.20
C SER A 693 1.63 42.48 9.69
N ILE A 694 2.20 43.66 9.91
CA ILE A 694 3.56 43.93 9.46
C ILE A 694 4.54 43.00 10.16
N LEU A 695 4.37 42.81 11.47
CA LEU A 695 5.28 41.95 12.21
C LEU A 695 5.13 40.50 11.79
N LYS A 696 3.91 40.05 11.48
CA LYS A 696 3.75 38.69 10.96
C LYS A 696 4.46 38.53 9.62
N THR A 697 4.34 39.54 8.74
CA THR A 697 5.07 39.49 7.47
C THR A 697 6.57 39.40 7.71
N ASN A 698 7.09 40.20 8.64
CA ASN A 698 8.52 40.15 8.93
C ASN A 698 8.93 38.80 9.49
N VAL A 699 8.10 38.20 10.35
CA VAL A 699 8.41 36.89 10.90
C VAL A 699 8.52 35.85 9.78
N ARG A 700 7.55 35.86 8.86
CA ARG A 700 7.59 34.91 7.75
C ARG A 700 8.80 35.13 6.87
N ALA A 701 9.11 36.39 6.56
CA ALA A 701 10.26 36.67 5.71
C ALA A 701 11.57 36.26 6.38
N CYS A 702 11.68 36.49 7.69
CA CYS A 702 12.87 36.05 8.41
C CYS A 702 13.00 34.54 8.37
N LYS A 703 11.91 33.82 8.64
CA LYS A 703 11.92 32.37 8.56
C LYS A 703 12.42 31.92 7.19
N ALA A 704 11.91 32.54 6.13
CA ALA A 704 12.28 32.11 4.79
C ALA A 704 13.74 32.43 4.48
N VAL A 705 14.22 33.62 4.85
CA VAL A 705 15.53 34.08 4.41
C VAL A 705 16.63 33.52 5.30
N GLY A 706 16.58 33.84 6.60
CA GLY A 706 17.62 33.41 7.51
C GLY A 706 18.49 34.54 8.01
N HIS A 707 19.80 34.30 8.09
CA HIS A 707 20.71 35.31 8.61
C HIS A 707 20.71 36.60 7.79
N PRO A 708 20.75 36.56 6.45
CA PRO A 708 20.79 37.82 5.69
C PRO A 708 19.66 38.79 6.01
N PHE A 709 18.63 38.35 6.74
CA PHE A 709 17.56 39.24 7.16
C PHE A 709 18.00 40.24 8.23
N VAL A 710 19.28 40.19 8.62
CA VAL A 710 19.78 41.11 9.64
C VAL A 710 19.63 42.55 9.18
N ILE A 711 19.62 42.80 7.87
CA ILE A 711 19.45 44.16 7.38
C ILE A 711 18.12 44.72 7.83
N GLN A 712 17.03 44.00 7.55
CA GLN A 712 15.71 44.43 7.98
C GLN A 712 15.60 44.45 9.49
N LEU A 713 16.15 43.42 10.15
CA LEU A 713 16.01 43.34 11.60
C LEU A 713 16.67 44.52 12.28
N GLY A 714 17.90 44.87 11.85
CA GLY A 714 18.56 46.03 12.40
C GLY A 714 17.96 47.34 11.95
N ARG A 715 17.23 47.33 10.83
CA ARG A 715 16.51 48.53 10.42
C ARG A 715 15.36 48.83 11.38
N ILE A 716 14.65 47.79 11.85
CA ILE A 716 13.43 48.00 12.62
C ILE A 716 13.57 47.65 14.10
N TYR A 717 14.76 47.26 14.56
CA TYR A 717 14.88 46.66 15.89
C TYR A 717 14.45 47.62 17.00
N LEU A 718 15.02 48.82 17.04
CA LEU A 718 14.79 49.69 18.19
C LEU A 718 13.38 50.27 18.18
N ASP A 719 12.85 50.59 17.00
CA ASP A 719 11.46 51.02 16.92
C ASP A 719 10.52 49.91 17.36
N MET A 720 10.81 48.67 16.96
CA MET A 720 10.00 47.54 17.40
C MET A 720 10.03 47.40 18.91
N LEU A 721 11.22 47.54 19.52
CA LEU A 721 11.32 47.44 20.97
C LEU A 721 10.54 48.56 21.66
N ASN A 722 10.62 49.78 21.13
CA ASN A 722 9.91 50.90 21.75
C ASN A 722 8.40 50.70 21.67
N VAL A 723 7.89 50.26 20.52
CA VAL A 723 6.45 50.02 20.43
C VAL A 723 6.05 48.86 21.33
N TYR A 724 6.90 47.85 21.45
CA TYR A 724 6.62 46.75 22.39
C TYR A 724 6.48 47.29 23.81
N LYS A 725 7.41 48.14 24.23
CA LYS A 725 7.38 48.70 25.58
C LYS A 725 6.12 49.53 25.79
N CYS A 726 5.77 50.36 24.81
CA CYS A 726 4.57 51.18 24.93
C CYS A 726 3.31 50.32 25.07
N LEU A 727 3.17 49.31 24.22
CA LEU A 727 2.00 48.45 24.27
C LEU A 727 1.95 47.66 25.57
N SER A 728 3.11 47.18 26.05
CA SER A 728 3.13 46.45 27.30
C SER A 728 2.70 47.33 28.46
N GLU A 729 3.18 48.57 28.50
CA GLU A 729 2.75 49.48 29.56
C GLU A 729 1.26 49.76 29.47
N ASN A 730 0.73 49.94 28.26
CA ASN A 730 -0.70 50.18 28.12
C ASN A 730 -1.51 48.99 28.63
N ILE A 731 -1.10 47.77 28.25
CA ILE A 731 -1.82 46.58 28.70
C ILE A 731 -1.77 46.45 30.21
N SER A 732 -0.59 46.68 30.79
CA SER A 732 -0.46 46.57 32.24
C SER A 732 -1.34 47.57 32.95
N ALA A 733 -1.36 48.82 32.48
CA ALA A 733 -2.21 49.82 33.10
C ALA A 733 -3.68 49.44 32.98
N ALA A 734 -4.10 48.96 31.81
CA ALA A 734 -5.50 48.59 31.63
C ALA A 734 -5.89 47.46 32.57
N ILE A 735 -5.06 46.42 32.66
CA ILE A 735 -5.39 45.28 33.51
C ILE A 735 -5.38 45.68 34.97
N GLN A 736 -4.43 46.54 35.37
CA GLN A 736 -4.37 46.98 36.76
C GLN A 736 -5.58 47.82 37.13
N ALA A 737 -6.04 48.68 36.23
CA ALA A 737 -7.14 49.59 36.54
C ALA A 737 -8.51 49.00 36.24
N ASN A 738 -8.60 47.83 35.62
CA ASN A 738 -9.89 47.25 35.29
C ASN A 738 -10.00 45.76 35.58
N GLY A 739 -8.96 45.11 36.10
CA GLY A 739 -9.00 43.70 36.39
C GLY A 739 -8.64 42.86 35.17
N GLU A 740 -8.55 41.55 35.41
CA GLU A 740 -8.12 40.62 34.38
C GLU A 740 -9.18 40.36 33.33
N MET A 741 -10.42 40.86 33.52
CA MET A 741 -11.47 40.64 32.53
C MET A 741 -11.15 41.34 31.22
N VAL A 742 -10.41 42.43 31.26
CA VAL A 742 -10.12 43.21 30.05
C VAL A 742 -9.25 42.47 29.06
N THR A 743 -8.61 41.36 29.48
CA THR A 743 -7.73 40.65 28.57
C THR A 743 -8.47 40.08 27.37
N LYS A 744 -9.80 40.00 27.43
CA LYS A 744 -10.60 39.46 26.33
C LYS A 744 -11.16 40.55 25.42
N GLN A 745 -10.81 41.80 25.64
CA GLN A 745 -11.26 42.86 24.74
C GLN A 745 -10.48 42.83 23.43
N PRO A 746 -11.08 43.28 22.33
CA PRO A 746 -10.35 43.24 21.05
C PRO A 746 -9.05 44.02 21.06
N LEU A 747 -9.03 45.20 21.70
CA LEU A 747 -7.82 46.03 21.67
C LEU A 747 -6.69 45.39 22.47
N ILE A 748 -7.01 44.85 23.65
CA ILE A 748 -5.99 44.18 24.44
C ILE A 748 -5.49 42.95 23.71
N ARG A 749 -6.38 42.23 23.03
CA ARG A 749 -5.96 41.08 22.23
C ARG A 749 -5.01 41.51 21.13
N SER A 750 -5.31 42.62 20.45
CA SER A 750 -4.42 43.11 19.40
C SER A 750 -3.06 43.49 19.95
N MET A 751 -3.03 44.17 21.10
CA MET A 751 -1.75 44.56 21.69
C MET A 751 -0.93 43.34 22.08
N ARG A 752 -1.58 42.34 22.68
CA ARG A 752 -0.86 41.11 23.03
C ARG A 752 -0.35 40.41 21.78
N THR A 753 -1.13 40.42 20.70
CA THR A 753 -0.68 39.85 19.45
C THR A 753 0.58 40.55 18.95
N VAL A 754 0.59 41.89 19.01
CA VAL A 754 1.76 42.63 18.58
C VAL A 754 2.98 42.27 19.42
N LYS A 755 2.80 42.19 20.73
CA LYS A 755 3.93 41.82 21.60
C LYS A 755 4.46 40.43 21.26
N ARG A 756 3.55 39.47 21.07
CA ARG A 756 3.97 38.11 20.79
C ARG A 756 4.65 38.00 19.44
N GLU A 757 4.19 38.79 18.45
CA GLU A 757 4.85 38.77 17.15
C GLU A 757 6.24 39.40 17.23
N THR A 758 6.40 40.47 18.02
CA THR A 758 7.73 41.03 18.23
C THR A 758 8.67 39.99 18.82
N LEU A 759 8.23 39.31 19.87
CA LEU A 759 9.06 38.28 20.50
C LEU A 759 9.37 37.15 19.52
N LYS A 760 8.37 36.73 18.73
CA LYS A 760 8.58 35.67 17.77
C LYS A 760 9.61 36.07 16.72
N LEU A 761 9.54 37.32 16.24
CA LEU A 761 10.52 37.78 15.26
C LEU A 761 11.93 37.75 15.85
N ILE A 762 12.08 38.28 17.06
CA ILE A 762 13.42 38.33 17.66
C ILE A 762 13.98 36.92 17.84
N SER A 763 13.19 36.03 18.46
CA SER A 763 13.67 34.68 18.71
C SER A 763 13.92 33.93 17.42
N GLY A 764 13.04 34.11 16.43
CA GLY A 764 13.21 33.40 15.17
C GLY A 764 14.46 33.81 14.43
N TRP A 765 14.78 35.11 14.42
CA TRP A 765 16.03 35.50 13.79
C TRP A 765 17.22 35.00 14.58
N VAL A 766 17.18 35.09 15.90
CA VAL A 766 18.33 34.63 16.69
C VAL A 766 18.57 33.15 16.45
N SER A 767 17.50 32.37 16.30
CA SER A 767 17.64 30.93 16.07
C SER A 767 18.37 30.62 14.77
N ARG A 768 18.39 31.56 13.82
CA ARG A 768 18.95 31.32 12.49
C ARG A 768 20.15 32.18 12.19
N SER A 769 20.67 32.91 13.17
CA SER A 769 21.87 33.71 12.96
C SER A 769 23.09 32.80 12.86
N ASN A 770 24.18 33.37 12.36
CA ASN A 770 25.46 32.65 12.21
C ASN A 770 26.61 33.52 12.68
N ASP A 771 26.42 34.24 13.78
CA ASP A 771 27.47 35.09 14.34
C ASP A 771 27.15 35.41 15.79
N PRO A 772 27.36 34.46 16.72
CA PRO A 772 26.94 34.70 18.11
C PRO A 772 27.54 35.94 18.72
N GLN A 773 28.79 36.26 18.42
CA GLN A 773 29.43 37.42 19.02
C GLN A 773 28.72 38.70 18.60
N MET A 774 28.42 38.85 17.32
CA MET A 774 27.74 40.04 16.84
C MET A 774 26.34 40.16 17.46
N VAL A 775 25.61 39.04 17.53
CA VAL A 775 24.29 39.07 18.13
C VAL A 775 24.38 39.54 19.58
N ALA A 776 25.29 38.93 20.36
CA ALA A 776 25.41 39.30 21.76
C ALA A 776 25.83 40.75 21.92
N GLU A 777 26.66 41.26 21.01
CA GLU A 777 27.15 42.63 21.15
C GLU A 777 26.10 43.66 20.75
N ASN A 778 25.21 43.33 19.80
CA ASN A 778 24.29 44.32 19.24
C ASN A 778 22.84 44.14 19.66
N PHE A 779 22.27 42.95 19.48
CA PHE A 779 20.83 42.78 19.60
C PHE A 779 20.37 42.41 21.00
N VAL A 780 21.25 41.89 21.85
CA VAL A 780 20.86 41.41 23.17
C VAL A 780 20.74 42.56 24.16
N PRO A 781 21.70 43.48 24.25
CA PRO A 781 21.67 44.50 25.30
C PRO A 781 20.37 45.29 25.31
N PRO A 782 19.82 45.64 24.14
CA PRO A 782 18.53 46.35 24.15
C PRO A 782 17.40 45.57 24.79
N LEU A 783 17.41 44.23 24.68
CA LEU A 783 16.33 43.43 25.26
C LEU A 783 16.25 43.62 26.76
N LEU A 784 17.40 43.67 27.44
CA LEU A 784 17.39 43.73 28.89
C LEU A 784 16.63 44.96 29.38
N ASP A 785 16.86 46.12 28.76
CA ASP A 785 16.16 47.32 29.17
C ASP A 785 14.72 47.34 28.66
N ALA A 786 14.49 46.83 27.45
CA ALA A 786 13.19 46.99 26.81
C ALA A 786 12.21 45.90 27.18
N VAL A 787 12.64 44.65 27.26
CA VAL A 787 11.75 43.51 27.38
C VAL A 787 11.80 42.88 28.76
N LEU A 788 12.98 42.80 29.37
CA LEU A 788 13.12 42.11 30.65
C LEU A 788 12.70 43.00 31.82
N ILE A 789 13.21 44.22 31.86
CA ILE A 789 12.81 45.14 32.93
C ILE A 789 11.34 45.50 32.77
N ASP A 790 10.86 45.61 31.53
CA ASP A 790 9.43 45.82 31.31
C ASP A 790 8.62 44.64 31.83
N TYR A 791 9.11 43.42 31.61
CA TYR A 791 8.46 42.23 32.15
C TYR A 791 8.42 42.28 33.66
N GLN A 792 9.51 42.71 34.29
CA GLN A 792 9.54 42.81 35.75
C GLN A 792 8.55 43.84 36.26
N ARG A 793 8.44 44.97 35.57
CA ARG A 793 7.58 46.07 36.03
C ARG A 793 6.09 45.80 35.81
N ASN A 794 5.74 44.86 34.95
CA ASN A 794 4.33 44.56 34.71
C ASN A 794 3.72 43.88 35.93
N VAL A 795 2.40 43.99 36.03
CA VAL A 795 1.65 43.30 37.09
C VAL A 795 1.62 41.82 36.74
N PRO A 796 1.46 40.92 37.71
CA PRO A 796 1.55 39.49 37.40
C PRO A 796 0.59 39.02 36.31
N ALA A 797 -0.60 39.60 36.25
CA ALA A 797 -1.59 39.18 35.26
C ALA A 797 -1.33 39.75 33.88
N ALA A 798 -0.37 40.67 33.74
CA ALA A 798 -0.05 41.28 32.45
C ALA A 798 1.29 40.85 31.91
N ARG A 799 1.96 39.89 32.56
CA ARG A 799 3.28 39.46 32.13
C ARG A 799 3.18 38.42 31.02
N GLU A 800 4.07 38.52 30.05
CA GLU A 800 4.08 37.61 28.90
C GLU A 800 4.93 36.38 29.23
N PRO A 801 4.36 35.18 29.23
CA PRO A 801 5.23 33.99 29.39
C PRO A 801 6.21 33.81 28.25
N GLU A 802 5.87 34.29 27.05
CA GLU A 802 6.76 34.11 25.92
C GLU A 802 8.11 34.77 26.14
N VAL A 803 8.15 35.83 26.97
CA VAL A 803 9.43 36.46 27.29
C VAL A 803 10.39 35.44 27.87
N LEU A 804 9.88 34.53 28.71
CA LEU A 804 10.74 33.54 29.33
C LEU A 804 11.19 32.49 28.32
N SER A 805 10.43 32.28 27.25
CA SER A 805 10.84 31.30 26.24
C SER A 805 11.80 31.93 25.24
N THR A 806 11.52 33.17 24.82
CA THR A 806 12.43 33.85 23.91
C THR A 806 13.86 33.81 24.43
N MET A 807 14.05 34.22 25.70
CA MET A 807 15.39 34.20 26.26
C MET A 807 16.00 32.82 26.20
N ALA A 808 15.20 31.78 26.46
CA ALA A 808 15.73 30.43 26.35
C ALA A 808 16.30 30.20 24.96
N ILE A 809 15.53 30.56 23.92
CA ILE A 809 15.99 30.36 22.55
C ILE A 809 17.28 31.13 22.32
N ILE A 810 17.44 32.29 22.97
CA ILE A 810 18.69 33.03 22.85
C ILE A 810 19.81 32.30 23.58
N VAL A 811 19.53 31.83 24.80
CA VAL A 811 20.58 31.18 25.59
C VAL A 811 21.04 29.89 24.92
N ASN A 812 20.10 29.14 24.34
CA ASN A 812 20.46 27.93 23.61
C ASN A 812 21.34 28.24 22.41
N LYS A 813 21.30 29.47 21.90
CA LYS A 813 22.04 29.82 20.69
C LYS A 813 23.37 30.49 21.01
N LEU A 814 23.35 31.59 21.79
CA LEU A 814 24.58 32.31 22.08
C LEU A 814 25.44 31.57 23.10
N GLY A 815 24.81 30.81 23.99
CA GLY A 815 25.53 30.02 24.97
C GLY A 815 26.63 30.78 25.68
N GLY A 816 27.88 30.35 25.48
CA GLY A 816 28.99 30.93 26.20
C GLY A 816 29.19 32.42 25.94
N HIS A 817 28.60 32.94 24.87
CA HIS A 817 28.73 34.36 24.58
C HIS A 817 27.78 35.23 25.39
N ILE A 818 26.77 34.64 26.02
CA ILE A 818 25.81 35.40 26.82
C ILE A 818 25.91 35.03 28.30
N THR A 819 27.01 34.39 28.70
CA THR A 819 27.18 34.00 30.09
C THR A 819 27.46 35.19 31.00
N ALA A 820 27.95 36.30 30.43
CA ALA A 820 28.24 37.48 31.24
C ALA A 820 27.00 38.27 31.61
N GLU A 821 25.88 38.04 30.91
CA GLU A 821 24.64 38.77 31.17
C GLU A 821 23.59 37.93 31.88
N ILE A 822 23.90 36.67 32.23
CA ILE A 822 22.94 35.85 32.96
C ILE A 822 22.55 36.49 34.28
N PRO A 823 23.47 37.07 35.06
CA PRO A 823 23.02 37.73 36.30
C PRO A 823 21.97 38.80 36.09
N GLN A 824 22.08 39.58 35.01
CA GLN A 824 21.08 40.62 34.74
C GLN A 824 19.74 39.99 34.40
N ILE A 825 19.74 38.97 33.54
CA ILE A 825 18.49 38.31 33.17
C ILE A 825 17.83 37.71 34.39
N PHE A 826 18.62 37.10 35.28
CA PHE A 826 18.06 36.53 36.50
C PHE A 826 17.49 37.61 37.40
N ASP A 827 18.26 38.66 37.68
CA ASP A 827 17.74 39.76 38.48
C ASP A 827 16.46 40.32 37.89
N ALA A 828 16.30 40.23 36.58
CA ALA A 828 15.10 40.77 35.94
C ALA A 828 13.89 39.85 36.12
N VAL A 829 14.03 38.57 35.80
CA VAL A 829 12.88 37.70 35.66
C VAL A 829 12.76 36.65 36.77
N PHE A 830 13.86 36.16 37.31
CA PHE A 830 13.82 34.98 38.17
C PHE A 830 12.98 35.20 39.40
N GLU A 831 13.26 36.28 40.15
CA GLU A 831 12.57 36.50 41.41
C GLU A 831 11.08 36.67 41.21
N CYS A 832 10.69 37.51 40.25
CA CYS A 832 9.27 37.76 40.04
C CYS A 832 8.54 36.50 39.57
N THR A 833 9.12 35.77 38.62
CA THR A 833 8.45 34.56 38.15
C THR A 833 8.33 33.54 39.27
N LEU A 834 9.40 33.34 40.05
CA LEU A 834 9.36 32.36 41.12
C LEU A 834 8.33 32.73 42.17
N ASN A 835 8.28 34.00 42.56
CA ASN A 835 7.25 34.43 43.50
C ASN A 835 5.86 34.28 42.89
N MET A 836 5.75 34.33 41.57
CA MET A 836 4.47 34.16 40.92
C MET A 836 4.02 32.70 40.90
N ILE A 837 4.95 31.75 40.88
CA ILE A 837 4.61 30.35 40.66
C ILE A 837 5.04 29.45 41.83
N ASN A 838 5.25 30.00 43.03
CA ASN A 838 5.69 29.19 44.16
C ASN A 838 4.62 29.06 45.24
N LYS A 839 3.37 29.40 44.93
CA LYS A 839 2.28 29.29 45.89
C LYS A 839 1.50 27.98 45.77
N ASP A 840 1.36 27.45 44.56
CA ASP A 840 0.69 26.18 44.34
C ASP A 840 1.29 25.53 43.10
N PHE A 841 0.62 24.51 42.58
CA PHE A 841 1.07 23.80 41.39
C PHE A 841 0.13 23.97 40.21
N GLU A 842 -0.81 24.92 40.27
CA GLU A 842 -1.88 25.03 39.29
C GLU A 842 -1.80 26.30 38.46
N GLU A 843 -1.79 27.47 39.09
CA GLU A 843 -1.95 28.72 38.35
C GLU A 843 -0.69 29.03 37.53
N TYR A 844 -0.90 29.75 36.43
CA TYR A 844 0.17 30.19 35.55
C TYR A 844 0.92 29.01 34.95
N PRO A 845 0.27 28.15 34.16
CA PRO A 845 1.00 27.00 33.60
C PRO A 845 2.06 27.40 32.59
N GLU A 846 1.76 28.36 31.71
CA GLU A 846 2.73 28.79 30.71
C GLU A 846 3.96 29.38 31.37
N HIS A 847 3.77 30.17 32.43
CA HIS A 847 4.92 30.72 33.13
C HIS A 847 5.78 29.62 33.75
N ARG A 848 5.15 28.62 34.35
CA ARG A 848 5.93 27.50 34.89
C ARG A 848 6.75 26.82 33.81
N THR A 849 6.09 26.45 32.71
CA THR A 849 6.79 25.75 31.63
C THR A 849 7.96 26.56 31.12
N ASN A 850 7.72 27.82 30.76
CA ASN A 850 8.78 28.62 30.15
C ASN A 850 9.86 28.98 31.16
N PHE A 851 9.51 29.21 32.42
CA PHE A 851 10.51 29.50 33.44
C PHE A 851 11.47 28.34 33.62
N PHE A 852 10.94 27.12 33.68
CA PHE A 852 11.84 25.99 33.86
C PHE A 852 12.58 25.65 32.57
N LEU A 853 12.01 25.95 31.40
CA LEU A 853 12.78 25.80 30.16
C LEU A 853 13.95 26.79 30.13
N LEU A 854 13.72 28.03 30.55
CA LEU A 854 14.82 29.01 30.62
C LEU A 854 15.88 28.56 31.62
N LEU A 855 15.44 28.06 32.79
CA LEU A 855 16.40 27.57 33.77
C LEU A 855 17.21 26.42 33.21
N GLN A 856 16.56 25.51 32.47
CA GLN A 856 17.28 24.39 31.85
C GLN A 856 18.29 24.89 30.83
N ALA A 857 17.90 25.89 30.02
CA ALA A 857 18.83 26.44 29.04
C ALA A 857 20.06 27.03 29.71
N VAL A 858 19.83 27.81 30.78
CA VAL A 858 20.95 28.42 31.49
C VAL A 858 21.85 27.34 32.10
N ASN A 859 21.24 26.32 32.71
CA ASN A 859 22.03 25.27 33.32
C ASN A 859 22.86 24.52 32.29
N SER A 860 22.28 24.23 31.12
CA SER A 860 22.99 23.44 30.13
C SER A 860 24.11 24.24 29.47
N HIS A 861 23.83 25.48 29.09
CA HIS A 861 24.77 26.23 28.26
C HIS A 861 25.57 27.29 29.01
N CYS A 862 25.07 27.79 30.14
CA CYS A 862 25.70 28.88 30.86
C CYS A 862 25.87 28.52 32.33
N PHE A 863 26.36 27.31 32.61
CA PHE A 863 26.53 26.89 34.00
C PHE A 863 27.46 27.81 34.78
N PRO A 864 28.59 28.26 34.25
CA PRO A 864 29.47 29.15 35.04
C PRO A 864 28.76 30.40 35.54
N ALA A 865 27.62 30.77 34.95
CA ALA A 865 26.86 31.89 35.47
C ALA A 865 26.37 31.62 36.90
N PHE A 866 26.19 30.34 37.26
CA PHE A 866 25.79 30.00 38.62
C PHE A 866 26.91 30.25 39.62
N LEU A 867 28.16 30.31 39.16
CA LEU A 867 29.27 30.63 40.05
C LEU A 867 29.41 32.12 40.31
N ALA A 868 28.74 32.96 39.52
CA ALA A 868 28.81 34.40 39.71
C ALA A 868 27.68 34.94 40.58
N ILE A 869 26.52 34.28 40.57
CA ILE A 869 25.41 34.71 41.40
C ILE A 869 25.73 34.42 42.86
N PRO A 870 25.15 35.13 43.81
CA PRO A 870 25.50 34.91 45.23
C PRO A 870 25.04 33.54 45.68
N PRO A 871 25.59 33.03 46.79
CA PRO A 871 25.14 31.72 47.29
C PRO A 871 23.65 31.68 47.58
N THR A 872 23.06 32.78 48.04
CA THR A 872 21.63 32.81 48.28
C THR A 872 20.83 32.59 47.00
N GLN A 873 21.27 33.22 45.91
CA GLN A 873 20.57 33.03 44.65
C GLN A 873 20.75 31.61 44.11
N PHE A 874 21.91 31.00 44.35
CA PHE A 874 22.06 29.60 43.99
C PHE A 874 21.15 28.71 44.81
N LYS A 875 20.99 29.02 46.09
CA LYS A 875 20.02 28.28 46.90
C LYS A 875 18.62 28.43 46.36
N LEU A 876 18.26 29.64 45.93
CA LEU A 876 16.94 29.84 45.33
C LEU A 876 16.80 29.03 44.04
N VAL A 877 17.84 28.98 43.23
CA VAL A 877 17.79 28.22 41.99
C VAL A 877 17.59 26.74 42.29
N LEU A 878 18.32 26.21 43.27
CA LEU A 878 18.18 24.81 43.61
C LEU A 878 16.81 24.52 44.21
N ASP A 879 16.29 25.43 45.04
CA ASP A 879 14.94 25.26 45.58
C ASP A 879 13.90 25.24 44.47
N SER A 880 14.07 26.11 43.46
CA SER A 880 13.15 26.10 42.33
C SER A 880 13.24 24.79 41.56
N ILE A 881 14.46 24.26 41.40
CA ILE A 881 14.63 22.98 40.72
C ILE A 881 13.92 21.88 41.49
N ILE A 882 14.05 21.88 42.81
CA ILE A 882 13.35 20.89 43.64
C ILE A 882 11.85 21.06 43.49
N TRP A 883 11.38 22.30 43.50
CA TRP A 883 9.96 22.60 43.29
C TRP A 883 9.48 22.16 41.91
N ALA A 884 10.39 22.03 40.95
CA ALA A 884 9.99 21.65 39.60
C ALA A 884 9.46 20.22 39.55
N PHE A 885 10.20 19.27 40.11
CA PHE A 885 9.84 17.85 39.95
C PHE A 885 8.88 17.37 41.02
N LYS A 886 8.36 18.26 41.86
CA LYS A 886 7.23 17.95 42.71
C LYS A 886 5.90 18.27 42.07
N HIS A 887 5.91 18.80 40.85
CA HIS A 887 4.67 19.11 40.13
C HIS A 887 3.98 17.84 39.68
N THR A 888 2.66 17.90 39.59
CA THR A 888 1.87 16.86 38.94
C THR A 888 1.74 17.06 37.44
N MET A 889 2.16 18.21 36.92
CA MET A 889 2.24 18.41 35.48
C MET A 889 3.46 17.69 34.95
N ARG A 890 3.25 16.83 33.94
CA ARG A 890 4.33 15.97 33.47
C ARG A 890 5.47 16.79 32.85
N ASN A 891 5.15 17.79 32.05
CA ASN A 891 6.21 18.53 31.36
C ASN A 891 7.11 19.25 32.36
N VAL A 892 6.51 19.91 33.35
CA VAL A 892 7.31 20.66 34.33
C VAL A 892 8.16 19.72 35.17
N ALA A 893 7.57 18.60 35.61
CA ALA A 893 8.33 17.65 36.42
C ALA A 893 9.48 17.03 35.62
N ASP A 894 9.22 16.69 34.35
CA ASP A 894 10.28 16.17 33.51
C ASP A 894 11.40 17.17 33.32
N THR A 895 11.04 18.44 33.09
CA THR A 895 12.07 19.47 32.95
C THR A 895 12.87 19.62 34.24
N GLY A 896 12.20 19.55 35.39
CA GLY A 896 12.92 19.63 36.66
C GLY A 896 13.88 18.48 36.86
N LEU A 897 13.47 17.27 36.52
CA LEU A 897 14.36 16.12 36.66
C LEU A 897 15.55 16.23 35.72
N GLN A 898 15.30 16.67 34.47
CA GLN A 898 16.41 16.86 33.55
C GLN A 898 17.39 17.91 34.05
N ILE A 899 16.86 19.03 34.59
CA ILE A 899 17.72 20.07 35.12
C ILE A 899 18.54 19.54 36.27
N LEU A 900 17.93 18.76 37.17
CA LEU A 900 18.66 18.24 38.31
C LEU A 900 19.77 17.30 37.87
N PHE A 901 19.48 16.41 36.92
CA PHE A 901 20.50 15.47 36.45
C PHE A 901 21.66 16.21 35.80
N THR A 902 21.35 17.19 34.95
CA THR A 902 22.41 17.96 34.30
C THR A 902 23.22 18.76 35.31
N LEU A 903 22.55 19.33 36.33
CA LEU A 903 23.27 20.09 37.34
C LEU A 903 24.22 19.19 38.12
N LEU A 904 23.77 17.99 38.49
CA LEU A 904 24.66 17.06 39.18
C LEU A 904 25.86 16.71 38.31
N GLN A 905 25.62 16.43 37.03
CA GLN A 905 26.73 16.09 36.14
C GLN A 905 27.71 17.26 36.01
N ASN A 906 27.19 18.48 35.85
CA ASN A 906 28.07 19.65 35.71
C ASN A 906 28.88 19.89 36.97
N VAL A 907 28.25 19.76 38.14
CA VAL A 907 28.98 19.95 39.39
C VAL A 907 30.04 18.87 39.57
N ALA A 908 29.77 17.65 39.12
CA ALA A 908 30.76 16.59 39.27
C ALA A 908 32.08 16.94 38.58
N GLN A 909 32.01 17.64 37.45
CA GLN A 909 33.23 17.94 36.68
C GLN A 909 34.17 18.85 37.46
N GLU A 910 33.63 19.85 38.14
CA GLU A 910 34.46 20.82 38.87
C GLU A 910 34.72 20.30 40.27
N GLU A 911 35.84 19.59 40.44
CA GLU A 911 36.16 19.00 41.74
C GLU A 911 36.47 20.04 42.81
N ALA A 912 36.65 21.30 42.44
CA ALA A 912 36.94 22.33 43.42
C ALA A 912 35.73 22.59 44.32
N ALA A 913 34.64 23.05 43.73
CA ALA A 913 33.41 23.34 44.46
C ALA A 913 32.49 22.14 44.59
N ALA A 914 32.84 21.01 43.98
CA ALA A 914 31.97 19.84 44.06
C ALA A 914 31.81 19.38 45.49
N GLN A 915 32.89 19.40 46.27
CA GLN A 915 32.80 18.93 47.65
C GLN A 915 31.89 19.84 48.48
N SER A 916 32.01 21.15 48.31
CA SER A 916 31.12 22.07 49.03
C SER A 916 29.68 21.86 48.61
N PHE A 917 29.43 21.71 47.31
CA PHE A 917 28.07 21.48 46.85
C PHE A 917 27.50 20.20 47.45
N TYR A 918 28.31 19.14 47.48
CA TYR A 918 27.84 17.89 48.07
C TYR A 918 27.51 18.07 49.54
N GLN A 919 28.46 18.59 50.32
CA GLN A 919 28.21 18.77 51.74
C GLN A 919 26.98 19.63 51.98
N THR A 920 26.67 20.55 51.08
CA THR A 920 25.56 21.46 51.31
C THR A 920 24.21 20.87 50.89
N TYR A 921 24.15 20.11 49.79
CA TYR A 921 22.87 19.76 49.19
C TYR A 921 22.67 18.27 48.88
N PHE A 922 23.65 17.40 49.11
CA PHE A 922 23.49 16.00 48.72
C PHE A 922 22.35 15.36 49.48
N CYS A 923 22.34 15.52 50.81
CA CYS A 923 21.30 14.90 51.62
C CYS A 923 19.92 15.48 51.31
N ASP A 924 19.84 16.79 51.10
CA ASP A 924 18.56 17.41 50.78
C ASP A 924 18.02 16.90 49.45
N ILE A 925 18.88 16.82 48.43
CA ILE A 925 18.44 16.33 47.13
C ILE A 925 17.99 14.88 47.25
N LEU A 926 18.75 14.06 47.98
CA LEU A 926 18.37 12.66 48.15
C LEU A 926 17.02 12.55 48.86
N GLN A 927 16.82 13.35 49.91
CA GLN A 927 15.56 13.30 50.65
C GLN A 927 14.38 13.68 49.77
N HIS A 928 14.54 14.73 48.96
CA HIS A 928 13.43 15.16 48.09
C HIS A 928 13.17 14.14 46.99
N ILE A 929 14.23 13.54 46.43
CA ILE A 929 14.03 12.52 45.40
C ILE A 929 13.29 11.33 45.99
N PHE A 930 13.65 10.92 47.21
CA PHE A 930 12.91 9.83 47.83
C PHE A 930 11.48 10.25 48.19
N SER A 931 11.26 11.52 48.48
CA SER A 931 9.92 12.00 48.76
C SER A 931 9.03 11.87 47.53
N VAL A 932 9.56 12.19 46.35
CA VAL A 932 8.76 12.07 45.13
C VAL A 932 8.72 10.66 44.59
N VAL A 933 9.71 9.83 44.91
CA VAL A 933 9.73 8.46 44.40
C VAL A 933 8.64 7.62 45.05
N THR A 934 8.48 7.74 46.36
CA THR A 934 7.50 6.95 47.10
C THR A 934 6.09 7.51 46.99
N ASP A 935 5.85 8.39 46.02
CA ASP A 935 4.55 8.98 45.79
C ASP A 935 3.97 8.42 44.50
N THR A 936 2.74 7.91 44.58
CA THR A 936 2.12 7.27 43.43
C THR A 936 1.78 8.25 42.32
N SER A 937 1.78 9.55 42.59
CA SER A 937 1.44 10.54 41.58
C SER A 937 2.59 10.90 40.66
N HIS A 938 3.80 10.36 40.91
CA HIS A 938 4.97 10.68 40.13
C HIS A 938 5.58 9.46 39.44
N THR A 939 4.89 8.32 39.46
CA THR A 939 5.45 7.11 38.86
C THR A 939 5.79 7.31 37.39
N ALA A 940 5.12 8.25 36.72
CA ALA A 940 5.39 8.50 35.31
C ALA A 940 6.85 8.89 35.09
N GLY A 941 7.48 9.51 36.08
CA GLY A 941 8.87 9.90 35.98
C GLY A 941 9.85 8.89 36.54
N LEU A 942 9.39 7.68 36.87
CA LEU A 942 10.24 6.74 37.59
C LEU A 942 11.59 6.54 36.92
N THR A 943 11.60 6.46 35.59
CA THR A 943 12.86 6.25 34.87
C THR A 943 13.91 7.26 35.29
N MET A 944 13.56 8.55 35.26
CA MET A 944 14.51 9.57 35.66
C MET A 944 14.90 9.38 37.12
N HIS A 945 13.94 9.06 37.98
CA HIS A 945 14.26 8.78 39.37
C HIS A 945 15.28 7.65 39.46
N ALA A 946 15.17 6.65 38.58
CA ALA A 946 16.15 5.57 38.58
C ALA A 946 17.53 6.08 38.22
N SER A 947 17.61 7.02 37.27
CA SER A 947 18.90 7.55 36.85
C SER A 947 19.52 8.39 37.96
N ILE A 948 18.86 9.49 38.33
CA ILE A 948 19.42 10.43 39.30
C ILE A 948 19.92 9.68 40.51
N LEU A 949 19.02 8.96 41.19
CA LEU A 949 19.40 8.22 42.38
C LEU A 949 20.63 7.37 42.11
N ALA A 950 20.59 6.58 41.04
CA ALA A 950 21.73 5.74 40.72
C ALA A 950 22.99 6.58 40.62
N TYR A 951 22.95 7.65 39.81
CA TYR A 951 24.12 8.49 39.65
C TYR A 951 24.63 8.98 40.99
N MET A 952 23.72 9.30 41.90
CA MET A 952 24.15 9.75 43.22
C MET A 952 24.81 8.61 43.99
N PHE A 953 24.15 7.46 44.07
CA PHE A 953 24.68 6.38 44.90
C PHE A 953 25.99 5.87 44.33
N ASN A 954 26.04 5.65 43.02
CA ASN A 954 27.31 5.33 42.37
C ASN A 954 28.35 6.38 42.69
N LEU A 955 27.95 7.67 42.63
CA LEU A 955 28.90 8.74 42.88
C LEU A 955 29.48 8.67 44.29
N VAL A 956 28.82 7.96 45.21
CA VAL A 956 29.36 7.77 46.54
C VAL A 956 30.04 6.42 46.70
N GLU A 957 29.72 5.43 45.86
CA GLU A 957 30.39 4.14 45.94
C GLU A 957 31.79 4.21 45.34
N GLU A 958 32.02 5.11 44.40
CA GLU A 958 33.34 5.32 43.81
C GLU A 958 34.20 6.27 44.62
N GLY A 959 33.69 6.79 45.74
CA GLY A 959 34.45 7.70 46.57
C GLY A 959 34.72 9.04 45.93
N LYS A 960 33.76 9.57 45.16
CA LYS A 960 33.91 10.92 44.62
C LYS A 960 33.67 11.99 45.67
N ILE A 961 32.88 11.68 46.69
CA ILE A 961 32.62 12.64 47.78
C ILE A 961 33.74 12.43 48.79
N SER A 962 34.87 13.08 48.55
CA SER A 962 36.03 12.91 49.42
C SER A 962 35.72 13.38 50.84
N THR A 963 35.08 14.55 50.98
CA THR A 963 34.75 15.06 52.29
C THR A 963 33.60 14.27 52.90
N SER A 964 33.65 14.09 54.22
CA SER A 964 32.61 13.33 54.91
C SER A 964 31.31 14.13 54.91
N LEU A 965 30.21 13.44 54.59
CA LEU A 965 28.90 14.08 54.57
C LEU A 965 28.33 14.31 55.96
N ASN A 966 28.93 13.72 57.00
CA ASN A 966 28.43 13.87 58.36
C ASN A 966 29.38 14.75 59.16
N PRO A 967 29.02 16.00 59.47
CA PRO A 967 29.94 16.86 60.24
C PRO A 967 30.21 16.35 61.64
N GLY A 968 29.37 15.46 62.17
CA GLY A 968 29.56 15.00 63.54
C GLY A 968 30.92 14.36 63.75
N ASN A 969 31.29 13.43 62.87
CA ASN A 969 32.59 12.77 62.93
C ASN A 969 32.91 12.20 61.57
N PRO A 970 34.20 12.00 61.24
CA PRO A 970 34.53 11.35 59.97
C PRO A 970 34.12 9.88 59.96
N VAL A 971 33.16 9.53 59.11
CA VAL A 971 32.72 8.16 58.93
C VAL A 971 32.61 7.87 57.44
N ASN A 972 32.73 6.60 57.09
CA ASN A 972 32.63 6.20 55.70
C ASN A 972 31.28 6.63 55.11
N ASN A 973 31.32 7.22 53.92
CA ASN A 973 30.09 7.73 53.31
C ASN A 973 29.12 6.59 53.00
N GLN A 974 29.63 5.46 52.51
CA GLN A 974 28.76 4.35 52.15
C GLN A 974 28.05 3.76 53.36
N ILE A 975 28.52 4.02 54.57
CA ILE A 975 27.83 3.58 55.78
C ILE A 975 26.86 4.65 56.26
N PHE A 976 27.33 5.90 56.30
CA PHE A 976 26.45 6.99 56.71
C PHE A 976 25.24 7.09 55.80
N LEU A 977 25.42 6.95 54.50
CA LEU A 977 24.29 7.03 53.58
C LEU A 977 23.31 5.90 53.82
N GLN A 978 23.82 4.69 54.06
CA GLN A 978 22.91 3.57 54.33
C GLN A 978 22.08 3.83 55.58
N GLU A 979 22.72 4.29 56.66
CA GLU A 979 21.97 4.59 57.88
C GLU A 979 20.97 5.72 57.63
N TYR A 980 21.40 6.76 56.91
CA TYR A 980 20.53 7.91 56.67
C TYR A 980 19.30 7.50 55.88
N VAL A 981 19.49 6.72 54.81
CA VAL A 981 18.36 6.32 53.99
C VAL A 981 17.46 5.35 54.74
N ALA A 982 18.03 4.44 55.53
CA ALA A 982 17.22 3.52 56.30
C ALA A 982 16.35 4.28 57.31
N ASN A 983 16.93 5.26 57.99
CA ASN A 983 16.12 6.05 58.93
C ASN A 983 15.10 6.90 58.21
N LEU A 984 15.45 7.41 57.02
CA LEU A 984 14.52 8.23 56.26
C LEU A 984 13.30 7.43 55.84
N LEU A 985 13.51 6.21 55.35
CA LEU A 985 12.40 5.39 54.89
C LEU A 985 11.62 4.79 56.05
N LYS A 986 12.32 4.40 57.12
CA LYS A 986 11.63 3.82 58.27
C LYS A 986 10.71 4.83 58.94
N SER A 987 11.16 6.08 59.06
CA SER A 987 10.34 7.09 59.72
C SER A 987 9.18 7.55 58.85
N ALA A 988 9.34 7.53 57.53
CA ALA A 988 8.25 7.91 56.64
C ALA A 988 7.20 6.82 56.52
N PHE A 989 7.61 5.56 56.61
CA PHE A 989 6.71 4.40 56.49
C PHE A 989 6.99 3.47 57.67
N PRO A 990 6.49 3.81 58.86
CA PRO A 990 6.82 3.00 60.04
C PRO A 990 6.34 1.56 59.96
N HIS A 991 5.35 1.25 59.13
CA HIS A 991 4.84 -0.11 59.04
C HIS A 991 5.81 -1.06 58.35
N LEU A 992 6.87 -0.54 57.74
CA LEU A 992 7.86 -1.41 57.09
C LEU A 992 8.69 -2.14 58.13
N GLN A 993 9.03 -3.39 57.83
CA GLN A 993 9.96 -4.13 58.66
C GLN A 993 11.38 -3.65 58.40
N ASP A 994 12.25 -3.82 59.41
CA ASP A 994 13.63 -3.42 59.26
C ASP A 994 14.34 -4.25 58.20
N ALA A 995 13.99 -5.54 58.10
CA ALA A 995 14.67 -6.42 57.15
C ALA A 995 14.49 -5.95 55.72
N GLN A 996 13.25 -5.60 55.35
CA GLN A 996 13.01 -5.21 53.96
C GLN A 996 13.54 -3.81 53.67
N VAL A 997 13.55 -2.92 54.67
CA VAL A 997 14.19 -1.62 54.47
C VAL A 997 15.69 -1.79 54.22
N LYS A 998 16.33 -2.65 55.02
CA LYS A 998 17.76 -2.89 54.82
C LYS A 998 18.01 -3.53 53.47
N LEU A 999 17.14 -4.45 53.05
CA LEU A 999 17.28 -5.07 51.73
C LEU A 999 17.15 -4.03 50.63
N PHE A 1000 16.19 -3.11 50.76
CA PHE A 1000 16.03 -2.06 49.77
C PHE A 1000 17.26 -1.17 49.68
N VAL A 1001 17.82 -0.80 50.84
CA VAL A 1001 19.01 0.05 50.83
C VAL A 1001 20.19 -0.68 50.21
N THR A 1002 20.35 -1.97 50.53
CA THR A 1002 21.41 -2.75 49.92
C THR A 1002 21.24 -2.82 48.40
N GLY A 1003 20.01 -3.02 47.94
CA GLY A 1003 19.77 -3.01 46.51
C GLY A 1003 20.08 -1.66 45.88
N LEU A 1004 19.77 -0.57 46.59
CA LEU A 1004 20.11 0.75 46.08
C LEU A 1004 21.61 0.88 45.89
N PHE A 1005 22.39 0.38 46.86
CA PHE A 1005 23.84 0.49 46.76
C PHE A 1005 24.47 -0.57 45.86
N SER A 1006 23.72 -1.58 45.43
CA SER A 1006 24.25 -2.64 44.59
C SER A 1006 23.89 -2.47 43.12
N LEU A 1007 22.65 -2.11 42.81
CA LEU A 1007 22.16 -2.01 41.44
C LEU A 1007 22.38 -0.63 40.84
N ASN A 1008 23.33 0.15 41.37
CA ASN A 1008 23.49 1.54 40.94
C ASN A 1008 24.07 1.66 39.54
N GLN A 1009 24.55 0.56 38.94
CA GLN A 1009 25.07 0.58 37.58
C GLN A 1009 24.22 -0.25 36.62
N ASP A 1010 22.96 -0.54 36.98
CA ASP A 1010 22.03 -1.26 36.12
C ASP A 1010 20.68 -0.55 36.25
N ILE A 1011 20.44 0.42 35.36
CA ILE A 1011 19.26 1.27 35.50
C ILE A 1011 17.96 0.48 35.42
N PRO A 1012 17.77 -0.44 34.46
CA PRO A 1012 16.52 -1.21 34.47
C PRO A 1012 16.29 -2.00 35.75
N ALA A 1013 17.35 -2.62 36.28
CA ALA A 1013 17.22 -3.33 37.55
C ALA A 1013 16.92 -2.36 38.68
N PHE A 1014 17.53 -1.17 38.66
CA PHE A 1014 17.23 -0.16 39.66
C PHE A 1014 15.77 0.26 39.62
N LYS A 1015 15.24 0.43 38.40
CA LYS A 1015 13.84 0.80 38.25
C LYS A 1015 12.91 -0.30 38.74
N GLU A 1016 13.25 -1.56 38.46
CA GLU A 1016 12.46 -2.66 39.01
C GLU A 1016 12.52 -2.68 40.52
N HIS A 1017 13.70 -2.38 41.09
CA HIS A 1017 13.84 -2.29 42.54
C HIS A 1017 12.91 -1.22 43.11
N LEU A 1018 12.87 -0.05 42.46
CA LEU A 1018 12.00 1.02 42.92
C LEU A 1018 10.53 0.62 42.83
N ARG A 1019 10.14 -0.04 41.74
CA ARG A 1019 8.76 -0.49 41.62
C ARG A 1019 8.41 -1.50 42.70
N ASP A 1020 9.33 -2.42 43.00
CA ASP A 1020 9.08 -3.38 44.07
C ASP A 1020 8.88 -2.67 45.40
N PHE A 1021 9.70 -1.67 45.69
CA PHE A 1021 9.53 -0.93 46.94
C PHE A 1021 8.20 -0.20 46.98
N LEU A 1022 7.81 0.41 45.86
CA LEU A 1022 6.52 1.08 45.80
C LEU A 1022 5.38 0.11 46.08
N VAL A 1023 5.47 -1.10 45.54
CA VAL A 1023 4.47 -2.12 45.84
C VAL A 1023 4.49 -2.46 47.33
N GLN A 1024 5.69 -2.60 47.90
CA GLN A 1024 5.80 -3.04 49.29
C GLN A 1024 5.20 -2.02 50.26
N ILE A 1025 5.44 -0.72 50.01
CA ILE A 1025 4.99 0.29 50.96
C ILE A 1025 3.47 0.42 51.03
N LYS A 1026 2.74 -0.23 50.12
CA LYS A 1026 1.29 -0.13 50.10
C LYS A 1026 0.59 -1.12 51.02
N GLU A 1027 1.29 -2.12 51.55
CA GLU A 1027 0.68 -3.18 52.33
C GLU A 1027 1.39 -3.34 53.66
N PHE A 1028 0.61 -3.73 54.67
CA PHE A 1028 1.11 -3.92 56.03
C PHE A 1028 1.47 -5.40 56.20
N ALA A 1029 2.76 -5.70 56.26
CA ALA A 1029 3.22 -7.07 56.42
C ALA A 1029 3.30 -7.51 57.87
N GLY A 1030 3.20 -6.59 58.82
CA GLY A 1030 3.31 -6.94 60.22
C GLY A 1030 4.62 -7.61 60.54
N GLU A 1031 4.59 -8.91 60.82
CA GLU A 1031 5.77 -9.71 61.11
C GLU A 1031 5.72 -11.01 60.31
N ASP A 1032 5.38 -10.91 59.03
CA ASP A 1032 5.28 -12.05 58.14
C ASP A 1032 6.39 -11.96 57.09
N THR A 1033 7.20 -13.01 56.98
CA THR A 1033 8.29 -13.07 56.02
C THR A 1033 8.02 -14.09 54.92
N SER A 1034 6.75 -14.50 54.73
CA SER A 1034 6.43 -15.49 53.72
C SER A 1034 6.49 -14.93 52.31
N ASP A 1035 6.37 -13.61 52.15
CA ASP A 1035 6.39 -12.98 50.85
C ASP A 1035 7.65 -12.16 50.58
N LEU A 1036 8.48 -11.94 51.59
CA LEU A 1036 9.68 -11.15 51.38
C LEU A 1036 10.70 -11.89 50.53
N PHE A 1037 10.82 -13.20 50.72
CA PHE A 1037 11.83 -14.00 50.03
C PHE A 1037 13.20 -13.34 50.14
N LEU A 1038 13.63 -13.16 51.38
CA LEU A 1038 14.88 -12.44 51.63
C LEU A 1038 16.06 -13.16 51.00
N GLU A 1039 16.10 -14.49 51.09
CA GLU A 1039 17.24 -15.24 50.58
C GLU A 1039 17.40 -15.07 49.08
N GLU A 1040 16.31 -15.25 48.33
CA GLU A 1040 16.40 -15.15 46.87
C GLU A 1040 16.82 -13.76 46.43
N ARG A 1041 16.24 -12.73 47.03
CA ARG A 1041 16.58 -11.36 46.63
C ARG A 1041 18.00 -11.01 47.04
N GLU A 1042 18.45 -11.49 48.19
CA GLU A 1042 19.84 -11.27 48.59
C GLU A 1042 20.80 -11.93 47.61
N ILE A 1043 20.49 -13.15 47.17
CA ILE A 1043 21.32 -13.82 46.18
C ILE A 1043 21.33 -13.03 44.88
N ALA A 1044 20.17 -12.53 44.47
CA ALA A 1044 20.11 -11.74 43.24
C ALA A 1044 20.97 -10.48 43.34
N LEU A 1045 20.89 -9.79 44.48
CA LEU A 1045 21.70 -8.59 44.67
C LEU A 1045 23.18 -8.93 44.68
N ARG A 1046 23.56 -10.05 45.30
CA ARG A 1046 24.95 -10.45 45.30
C ARG A 1046 25.44 -10.74 43.88
N GLN A 1047 24.62 -11.42 43.08
CA GLN A 1047 24.99 -11.68 41.69
C GLN A 1047 25.15 -10.37 40.92
N ALA A 1048 24.24 -9.43 41.13
CA ALA A 1048 24.34 -8.14 40.45
C ALA A 1048 25.63 -7.42 40.85
N ASP A 1049 25.96 -7.44 42.15
CA ASP A 1049 27.19 -6.81 42.61
C ASP A 1049 28.42 -7.48 42.00
N GLU A 1050 28.41 -8.80 41.91
CA GLU A 1050 29.54 -9.50 41.31
C GLU A 1050 29.69 -9.14 39.83
N GLU A 1051 28.58 -9.07 39.10
CA GLU A 1051 28.63 -8.66 37.71
C GLU A 1051 29.17 -7.24 37.58
N LYS A 1052 28.73 -6.34 38.48
CA LYS A 1052 29.25 -4.98 38.47
C LYS A 1052 30.75 -4.96 38.70
N HIS A 1053 31.22 -5.76 39.66
CA HIS A 1053 32.66 -5.80 39.96
C HIS A 1053 33.45 -6.32 38.77
N LYS A 1054 32.93 -7.35 38.09
CA LYS A 1054 33.65 -7.91 36.94
C LYS A 1054 33.86 -6.86 35.86
N ARG A 1055 32.85 -6.04 35.59
CA ARG A 1055 32.95 -4.99 34.59
C ARG A 1055 34.12 -4.07 34.90
N PRO B 13 -33.56 16.26 26.91
CA PRO B 13 -33.60 15.05 26.09
C PRO B 13 -34.08 13.83 26.87
N GLN B 14 -34.89 12.99 26.25
CA GLN B 14 -35.39 11.78 26.88
C GLN B 14 -34.44 10.60 26.73
N VAL B 15 -33.74 10.52 25.61
CA VAL B 15 -32.80 9.42 25.36
C VAL B 15 -31.48 9.77 26.04
N GLN B 16 -31.19 9.11 27.17
CA GLN B 16 -30.00 9.36 27.96
C GLN B 16 -29.11 8.13 27.95
N PHE B 17 -27.81 8.35 27.80
CA PHE B 17 -26.82 7.28 27.83
C PHE B 17 -25.71 7.67 28.79
N LYS B 18 -25.18 6.68 29.51
CA LYS B 18 -24.11 6.88 30.46
C LYS B 18 -22.78 6.60 29.79
N LEU B 19 -21.90 7.59 29.82
CA LEU B 19 -20.56 7.48 29.25
C LEU B 19 -19.54 7.57 30.37
N VAL B 20 -18.59 6.65 30.39
CA VAL B 20 -17.54 6.59 31.39
C VAL B 20 -16.24 7.01 30.72
N LEU B 21 -15.62 8.07 31.24
CA LEU B 21 -14.40 8.63 30.67
C LEU B 21 -13.25 8.30 31.62
N VAL B 22 -12.39 7.37 31.20
CA VAL B 22 -11.31 6.88 32.05
C VAL B 22 -9.98 7.13 31.34
N GLY B 23 -8.91 7.02 32.10
CA GLY B 23 -7.57 7.26 31.60
C GLY B 23 -6.69 7.83 32.69
N ASP B 24 -5.40 7.88 32.39
CA ASP B 24 -4.42 8.36 33.35
C ASP B 24 -4.67 9.84 33.67
N GLY B 25 -3.94 10.32 34.67
CA GLY B 25 -4.10 11.70 35.10
C GLY B 25 -3.29 12.65 34.22
N GLY B 26 -3.89 13.80 33.92
CA GLY B 26 -3.27 14.77 33.05
C GLY B 26 -3.42 14.49 31.58
N THR B 27 -4.14 13.45 31.20
CA THR B 27 -4.31 13.12 29.79
C THR B 27 -5.26 14.07 29.07
N GLY B 28 -6.14 14.75 29.81
CA GLY B 28 -7.00 15.76 29.24
C GLY B 28 -8.47 15.39 29.20
N LYS B 29 -8.94 14.60 30.17
CA LYS B 29 -10.34 14.24 30.23
C LYS B 29 -11.21 15.44 30.60
N THR B 30 -10.83 16.16 31.66
CA THR B 30 -11.62 17.29 32.11
C THR B 30 -11.64 18.40 31.06
N THR B 31 -10.49 18.69 30.46
CA THR B 31 -10.45 19.70 29.41
C THR B 31 -11.30 19.28 28.21
N PHE B 32 -11.24 18.00 27.86
CA PHE B 32 -12.02 17.50 26.72
C PHE B 32 -13.52 17.65 26.98
N VAL B 33 -13.96 17.37 28.21
CA VAL B 33 -15.38 17.53 28.53
C VAL B 33 -15.75 19.01 28.57
N LYS B 34 -14.86 19.85 29.13
CA LYS B 34 -15.18 21.27 29.25
C LYS B 34 -15.27 21.96 27.89
N ARG B 35 -14.46 21.55 26.92
CA ARG B 35 -14.56 22.15 25.59
C ARG B 35 -15.94 21.92 24.99
N HIS B 36 -16.46 20.69 25.09
CA HIS B 36 -17.83 20.44 24.63
C HIS B 36 -18.84 21.21 25.46
N LEU B 37 -18.64 21.25 26.78
CA LEU B 37 -19.65 21.84 27.66
C LEU B 37 -19.79 23.34 27.42
N THR B 38 -18.68 24.05 27.24
CA THR B 38 -18.70 25.50 27.13
C THR B 38 -17.88 26.06 25.98
N GLY B 39 -17.04 25.26 25.33
CA GLY B 39 -16.23 25.76 24.23
C GLY B 39 -14.94 26.44 24.63
N GLU B 40 -14.64 26.53 25.91
CA GLU B 40 -13.42 27.15 26.40
C GLU B 40 -12.36 26.10 26.71
N PHE B 41 -11.11 26.44 26.46
CA PHE B 41 -9.99 25.55 26.69
C PHE B 41 -9.32 25.89 28.02
N GLU B 42 -9.17 24.89 28.88
CA GLU B 42 -8.53 25.06 30.18
C GLU B 42 -7.04 24.79 30.06
N LYS B 43 -6.24 25.73 30.52
CA LYS B 43 -4.79 25.64 30.42
C LYS B 43 -4.13 25.14 31.69
N LYS B 44 -4.79 25.23 32.84
CA LYS B 44 -4.25 24.76 34.09
C LYS B 44 -4.76 23.36 34.40
N TYR B 45 -3.95 22.61 35.15
CA TYR B 45 -4.25 21.22 35.49
C TYR B 45 -4.70 21.14 36.93
N VAL B 46 -5.99 20.91 37.14
CA VAL B 46 -6.57 20.67 38.45
C VAL B 46 -7.05 19.23 38.47
N ALA B 47 -6.44 18.40 39.31
CA ALA B 47 -6.77 16.99 39.34
C ALA B 47 -8.21 16.80 39.83
N THR B 48 -8.92 15.91 39.14
CA THR B 48 -10.30 15.59 39.55
C THR B 48 -10.29 14.73 40.80
N LEU B 49 -11.17 15.05 41.74
CA LEU B 49 -11.30 14.31 42.98
C LEU B 49 -12.52 13.41 42.87
N GLY B 50 -12.28 12.12 42.64
CA GLY B 50 -13.37 11.16 42.53
C GLY B 50 -13.97 11.12 41.15
N VAL B 51 -15.13 11.75 40.98
CA VAL B 51 -15.83 11.77 39.70
C VAL B 51 -16.64 13.05 39.61
N GLU B 52 -16.84 13.52 38.38
CA GLU B 52 -17.74 14.63 38.11
C GLU B 52 -18.66 14.23 36.97
N VAL B 53 -19.96 14.45 37.16
CA VAL B 53 -20.96 14.06 36.17
C VAL B 53 -21.41 15.31 35.43
N HIS B 54 -21.26 15.28 34.11
CA HIS B 54 -21.62 16.41 33.25
C HIS B 54 -22.56 15.95 32.16
N PRO B 55 -23.72 16.60 31.98
CA PRO B 55 -24.59 16.23 30.85
C PRO B 55 -24.23 16.98 29.58
N LEU B 56 -23.93 16.24 28.51
CA LEU B 56 -23.70 16.80 27.19
C LEU B 56 -24.87 16.45 26.28
N VAL B 57 -25.29 17.41 25.47
CA VAL B 57 -26.41 17.23 24.57
C VAL B 57 -25.95 17.54 23.15
N PHE B 58 -26.16 16.59 22.24
CA PHE B 58 -25.89 16.77 20.83
C PHE B 58 -27.22 16.70 20.08
N HIS B 59 -27.27 17.36 18.92
CA HIS B 59 -28.46 17.39 18.09
C HIS B 59 -28.15 16.62 16.80
N THR B 60 -28.51 15.34 16.77
CA THR B 60 -28.38 14.55 15.57
C THR B 60 -29.57 14.79 14.66
N ASN B 61 -29.45 14.35 13.41
CA ASN B 61 -30.57 14.51 12.47
C ASN B 61 -31.80 13.76 12.93
N ARG B 62 -31.65 12.81 13.85
CA ARG B 62 -32.77 12.04 14.39
C ARG B 62 -33.28 12.58 15.72
N GLY B 63 -32.73 13.69 16.22
CA GLY B 63 -33.19 14.29 17.45
C GLY B 63 -32.07 14.53 18.43
N PRO B 64 -32.42 14.89 19.67
CA PRO B 64 -31.39 15.11 20.69
C PRO B 64 -30.88 13.80 21.27
N ILE B 65 -29.58 13.76 21.54
CA ILE B 65 -28.92 12.63 22.18
C ILE B 65 -28.12 13.17 23.35
N LYS B 66 -28.31 12.58 24.53
CA LYS B 66 -27.72 13.07 25.76
C LYS B 66 -26.78 12.03 26.34
N PHE B 67 -25.56 12.47 26.66
CA PHE B 67 -24.57 11.64 27.35
C PHE B 67 -24.37 12.21 28.74
N ASN B 68 -24.55 11.36 29.75
CA ASN B 68 -24.21 11.74 31.13
C ASN B 68 -22.78 11.28 31.37
N VAL B 69 -21.83 12.14 31.03
CA VAL B 69 -20.42 11.77 31.08
C VAL B 69 -19.98 11.75 32.54
N TRP B 70 -19.43 10.61 32.97
CA TRP B 70 -18.84 10.46 34.29
C TRP B 70 -17.33 10.59 34.12
N ASP B 71 -16.83 11.81 34.28
CA ASP B 71 -15.40 12.09 34.17
C ASP B 71 -14.73 11.69 35.47
N THR B 72 -13.90 10.66 35.43
CA THR B 72 -13.29 10.10 36.63
C THR B 72 -11.92 10.71 36.86
N ALA B 73 -11.27 10.29 37.96
CA ALA B 73 -9.96 10.79 38.33
C ALA B 73 -8.92 9.72 38.02
N GLY B 74 -7.89 10.11 37.27
CA GLY B 74 -6.84 9.20 36.88
C GLY B 74 -5.72 9.03 37.87
N LEU B 75 -5.67 9.85 38.92
CA LEU B 75 -4.68 9.69 39.96
C LEU B 75 -5.13 8.66 40.97
N GLU B 76 -4.18 7.83 41.43
CA GLU B 76 -4.52 6.76 42.36
C GLU B 76 -4.96 7.32 43.71
N LYS B 77 -4.43 8.47 44.11
CA LYS B 77 -4.85 9.07 45.38
C LYS B 77 -6.33 9.43 45.35
N PHE B 78 -6.80 9.97 44.23
CA PHE B 78 -8.17 10.47 44.11
C PHE B 78 -9.09 9.51 43.38
N GLY B 79 -8.77 8.22 43.38
CA GLY B 79 -9.59 7.27 42.63
C GLY B 79 -11.03 7.24 43.13
N GLY B 80 -11.22 7.24 44.43
CA GLY B 80 -12.56 7.13 45.00
C GLY B 80 -13.11 5.72 44.90
N LEU B 81 -14.39 5.60 44.56
CA LEU B 81 -15.03 4.30 44.36
C LEU B 81 -14.80 3.84 42.91
N ARG B 82 -13.54 3.62 42.58
CA ARG B 82 -13.10 3.60 41.19
C ARG B 82 -13.98 2.72 40.30
N ASP B 83 -13.90 1.40 40.50
CA ASP B 83 -14.66 0.50 39.63
C ASP B 83 -16.14 0.54 39.93
N GLY B 84 -16.54 1.14 41.05
CA GLY B 84 -17.94 1.37 41.31
C GLY B 84 -18.54 2.52 40.53
N TYR B 85 -17.72 3.28 39.82
CA TYR B 85 -18.24 4.31 38.93
C TYR B 85 -18.68 3.76 37.58
N TYR B 86 -18.30 2.52 37.25
CA TYR B 86 -18.58 1.94 35.95
C TYR B 86 -19.87 1.14 35.91
N ILE B 87 -20.57 1.00 37.03
CA ILE B 87 -21.77 0.18 37.07
C ILE B 87 -22.86 0.84 36.22
N GLN B 88 -23.53 0.03 35.40
CA GLN B 88 -24.62 0.48 34.55
C GLN B 88 -24.16 1.49 33.50
N ALA B 89 -22.88 1.46 33.14
CA ALA B 89 -22.38 2.32 32.08
C ALA B 89 -22.70 1.70 30.72
N GLN B 90 -22.99 2.55 29.74
CA GLN B 90 -23.40 2.10 28.43
C GLN B 90 -22.41 2.41 27.33
N CYS B 91 -21.49 3.35 27.54
CA CYS B 91 -20.42 3.60 26.59
C CYS B 91 -19.20 4.07 27.36
N ALA B 92 -18.02 3.94 26.74
CA ALA B 92 -16.79 4.32 27.43
C ALA B 92 -15.81 4.96 26.46
N ILE B 93 -15.05 5.91 27.00
CA ILE B 93 -13.90 6.51 26.32
C ILE B 93 -12.69 6.33 27.22
N ILE B 94 -11.70 5.58 26.74
CA ILE B 94 -10.40 5.47 27.39
C ILE B 94 -9.47 6.45 26.69
N MET B 95 -8.98 7.43 27.44
CA MET B 95 -8.14 8.48 26.87
C MET B 95 -6.72 8.32 27.39
N PHE B 96 -5.76 8.39 26.48
CA PHE B 96 -4.35 8.46 26.84
C PHE B 96 -3.74 9.69 26.16
N ASP B 97 -2.45 9.87 26.39
CA ASP B 97 -1.73 11.06 25.93
C ASP B 97 -0.63 10.63 24.98
N VAL B 98 -0.61 11.23 23.78
CA VAL B 98 0.38 10.85 22.77
C VAL B 98 1.76 11.43 23.07
N THR B 99 1.86 12.34 24.03
CA THR B 99 3.14 12.90 24.44
C THR B 99 3.73 12.18 25.64
N SER B 100 3.10 11.09 26.10
CA SER B 100 3.55 10.36 27.27
C SER B 100 3.34 8.87 27.02
N ARG B 101 4.43 8.10 27.00
CA ARG B 101 4.32 6.68 26.75
C ARG B 101 3.70 5.93 27.91
N VAL B 102 3.88 6.42 29.14
CA VAL B 102 3.36 5.72 30.31
C VAL B 102 1.84 5.70 30.28
N THR B 103 1.23 6.77 29.78
CA THR B 103 -0.23 6.81 29.69
C THR B 103 -0.73 5.73 28.73
N TYR B 104 -0.02 5.49 27.64
CA TYR B 104 -0.45 4.46 26.70
C TYR B 104 -0.14 3.07 27.24
N LYS B 105 0.91 2.92 28.05
CA LYS B 105 1.20 1.61 28.63
C LYS B 105 0.16 1.20 29.67
N ASN B 106 -0.61 2.14 30.20
CA ASN B 106 -1.61 1.86 31.22
C ASN B 106 -3.00 1.64 30.64
N VAL B 107 -3.18 1.78 29.33
CA VAL B 107 -4.49 1.55 28.73
C VAL B 107 -5.00 0.16 29.01
N PRO B 108 -4.18 -0.90 28.95
CA PRO B 108 -4.70 -2.24 29.27
C PRO B 108 -5.31 -2.33 30.66
N ASN B 109 -4.76 -1.64 31.65
CA ASN B 109 -5.29 -1.71 33.01
C ASN B 109 -6.66 -1.05 33.09
N TRP B 110 -6.80 0.13 32.49
CA TRP B 110 -8.11 0.79 32.45
C TRP B 110 -9.13 -0.05 31.71
N HIS B 111 -8.73 -0.66 30.60
CA HIS B 111 -9.64 -1.51 29.84
C HIS B 111 -10.05 -2.72 30.66
N ARG B 112 -9.10 -3.32 31.39
CA ARG B 112 -9.42 -4.46 32.24
C ARG B 112 -10.45 -4.09 33.29
N ASP B 113 -10.19 -3.00 34.03
CA ASP B 113 -11.14 -2.56 35.05
C ASP B 113 -12.50 -2.26 34.44
N LEU B 114 -12.51 -1.70 33.23
CA LEU B 114 -13.76 -1.29 32.61
C LEU B 114 -14.58 -2.51 32.18
N VAL B 115 -13.94 -3.47 31.52
CA VAL B 115 -14.67 -4.62 30.98
C VAL B 115 -14.95 -5.69 32.03
N ARG B 116 -14.32 -5.63 33.20
CA ARG B 116 -14.71 -6.53 34.27
C ARG B 116 -16.08 -6.19 34.85
N VAL B 117 -16.56 -4.97 34.64
CA VAL B 117 -17.87 -4.56 35.11
C VAL B 117 -18.88 -4.50 33.97
N CYS B 118 -18.47 -3.96 32.82
CA CYS B 118 -19.33 -3.78 31.66
C CYS B 118 -18.83 -4.71 30.55
N GLU B 119 -19.45 -5.89 30.46
CA GLU B 119 -18.91 -6.92 29.57
C GLU B 119 -18.89 -6.47 28.12
N ASN B 120 -20.00 -5.91 27.64
CA ASN B 120 -20.16 -5.56 26.23
C ASN B 120 -20.70 -4.14 26.11
N ILE B 121 -19.81 -3.18 25.90
CA ILE B 121 -20.22 -1.80 25.62
C ILE B 121 -19.29 -1.20 24.58
N PRO B 122 -19.77 -0.23 23.82
CA PRO B 122 -18.88 0.49 22.91
C PRO B 122 -17.77 1.21 23.66
N ILE B 123 -16.56 1.14 23.09
CA ILE B 123 -15.37 1.73 23.71
C ILE B 123 -14.55 2.44 22.64
N VAL B 124 -14.20 3.70 22.93
CA VAL B 124 -13.36 4.50 22.04
C VAL B 124 -12.06 4.82 22.76
N LEU B 125 -10.94 4.56 22.10
CA LEU B 125 -9.62 4.87 22.61
C LEU B 125 -9.17 6.18 21.94
N CYS B 126 -9.01 7.22 22.75
CA CYS B 126 -8.68 8.56 22.25
C CYS B 126 -7.27 8.91 22.66
N GLY B 127 -6.44 9.24 21.69
CA GLY B 127 -5.10 9.74 21.96
C GLY B 127 -5.05 11.24 21.88
N ASN B 128 -5.01 11.91 23.03
CA ASN B 128 -5.15 13.35 23.09
C ASN B 128 -3.79 14.04 22.95
N LYS B 129 -3.84 15.35 22.73
CA LYS B 129 -2.65 16.20 22.67
C LYS B 129 -1.81 15.92 21.42
N VAL B 130 -2.49 15.67 20.29
CA VAL B 130 -1.79 15.39 19.04
C VAL B 130 -1.32 16.67 18.35
N ASP B 131 -1.66 17.84 18.87
CA ASP B 131 -1.20 19.10 18.31
C ASP B 131 0.19 19.50 18.78
N ILE B 132 0.79 18.73 19.68
CA ILE B 132 2.13 19.01 20.17
C ILE B 132 3.13 18.33 19.24
N LYS B 133 4.17 19.07 18.85
CA LYS B 133 5.11 18.55 17.86
C LYS B 133 5.88 17.36 18.40
N ASP B 134 6.29 17.40 19.66
CA ASP B 134 7.08 16.32 20.26
C ASP B 134 6.12 15.20 20.66
N ARG B 135 5.87 14.29 19.73
CA ARG B 135 4.97 13.17 19.92
C ARG B 135 5.80 11.93 20.25
N LYS B 136 5.53 11.32 21.41
CA LYS B 136 6.29 10.17 21.86
C LYS B 136 5.63 8.85 21.47
N VAL B 137 4.30 8.78 21.56
CA VAL B 137 3.56 7.58 21.17
C VAL B 137 3.21 7.73 19.70
N LYS B 138 4.04 7.15 18.84
CA LYS B 138 3.84 7.28 17.40
C LYS B 138 2.63 6.48 16.96
N ALA B 139 2.09 6.86 15.80
CA ALA B 139 0.87 6.23 15.31
C ALA B 139 1.05 4.74 15.07
N LYS B 140 2.23 4.33 14.58
CA LYS B 140 2.46 2.92 14.30
C LYS B 140 2.43 2.06 15.56
N SER B 141 2.70 2.65 16.71
CA SER B 141 2.81 1.90 17.96
C SER B 141 1.48 1.74 18.68
N ILE B 142 0.39 2.25 18.13
CA ILE B 142 -0.93 2.18 18.77
C ILE B 142 -1.67 1.03 18.11
N VAL B 143 -1.59 -0.14 18.74
CA VAL B 143 -2.18 -1.36 18.18
C VAL B 143 -3.00 -2.10 19.22
N PHE B 144 -3.28 -1.46 20.35
CA PHE B 144 -4.01 -2.14 21.42
C PHE B 144 -5.46 -2.40 21.03
N HIS B 145 -6.10 -1.45 20.36
CA HIS B 145 -7.52 -1.52 20.07
C HIS B 145 -7.88 -2.64 19.10
N ARG B 146 -6.91 -3.22 18.41
CA ARG B 146 -7.23 -4.18 17.35
C ARG B 146 -7.81 -5.46 17.93
N LYS B 147 -7.04 -6.18 18.75
CA LYS B 147 -7.52 -7.44 19.29
C LYS B 147 -8.66 -7.24 20.29
N LYS B 148 -8.86 -6.02 20.79
CA LYS B 148 -9.97 -5.71 21.67
C LYS B 148 -11.18 -5.14 20.92
N ASN B 149 -11.05 -4.89 19.61
CA ASN B 149 -12.16 -4.41 18.79
C ASN B 149 -12.74 -3.10 19.32
N LEU B 150 -11.86 -2.19 19.77
CA LEU B 150 -12.26 -0.85 20.16
C LEU B 150 -12.06 0.10 19.00
N GLN B 151 -12.77 1.23 19.05
CA GLN B 151 -12.48 2.28 18.07
C GLN B 151 -11.28 3.08 18.53
N TYR B 152 -10.62 3.77 17.60
CA TYR B 152 -9.50 4.62 17.95
C TYR B 152 -9.58 5.95 17.22
N TYR B 153 -9.29 7.04 17.94
CA TYR B 153 -9.26 8.38 17.35
C TYR B 153 -8.14 9.21 17.95
N ASP B 154 -7.41 9.90 17.08
CA ASP B 154 -6.50 10.96 17.50
C ASP B 154 -7.30 12.25 17.65
N ILE B 155 -7.31 12.81 18.85
CA ILE B 155 -8.09 14.03 19.10
C ILE B 155 -7.17 15.13 19.60
N SER B 156 -7.75 16.30 19.86
CA SER B 156 -7.00 17.40 20.46
C SER B 156 -8.02 18.37 21.06
N ALA B 157 -8.05 18.45 22.39
CA ALA B 157 -8.98 19.36 23.05
C ALA B 157 -8.60 20.82 22.82
N LYS B 158 -7.36 21.08 22.41
CA LYS B 158 -6.89 22.44 22.21
C LYS B 158 -7.14 22.95 20.79
N SER B 159 -7.05 22.06 19.80
CA SER B 159 -7.26 22.43 18.41
C SER B 159 -8.59 21.95 17.86
N ASN B 160 -9.39 21.22 18.64
CA ASN B 160 -10.66 20.67 18.17
C ASN B 160 -10.45 19.75 16.97
N TYR B 161 -9.36 19.00 16.98
CA TYR B 161 -9.11 18.00 15.94
C TYR B 161 -9.84 16.71 16.28
N ASN B 162 -10.62 16.19 15.32
CA ASN B 162 -11.44 15.01 15.55
C ASN B 162 -12.25 15.18 16.83
N PHE B 163 -12.84 16.35 17.00
CA PHE B 163 -13.39 16.74 18.29
C PHE B 163 -14.60 15.88 18.65
N GLU B 164 -15.55 15.74 17.73
CA GLU B 164 -16.81 15.05 18.02
C GLU B 164 -16.86 13.63 17.46
N LYS B 165 -15.79 13.15 16.85
CA LYS B 165 -15.79 11.80 16.30
C LYS B 165 -16.04 10.73 17.37
N PRO B 166 -15.43 10.78 18.55
CA PRO B 166 -15.75 9.74 19.56
C PRO B 166 -17.22 9.69 19.90
N PHE B 167 -17.83 10.84 20.16
CA PHE B 167 -19.25 10.87 20.50
C PHE B 167 -20.11 10.45 19.31
N LEU B 168 -19.71 10.83 18.10
CA LEU B 168 -20.47 10.42 16.92
C LEU B 168 -20.47 8.91 16.77
N TRP B 169 -19.30 8.29 16.92
CA TRP B 169 -19.22 6.84 16.83
C TRP B 169 -20.04 6.16 17.93
N LEU B 170 -19.93 6.68 19.16
CA LEU B 170 -20.69 6.10 20.26
C LEU B 170 -22.19 6.22 20.01
N ALA B 171 -22.64 7.38 19.50
CA ALA B 171 -24.06 7.56 19.22
C ALA B 171 -24.53 6.63 18.12
N ARG B 172 -23.73 6.45 17.07
CA ARG B 172 -24.11 5.52 16.01
C ARG B 172 -24.23 4.10 16.56
N LYS B 173 -23.30 3.70 17.43
CA LYS B 173 -23.36 2.35 17.99
C LYS B 173 -24.56 2.17 18.92
N LEU B 174 -24.82 3.16 19.78
CA LEU B 174 -25.89 3.02 20.77
C LEU B 174 -27.27 3.11 20.12
N ILE B 175 -27.47 4.10 19.25
CA ILE B 175 -28.75 4.24 18.56
C ILE B 175 -28.95 3.10 17.58
N GLY B 176 -27.89 2.65 16.92
CA GLY B 176 -27.99 1.64 15.89
C GLY B 176 -28.16 2.19 14.50
N ASP B 177 -27.84 3.47 14.27
CA ASP B 177 -28.06 4.12 12.99
C ASP B 177 -26.72 4.52 12.38
N PRO B 178 -26.15 3.73 11.48
CA PRO B 178 -24.86 4.10 10.88
C PRO B 178 -24.90 5.41 10.12
N ASN B 179 -26.06 5.83 9.62
CA ASN B 179 -26.19 7.07 8.85
C ASN B 179 -26.59 8.25 9.71
N LEU B 180 -26.19 8.26 10.98
CA LEU B 180 -26.50 9.35 11.89
C LEU B 180 -25.41 10.42 11.80
N GLU B 181 -25.81 11.68 11.93
CA GLU B 181 -24.88 12.79 11.85
C GLU B 181 -25.33 13.89 12.79
N PHE B 182 -24.38 14.68 13.28
CA PHE B 182 -24.66 15.79 14.18
C PHE B 182 -24.96 17.05 13.37
N VAL B 183 -26.05 17.71 13.72
CA VAL B 183 -26.45 18.98 13.09
C VAL B 183 -26.57 20.01 14.20
N ALA B 184 -25.85 21.13 14.04
CA ALA B 184 -25.84 22.15 15.07
C ALA B 184 -27.17 22.90 15.09
N MET B 185 -27.71 23.08 16.29
CA MET B 185 -28.97 23.80 16.46
C MET B 185 -28.97 24.61 17.75
N SER C 5 34.74 -63.69 11.73
CA SER C 5 34.42 -65.06 12.12
C SER C 5 34.29 -65.18 13.64
N GLY C 6 35.44 -65.32 14.31
CA GLY C 6 35.46 -65.39 15.75
C GLY C 6 35.40 -64.06 16.46
N ILE C 7 35.43 -62.95 15.70
CA ILE C 7 35.37 -61.63 16.32
C ILE C 7 34.06 -61.44 17.06
N ALA C 8 32.95 -61.87 16.46
CA ALA C 8 31.64 -61.70 17.10
C ALA C 8 31.59 -62.48 18.41
N LEU C 9 31.97 -63.75 18.38
CA LEU C 9 31.92 -64.56 19.59
C LEU C 9 32.84 -64.01 20.66
N SER C 10 34.06 -63.60 20.28
CA SER C 10 34.99 -63.06 21.26
C SER C 10 34.44 -61.78 21.89
N ARG C 11 33.89 -60.88 21.07
CA ARG C 11 33.34 -59.64 21.60
C ARG C 11 32.18 -59.94 22.55
N LEU C 12 31.27 -60.84 22.16
CA LEU C 12 30.15 -61.17 23.01
C LEU C 12 30.62 -61.76 24.34
N ALA C 13 31.58 -62.68 24.29
CA ALA C 13 32.06 -63.29 25.52
C ALA C 13 32.72 -62.26 26.42
N GLN C 14 33.55 -61.38 25.85
CA GLN C 14 34.23 -60.39 26.66
C GLN C 14 33.25 -59.41 27.29
N GLU C 15 32.24 -58.96 26.54
CA GLU C 15 31.28 -58.05 27.12
C GLU C 15 30.39 -58.74 28.15
N ARG C 16 30.12 -60.03 27.97
CA ARG C 16 29.40 -60.77 29.01
C ARG C 16 30.23 -60.86 30.28
N LYS C 17 31.54 -61.12 30.14
CA LYS C 17 32.42 -61.09 31.30
C LYS C 17 32.36 -59.73 32.00
N ALA C 18 32.44 -58.65 31.22
CA ALA C 18 32.39 -57.32 31.80
C ALA C 18 31.07 -57.09 32.52
N TRP C 19 29.97 -57.52 31.91
CA TRP C 19 28.67 -57.36 32.54
C TRP C 19 28.60 -58.10 33.87
N ARG C 20 29.12 -59.33 33.90
CA ARG C 20 29.13 -60.08 35.15
C ARG C 20 29.95 -59.35 36.21
N LYS C 21 31.13 -58.86 35.83
CA LYS C 21 31.96 -58.15 36.80
C LYS C 21 31.43 -56.75 37.08
N ASP C 22 30.95 -56.05 36.06
CA ASP C 22 30.49 -54.67 36.20
C ASP C 22 29.26 -54.46 35.33
N HIS C 23 28.16 -54.03 35.96
CA HIS C 23 26.94 -53.73 35.24
C HIS C 23 26.12 -52.76 36.08
N PRO C 24 25.24 -51.98 35.47
CA PRO C 24 24.39 -51.07 36.25
C PRO C 24 23.43 -51.83 37.15
N PHE C 25 23.08 -51.19 38.26
CA PHE C 25 22.18 -51.81 39.22
C PHE C 25 20.75 -51.83 38.69
N GLY C 26 20.14 -53.01 38.71
CA GLY C 26 18.77 -53.18 38.25
C GLY C 26 18.62 -53.79 36.88
N PHE C 27 19.69 -53.88 36.10
CA PHE C 27 19.63 -54.44 34.76
C PHE C 27 19.99 -55.91 34.77
N VAL C 28 19.53 -56.61 33.74
CA VAL C 28 19.89 -58.01 33.52
C VAL C 28 20.20 -58.19 32.04
N ALA C 29 21.25 -58.96 31.74
CA ALA C 29 21.66 -59.18 30.36
C ALA C 29 22.07 -60.63 30.15
N VAL C 30 21.25 -61.57 30.63
CA VAL C 30 21.64 -62.97 30.64
C VAL C 30 21.59 -63.54 29.22
N PRO C 31 22.68 -64.07 28.69
CA PRO C 31 22.60 -64.75 27.38
C PRO C 31 21.94 -66.12 27.55
N THR C 32 20.87 -66.35 26.79
CA THR C 32 20.14 -67.60 26.93
C THR C 32 21.03 -68.77 26.52
N LYS C 33 20.94 -69.86 27.29
CA LYS C 33 21.72 -71.04 27.00
C LYS C 33 21.16 -71.75 25.78
N ASN C 34 22.05 -72.27 24.93
CA ASN C 34 21.62 -73.05 23.78
C ASN C 34 20.92 -74.32 24.26
N PRO C 35 19.93 -74.81 23.51
CA PRO C 35 19.17 -75.97 24.00
C PRO C 35 20.03 -77.19 24.29
N ASP C 36 21.12 -77.38 23.53
CA ASP C 36 21.97 -78.55 23.77
C ASP C 36 22.58 -78.53 25.16
N GLY C 37 22.78 -77.34 25.72
CA GLY C 37 23.38 -77.21 27.05
C GLY C 37 24.62 -76.36 27.06
N THR C 38 24.75 -75.46 26.08
CA THR C 38 25.87 -74.55 25.98
C THR C 38 25.36 -73.14 25.75
N MET C 39 26.23 -72.16 25.99
CA MET C 39 25.84 -70.77 25.83
C MET C 39 25.47 -70.47 24.39
N ASN C 40 24.35 -69.78 24.21
CA ASN C 40 23.92 -69.28 22.90
C ASN C 40 24.05 -67.76 22.94
N LEU C 41 25.18 -67.26 22.43
CA LEU C 41 25.45 -65.83 22.52
C LEU C 41 24.61 -65.01 21.55
N MET C 42 24.02 -65.65 20.53
CA MET C 42 23.24 -64.90 19.55
C MET C 42 21.99 -64.31 20.18
N ASN C 43 21.33 -65.06 21.05
CA ASN C 43 20.07 -64.66 21.67
C ASN C 43 20.31 -64.33 23.14
N TRP C 44 19.96 -63.11 23.53
CA TRP C 44 20.09 -62.67 24.91
C TRP C 44 18.72 -62.28 25.46
N GLU C 45 18.52 -62.54 26.74
CA GLU C 45 17.33 -62.11 27.46
C GLU C 45 17.77 -61.08 28.49
N CYS C 46 17.16 -59.89 28.44
CA CYS C 46 17.56 -58.78 29.26
C CYS C 46 16.36 -58.23 30.00
N ALA C 47 16.63 -57.53 31.08
CA ALA C 47 15.61 -56.90 31.90
C ALA C 47 16.03 -55.47 32.19
N ILE C 48 15.14 -54.53 31.94
CA ILE C 48 15.40 -53.11 32.09
C ILE C 48 14.48 -52.58 33.16
N PRO C 49 14.99 -51.89 34.19
CA PRO C 49 14.11 -51.31 35.20
C PRO C 49 13.63 -49.92 34.78
N GLY C 50 12.33 -49.68 34.97
CA GLY C 50 11.77 -48.38 34.67
C GLY C 50 12.46 -47.29 35.47
N LYS C 51 12.87 -46.22 34.79
CA LYS C 51 13.65 -45.18 35.45
C LYS C 51 12.87 -44.59 36.62
N LYS C 52 13.57 -44.38 37.74
CA LYS C 52 12.93 -43.89 38.94
C LYS C 52 12.53 -42.43 38.79
N GLY C 53 11.44 -42.06 39.46
CA GLY C 53 10.89 -40.73 39.32
C GLY C 53 9.96 -40.54 38.14
N THR C 54 9.59 -41.60 37.45
CA THR C 54 8.75 -41.57 36.27
C THR C 54 7.64 -42.59 36.42
N PRO C 55 6.52 -42.41 35.70
CA PRO C 55 5.43 -43.40 35.81
C PRO C 55 5.87 -44.81 35.46
N TRP C 56 6.92 -44.96 34.64
CA TRP C 56 7.47 -46.27 34.37
C TRP C 56 8.17 -46.87 35.58
N GLU C 57 8.40 -46.08 36.63
CA GLU C 57 9.09 -46.56 37.81
C GLU C 57 8.30 -47.69 38.47
N GLY C 58 9.03 -48.57 39.16
CA GLY C 58 8.40 -49.69 39.84
C GLY C 58 8.13 -50.89 38.97
N GLY C 59 8.86 -51.03 37.86
CA GLY C 59 8.63 -52.15 36.96
C GLY C 59 9.93 -52.58 36.31
N LEU C 60 9.96 -53.84 35.91
CA LEU C 60 11.10 -54.44 35.24
C LEU C 60 10.60 -55.11 33.97
N PHE C 61 10.99 -54.57 32.82
CA PHE C 61 10.47 -55.01 31.53
C PHE C 61 11.48 -55.93 30.86
N LYS C 62 10.99 -57.05 30.35
CA LYS C 62 11.84 -57.99 29.63
C LYS C 62 12.10 -57.50 28.22
N LEU C 63 13.17 -58.03 27.62
CA LEU C 63 13.60 -57.59 26.30
C LEU C 63 14.49 -58.66 25.70
N ARG C 64 14.07 -59.27 24.60
CA ARG C 64 14.92 -60.21 23.89
C ARG C 64 15.77 -59.46 22.89
N MET C 65 16.99 -59.95 22.67
CA MET C 65 17.94 -59.27 21.80
C MET C 65 18.62 -60.30 20.91
N LEU C 66 18.56 -60.08 19.60
CA LEU C 66 19.14 -60.99 18.62
C LEU C 66 20.27 -60.28 17.88
N PHE C 67 21.42 -60.92 17.82
CA PHE C 67 22.59 -60.40 17.13
C PHE C 67 22.76 -61.07 15.78
N LYS C 68 23.46 -60.38 14.89
CA LYS C 68 23.76 -60.88 13.55
C LYS C 68 25.18 -61.45 13.54
N ASP C 69 25.50 -62.18 12.47
CA ASP C 69 26.84 -62.74 12.33
C ASP C 69 27.87 -61.66 12.08
N ASP C 70 27.47 -60.52 11.52
CA ASP C 70 28.39 -59.43 11.21
C ASP C 70 28.57 -58.46 12.37
N TYR C 71 27.94 -58.72 13.52
CA TYR C 71 28.11 -57.84 14.66
C TYR C 71 29.58 -57.73 15.01
N PRO C 72 30.08 -56.54 15.34
CA PRO C 72 29.38 -55.26 15.54
C PRO C 72 29.17 -54.45 14.26
N SER C 73 29.33 -55.03 13.07
CA SER C 73 29.08 -54.28 11.85
C SER C 73 27.62 -53.82 11.77
N SER C 74 26.69 -54.71 12.12
CA SER C 74 25.27 -54.42 12.09
C SER C 74 24.69 -54.41 13.50
N PRO C 75 23.68 -53.60 13.78
CA PRO C 75 23.15 -53.52 15.14
C PRO C 75 22.28 -54.71 15.47
N PRO C 76 22.02 -54.96 16.75
CA PRO C 76 21.13 -56.05 17.13
C PRO C 76 19.66 -55.63 17.12
N LYS C 77 18.80 -56.61 16.91
CA LYS C 77 17.36 -56.39 16.92
C LYS C 77 16.84 -56.63 18.33
N CYS C 78 16.23 -55.61 18.91
CA CYS C 78 15.70 -55.66 20.26
C CYS C 78 14.18 -55.70 20.20
N LYS C 79 13.58 -56.62 20.95
CA LYS C 79 12.14 -56.82 20.93
C LYS C 79 11.64 -56.98 22.36
N PHE C 80 10.78 -56.06 22.80
CA PHE C 80 10.11 -56.25 24.08
C PHE C 80 9.17 -57.44 23.99
N GLU C 81 9.11 -58.22 25.06
CA GLU C 81 8.26 -59.41 25.07
C GLU C 81 7.61 -59.59 26.42
N PRO C 82 6.28 -59.39 26.54
CA PRO C 82 5.33 -58.99 25.51
C PRO C 82 5.47 -57.52 25.13
N PRO C 83 4.93 -57.10 23.98
CA PRO C 83 5.14 -55.71 23.55
C PRO C 83 4.63 -54.71 24.57
N LEU C 84 5.32 -53.57 24.65
CA LEU C 84 4.98 -52.52 25.59
C LEU C 84 4.04 -51.50 24.94
N PHE C 85 3.49 -50.63 25.78
CA PHE C 85 2.60 -49.55 25.34
C PHE C 85 3.42 -48.27 25.26
N HIS C 86 4.20 -48.15 24.20
CA HIS C 86 5.06 -46.99 23.99
C HIS C 86 4.87 -46.47 22.57
N PRO C 87 4.93 -45.16 22.36
CA PRO C 87 4.80 -44.65 20.99
C PRO C 87 5.85 -45.17 20.02
N ASN C 88 7.05 -45.48 20.49
CA ASN C 88 8.16 -45.84 19.62
C ASN C 88 8.44 -47.34 19.61
N VAL C 89 7.52 -48.17 20.09
CA VAL C 89 7.67 -49.62 20.07
C VAL C 89 6.63 -50.18 19.10
N TYR C 90 7.09 -51.00 18.15
CA TYR C 90 6.18 -51.56 17.17
C TYR C 90 5.25 -52.59 17.83
N PRO C 91 4.13 -52.90 17.19
CA PRO C 91 3.23 -53.90 17.77
C PRO C 91 3.90 -55.23 18.04
N SER C 92 4.83 -55.64 17.17
CA SER C 92 5.57 -56.89 17.39
C SER C 92 6.56 -56.79 18.54
N GLY C 93 6.78 -55.59 19.07
CA GLY C 93 7.67 -55.38 20.19
C GLY C 93 9.01 -54.79 19.82
N THR C 94 9.38 -54.80 18.55
CA THR C 94 10.66 -54.25 18.14
C THR C 94 10.75 -52.78 18.56
N VAL C 95 11.91 -52.39 19.08
CA VAL C 95 12.13 -51.04 19.57
C VAL C 95 12.80 -50.23 18.46
N CYS C 96 12.19 -49.10 18.12
CA CYS C 96 12.74 -48.21 17.11
C CYS C 96 13.59 -47.16 17.80
N LEU C 97 14.90 -47.30 17.68
CA LEU C 97 15.84 -46.36 18.28
C LEU C 97 16.88 -45.97 17.22
N SER C 98 17.26 -44.69 17.23
CA SER C 98 18.27 -44.23 16.27
C SER C 98 19.58 -44.97 16.47
N ILE C 99 19.97 -45.20 17.73
CA ILE C 99 21.20 -45.92 18.00
C ILE C 99 21.13 -47.33 17.40
N LEU C 100 20.01 -48.03 17.63
CA LEU C 100 19.82 -49.34 17.02
C LEU C 100 19.60 -49.25 15.52
N GLU C 101 19.23 -48.07 15.01
CA GLU C 101 19.03 -47.91 13.58
C GLU C 101 20.36 -48.01 12.86
N GLU C 102 20.41 -48.87 11.84
CA GLU C 102 21.69 -49.20 11.21
C GLU C 102 22.32 -47.98 10.56
N ASP C 103 21.54 -47.16 9.87
CA ASP C 103 22.06 -46.12 8.99
C ASP C 103 21.97 -44.72 9.61
N LYS C 104 21.65 -44.59 10.90
CA LYS C 104 21.52 -43.29 11.52
C LYS C 104 22.57 -43.04 12.59
N ASP C 105 22.61 -43.86 13.65
CA ASP C 105 23.52 -43.63 14.77
C ASP C 105 24.13 -44.94 15.25
N TRP C 106 24.54 -45.79 14.32
CA TRP C 106 25.14 -47.08 14.66
C TRP C 106 26.66 -46.95 14.62
N ARG C 107 27.32 -47.43 15.68
CA ARG C 107 28.77 -47.42 15.77
C ARG C 107 29.17 -48.70 16.48
N PRO C 108 30.20 -49.41 16.00
CA PRO C 108 30.64 -50.63 16.70
C PRO C 108 31.06 -50.38 18.14
N ALA C 109 31.37 -49.14 18.50
CA ALA C 109 31.78 -48.85 19.86
C ALA C 109 30.67 -49.14 20.86
N ILE C 110 29.42 -48.84 20.49
CA ILE C 110 28.31 -49.02 21.42
C ILE C 110 28.20 -50.49 21.81
N THR C 111 27.98 -50.74 23.09
CA THR C 111 27.92 -52.09 23.65
C THR C 111 26.52 -52.34 24.21
N ILE C 112 26.34 -53.55 24.75
CA ILE C 112 25.03 -53.94 25.27
C ILE C 112 24.61 -53.05 26.42
N LYS C 113 25.54 -52.71 27.31
CA LYS C 113 25.21 -51.85 28.44
C LYS C 113 24.67 -50.52 27.96
N GLN C 114 25.34 -49.92 26.98
CA GLN C 114 24.91 -48.62 26.49
C GLN C 114 23.58 -48.73 25.76
N ILE C 115 23.35 -49.83 25.03
CA ILE C 115 22.07 -50.03 24.36
C ILE C 115 20.95 -50.10 25.39
N LEU C 116 21.15 -50.88 26.45
CA LEU C 116 20.11 -51.02 27.47
C LEU C 116 19.86 -49.69 28.18
N LEU C 117 20.92 -48.93 28.48
CA LEU C 117 20.73 -47.64 29.12
C LEU C 117 19.98 -46.67 28.20
N GLY C 118 20.30 -46.70 26.90
CA GLY C 118 19.55 -45.88 25.96
C GLY C 118 18.09 -46.26 25.87
N ILE C 119 17.81 -47.56 25.87
CA ILE C 119 16.41 -48.01 25.86
C ILE C 119 15.70 -47.54 27.11
N GLN C 120 16.36 -47.65 28.26
CA GLN C 120 15.75 -47.17 29.51
C GLN C 120 15.45 -45.68 29.44
N GLU C 121 16.38 -44.89 28.91
CA GLU C 121 16.14 -43.46 28.81
C GLU C 121 15.14 -43.12 27.71
N LEU C 122 14.85 -44.07 26.81
CA LEU C 122 13.82 -43.85 25.79
C LEU C 122 12.42 -43.95 26.36
N LEU C 123 12.23 -44.74 27.42
CA LEU C 123 10.89 -44.99 27.92
C LEU C 123 10.20 -43.70 28.35
N ASN C 124 10.95 -42.79 28.97
CA ASN C 124 10.38 -41.54 29.44
C ASN C 124 10.52 -40.41 28.43
N GLU C 125 11.09 -40.67 27.25
CA GLU C 125 11.30 -39.65 26.22
C GLU C 125 10.78 -40.18 24.89
N PRO C 126 9.48 -40.37 24.77
CA PRO C 126 8.93 -40.82 23.48
C PRO C 126 9.06 -39.75 22.41
N ASN C 127 9.25 -40.20 21.17
CA ASN C 127 9.36 -39.30 20.02
C ASN C 127 8.04 -39.38 19.25
N ILE C 128 7.06 -38.57 19.71
CA ILE C 128 5.73 -38.63 19.13
C ILE C 128 5.69 -38.00 17.75
N GLN C 129 6.69 -37.20 17.38
CA GLN C 129 6.70 -36.61 16.04
C GLN C 129 6.69 -37.69 14.97
N ASP C 130 7.37 -38.81 15.23
CA ASP C 130 7.43 -39.94 14.29
C ASP C 130 7.10 -41.21 15.07
N PRO C 131 5.82 -41.45 15.35
CA PRO C 131 5.44 -42.60 16.16
C PRO C 131 5.63 -43.91 15.42
N ALA C 132 5.71 -44.99 16.20
CA ALA C 132 5.87 -46.34 15.66
C ALA C 132 4.61 -47.17 15.70
N GLN C 133 3.69 -46.90 16.63
CA GLN C 133 2.42 -47.59 16.70
C GLN C 133 1.31 -46.57 16.89
N ALA C 134 0.10 -46.96 16.48
CA ALA C 134 -1.00 -46.02 16.41
C ALA C 134 -1.69 -45.83 17.76
N GLU C 135 -1.87 -46.91 18.52
CA GLU C 135 -2.62 -46.82 19.76
C GLU C 135 -1.91 -45.91 20.77
N ALA C 136 -0.62 -46.12 20.97
CA ALA C 136 0.13 -45.33 21.95
C ALA C 136 0.14 -43.86 21.55
N TYR C 137 0.40 -43.57 20.29
CA TYR C 137 0.44 -42.19 19.83
C TYR C 137 -0.93 -41.52 19.98
N THR C 138 -2.00 -42.24 19.61
CA THR C 138 -3.33 -41.67 19.73
C THR C 138 -3.66 -41.34 21.19
N ILE C 139 -3.37 -42.27 22.10
CA ILE C 139 -3.69 -42.02 23.51
C ILE C 139 -2.80 -40.90 24.05
N TYR C 140 -1.55 -40.83 23.60
CA TYR C 140 -0.65 -39.79 24.07
C TYR C 140 -1.15 -38.41 23.66
N CYS C 141 -1.56 -38.25 22.41
CA CYS C 141 -2.00 -36.94 21.93
C CYS C 141 -3.37 -36.59 22.47
N GLN C 142 -4.31 -37.54 22.48
CA GLN C 142 -5.66 -37.25 22.92
C GLN C 142 -5.69 -36.78 24.36
N ASN C 143 -5.28 -37.64 25.29
CA ASN C 143 -5.27 -37.31 26.71
C ASN C 143 -3.98 -37.82 27.32
N ARG C 144 -3.17 -36.91 27.89
CA ARG C 144 -1.87 -37.29 28.41
C ARG C 144 -2.00 -38.06 29.72
N VAL C 145 -2.90 -37.63 30.60
CA VAL C 145 -3.03 -38.31 31.89
C VAL C 145 -3.53 -39.73 31.69
N GLU C 146 -4.35 -39.96 30.67
CA GLU C 146 -4.74 -41.33 30.35
C GLU C 146 -3.52 -42.16 29.96
N TYR C 147 -2.60 -41.56 29.19
CA TYR C 147 -1.37 -42.26 28.84
C TYR C 147 -0.55 -42.58 30.10
N GLU C 148 -0.45 -41.62 31.02
CA GLU C 148 0.28 -41.86 32.26
C GLU C 148 -0.38 -42.97 33.07
N LYS C 149 -1.71 -42.97 33.15
CA LYS C 149 -2.42 -44.01 33.89
C LYS C 149 -2.18 -45.37 33.27
N ARG C 150 -2.22 -45.46 31.94
CA ARG C 150 -1.96 -46.74 31.28
C ARG C 150 -0.54 -47.20 31.55
N VAL C 151 0.43 -46.27 31.50
CA VAL C 151 1.82 -46.62 31.75
C VAL C 151 1.99 -47.16 33.16
N ARG C 152 1.38 -46.48 34.14
CA ARG C 152 1.48 -46.94 35.53
C ARG C 152 0.80 -48.31 35.69
N ALA C 153 -0.34 -48.51 35.05
CA ALA C 153 -1.03 -49.79 35.15
C ALA C 153 -0.17 -50.91 34.60
N GLN C 154 0.46 -50.70 33.45
CA GLN C 154 1.30 -51.76 32.90
C GLN C 154 2.55 -51.96 33.74
N ALA C 155 3.12 -50.88 34.28
CA ALA C 155 4.29 -51.03 35.14
C ALA C 155 3.96 -51.85 36.37
N LYS C 156 2.79 -51.60 36.97
CA LYS C 156 2.33 -52.45 38.07
C LYS C 156 2.14 -53.89 37.60
N LYS C 157 1.60 -54.06 36.39
CA LYS C 157 1.46 -55.41 35.84
C LYS C 157 2.82 -56.06 35.63
N PHE C 158 3.80 -55.29 35.17
CA PHE C 158 5.14 -55.80 34.91
C PHE C 158 6.06 -55.72 36.13
N ALA C 159 5.52 -55.36 37.29
CA ALA C 159 6.35 -55.21 38.47
C ALA C 159 6.97 -56.57 38.84
N PRO C 160 8.14 -56.56 39.50
CA PRO C 160 8.81 -57.82 39.86
C PRO C 160 7.91 -58.79 40.63
N GLU D 24 37.55 -20.89 43.42
CA GLU D 24 38.11 -20.18 42.28
C GLU D 24 38.64 -21.14 41.24
N TYR D 25 39.12 -22.30 41.70
CA TYR D 25 39.61 -23.34 40.80
C TYR D 25 39.47 -24.67 41.53
N ILE D 26 38.49 -25.48 41.12
CA ILE D 26 38.16 -26.71 41.82
C ILE D 26 38.07 -27.86 40.82
N LYS D 27 38.22 -29.07 41.34
CA LYS D 27 38.09 -30.29 40.57
C LYS D 27 36.68 -30.83 40.71
N LEU D 28 36.16 -31.38 39.61
CA LEU D 28 34.83 -31.97 39.56
C LEU D 28 34.91 -33.34 38.91
N LYS D 29 34.09 -34.26 39.39
CA LYS D 29 34.03 -35.62 38.87
C LYS D 29 32.86 -35.76 37.91
N VAL D 30 33.14 -36.21 36.69
CA VAL D 30 32.14 -36.46 35.68
C VAL D 30 32.14 -37.97 35.41
N ILE D 31 30.98 -38.60 35.59
CA ILE D 31 30.82 -40.03 35.41
C ILE D 31 30.02 -40.24 34.14
N GLY D 32 30.66 -40.82 33.13
CA GLY D 32 29.99 -41.12 31.89
C GLY D 32 29.12 -42.35 31.99
N GLN D 33 28.40 -42.62 30.90
CA GLN D 33 27.53 -43.79 30.83
C GLN D 33 28.29 -45.05 30.44
N ASP D 34 29.62 -45.02 30.49
CA ASP D 34 30.46 -46.16 30.13
C ASP D 34 31.34 -46.58 31.31
N SER D 35 30.85 -46.37 32.53
CA SER D 35 31.63 -46.66 33.73
C SER D 35 32.95 -45.89 33.74
N SER D 36 32.95 -44.70 33.16
CA SER D 36 34.15 -43.88 33.01
C SER D 36 34.04 -42.65 33.90
N GLU D 37 35.12 -42.36 34.63
CA GLU D 37 35.20 -41.20 35.51
C GLU D 37 36.33 -40.30 35.04
N ILE D 38 36.06 -39.00 35.00
CA ILE D 38 37.05 -38.01 34.56
C ILE D 38 37.02 -36.83 35.52
N HIS D 39 38.19 -36.29 35.82
CA HIS D 39 38.33 -35.14 36.71
C HIS D 39 38.62 -33.89 35.89
N PHE D 40 37.81 -32.85 36.09
CA PHE D 40 37.93 -31.60 35.34
C PHE D 40 38.20 -30.45 36.30
N LYS D 41 39.19 -29.62 35.99
CA LYS D 41 39.47 -28.42 36.75
C LYS D 41 38.77 -27.24 36.12
N VAL D 42 37.98 -26.52 36.92
CA VAL D 42 37.18 -25.41 36.40
C VAL D 42 37.10 -24.32 37.46
N LYS D 43 36.84 -23.11 36.99
CA LYS D 43 36.59 -21.97 37.87
C LYS D 43 35.13 -21.94 38.31
N MET D 44 34.84 -21.05 39.25
CA MET D 44 33.48 -20.90 39.76
C MET D 44 32.64 -19.95 38.92
N THR D 45 33.24 -19.26 37.95
CA THR D 45 32.52 -18.32 37.10
C THR D 45 32.54 -18.68 35.62
N THR D 46 33.52 -19.47 35.17
CA THR D 46 33.63 -19.82 33.76
C THR D 46 32.47 -20.72 33.33
N HIS D 47 32.08 -20.58 32.07
CA HIS D 47 30.94 -21.33 31.55
C HIS D 47 31.24 -22.83 31.56
N LEU D 48 30.19 -23.62 31.79
CA LEU D 48 30.33 -25.07 31.86
C LEU D 48 30.51 -25.70 30.49
N LYS D 49 29.98 -25.06 29.43
CA LYS D 49 30.00 -25.69 28.11
C LYS D 49 31.40 -26.08 27.68
N LYS D 50 32.41 -25.32 28.11
CA LYS D 50 33.78 -25.63 27.75
C LYS D 50 34.12 -27.08 28.09
N LEU D 51 33.77 -27.50 29.32
CA LEU D 51 33.97 -28.89 29.69
C LEU D 51 33.10 -29.82 28.85
N LYS D 52 31.84 -29.44 28.62
CA LYS D 52 30.90 -30.31 27.92
C LYS D 52 31.53 -30.86 26.64
N GLU D 53 31.89 -29.96 25.71
CA GLU D 53 32.43 -30.41 24.43
C GLU D 53 33.56 -31.40 24.64
N SER D 54 34.44 -31.13 25.61
CA SER D 54 35.57 -32.02 25.83
C SER D 54 35.09 -33.45 26.05
N TYR D 55 34.17 -33.63 27.00
CA TYR D 55 33.68 -34.98 27.28
C TYR D 55 33.01 -35.58 26.05
N CYS D 56 32.43 -34.73 25.19
CA CYS D 56 31.79 -35.22 23.98
C CYS D 56 32.83 -35.70 22.97
N GLN D 57 33.98 -35.01 22.89
CA GLN D 57 35.00 -35.40 21.94
C GLN D 57 35.94 -36.48 22.48
N ARG D 58 35.73 -36.91 23.73
CA ARG D 58 36.55 -37.98 24.29
C ARG D 58 36.40 -39.26 23.47
N GLN D 59 35.17 -39.60 23.09
CA GLN D 59 34.89 -40.83 22.35
C GLN D 59 34.48 -40.54 20.91
N GLY D 60 34.96 -39.42 20.35
CA GLY D 60 34.61 -39.07 19.00
C GLY D 60 33.13 -38.82 18.82
N VAL D 61 32.54 -38.04 19.73
CA VAL D 61 31.11 -37.76 19.72
C VAL D 61 30.91 -36.26 19.63
N PRO D 62 29.91 -35.77 18.89
CA PRO D 62 29.64 -34.33 18.87
C PRO D 62 28.93 -33.87 20.13
N MET D 63 28.79 -32.55 20.26
CA MET D 63 28.18 -31.97 21.45
C MET D 63 26.73 -32.40 21.59
N ASN D 64 25.98 -32.42 20.49
CA ASN D 64 24.53 -32.65 20.56
C ASN D 64 24.19 -34.02 21.12
N SER D 65 25.10 -35.00 21.00
CA SER D 65 24.76 -36.38 21.35
C SER D 65 24.54 -36.54 22.84
N LEU D 66 25.45 -36.02 23.66
CA LEU D 66 25.47 -36.35 25.09
C LEU D 66 24.53 -35.44 25.87
N ARG D 67 24.22 -35.89 27.09
CA ARG D 67 23.43 -35.14 28.05
C ARG D 67 24.13 -35.19 29.40
N PHE D 68 24.02 -34.11 30.15
CA PHE D 68 24.73 -33.96 31.42
C PHE D 68 23.73 -33.66 32.53
N LEU D 69 23.85 -34.39 33.64
CA LEU D 69 23.00 -34.19 34.81
C LEU D 69 23.87 -34.01 36.04
N PHE D 70 23.49 -33.05 36.87
CA PHE D 70 24.13 -32.84 38.17
C PHE D 70 23.04 -32.61 39.21
N GLU D 71 22.99 -33.47 40.23
CA GLU D 71 21.92 -33.43 41.23
C GLU D 71 20.56 -33.69 40.59
N GLY D 72 20.50 -34.54 39.57
CA GLY D 72 19.25 -34.92 38.96
C GLY D 72 18.85 -34.07 37.78
N GLN D 73 18.59 -32.78 38.01
CA GLN D 73 18.12 -31.92 36.94
C GLN D 73 19.18 -31.78 35.85
N ARG D 74 18.80 -31.12 34.76
CA ARG D 74 19.67 -30.94 33.62
C ARG D 74 20.50 -29.67 33.75
N ILE D 75 21.70 -29.72 33.19
CA ILE D 75 22.66 -28.62 33.26
C ILE D 75 22.66 -27.90 31.91
N ALA D 76 22.43 -26.60 31.94
CA ALA D 76 22.49 -25.82 30.71
C ALA D 76 23.93 -25.64 30.27
N ASP D 77 24.13 -25.44 28.96
CA ASP D 77 25.47 -25.28 28.43
C ASP D 77 26.15 -24.04 29.02
N ASN D 78 25.43 -22.93 29.11
CA ASN D 78 25.99 -21.68 29.58
C ASN D 78 25.87 -21.48 31.08
N HIS D 79 25.22 -22.39 31.79
CA HIS D 79 25.13 -22.28 33.23
C HIS D 79 26.52 -22.28 33.86
N THR D 80 26.58 -21.93 35.14
CA THR D 80 27.81 -21.84 35.88
C THR D 80 27.67 -22.58 37.20
N PRO D 81 28.75 -23.16 37.73
CA PRO D 81 28.65 -23.85 39.03
C PRO D 81 28.24 -22.93 40.16
N LYS D 82 28.38 -21.62 40.01
CA LYS D 82 28.07 -20.70 41.10
C LYS D 82 26.61 -20.82 41.51
N GLU D 83 25.70 -20.94 40.53
CA GLU D 83 24.29 -21.05 40.86
C GLU D 83 24.01 -22.29 41.68
N LEU D 84 24.59 -23.43 41.28
CA LEU D 84 24.41 -24.68 42.00
C LEU D 84 25.48 -24.91 43.06
N GLY D 85 26.49 -24.05 43.14
CA GLY D 85 27.51 -24.16 44.17
C GLY D 85 28.23 -25.49 44.15
N MET D 86 28.63 -25.94 42.95
CA MET D 86 29.30 -27.23 42.82
C MET D 86 30.63 -27.22 43.57
N GLU D 87 30.70 -27.99 44.65
CA GLU D 87 31.92 -28.08 45.44
C GLU D 87 32.95 -28.96 44.73
N GLU D 88 34.18 -28.93 45.24
CA GLU D 88 35.25 -29.73 44.66
C GLU D 88 34.92 -31.22 44.77
N GLU D 89 35.31 -31.97 43.74
CA GLU D 89 35.12 -33.42 43.67
C GLU D 89 33.64 -33.80 43.66
N ASP D 90 32.76 -32.91 43.25
CA ASP D 90 31.35 -33.23 43.16
C ASP D 90 31.07 -34.17 41.99
N VAL D 91 29.98 -34.91 42.10
CA VAL D 91 29.66 -35.98 41.15
C VAL D 91 28.74 -35.43 40.07
N ILE D 92 29.12 -35.65 38.81
CA ILE D 92 28.31 -35.28 37.66
C ILE D 92 28.06 -36.53 36.82
N GLU D 93 26.80 -36.75 36.46
CA GLU D 93 26.40 -37.88 35.63
C GLU D 93 26.13 -37.41 34.21
N VAL D 94 26.53 -38.23 33.24
CA VAL D 94 26.36 -37.93 31.82
C VAL D 94 25.51 -39.02 31.20
N TYR D 95 24.44 -38.61 30.52
CA TYR D 95 23.54 -39.54 29.84
C TYR D 95 23.56 -39.27 28.35
N GLN D 96 23.18 -40.29 27.58
CA GLN D 96 23.03 -40.17 26.14
C GLN D 96 21.54 -40.10 25.82
N GLU D 97 21.10 -38.96 25.32
CA GLU D 97 19.69 -38.77 25.01
C GLU D 97 19.30 -39.59 23.79
N PRO D 98 18.29 -40.46 23.88
CA PRO D 98 17.89 -41.26 22.72
C PRO D 98 16.82 -40.56 21.89
N THR D 99 16.89 -40.79 20.58
CA THR D 99 15.91 -40.27 19.64
C THR D 99 15.15 -41.44 19.05
N GLY D 100 13.85 -41.48 19.32
CA GLY D 100 13.02 -42.55 18.81
C GLY D 100 12.62 -42.34 17.37
N GLY D 101 12.08 -43.40 16.78
CA GLY D 101 11.61 -43.35 15.41
C GLY D 101 10.31 -44.11 15.25
N ALA E 66 25.87 51.39 10.75
CA ALA E 66 25.58 50.77 12.04
C ALA E 66 24.69 49.54 11.84
N VAL E 67 25.01 48.47 12.58
CA VAL E 67 24.23 47.25 12.47
C VAL E 67 22.80 47.46 12.95
N VAL E 68 22.63 48.30 13.97
CA VAL E 68 21.31 48.65 14.50
C VAL E 68 21.13 50.15 14.33
N SER E 69 20.11 50.54 13.58
CA SER E 69 19.86 51.95 13.34
C SER E 69 19.27 52.60 14.59
N PRO E 70 19.47 53.90 14.76
CA PRO E 70 18.92 54.60 15.93
C PRO E 70 17.41 54.64 15.89
N PRO E 71 16.76 54.82 17.03
CA PRO E 71 15.29 54.79 17.07
C PRO E 71 14.70 56.14 16.68
N LYS E 72 13.87 56.15 15.63
CA LYS E 72 13.11 57.34 15.30
C LYS E 72 12.09 57.65 16.40
N PHE E 73 11.44 56.62 16.91
CA PHE E 73 10.42 56.75 17.95
C PHE E 73 10.98 56.23 19.26
N VAL E 74 11.18 57.12 20.23
CA VAL E 74 11.74 56.76 21.53
C VAL E 74 10.65 56.94 22.57
N PHE E 75 10.35 55.86 23.30
CA PHE E 75 9.30 55.86 24.30
C PHE E 75 9.95 56.03 25.68
N GLY E 76 9.74 57.20 26.28
CA GLY E 76 10.29 57.49 27.59
C GLY E 76 9.73 56.59 28.67
N ASP E 190 40.51 -19.85 32.67
CA ASP E 190 40.84 -20.97 31.79
C ASP E 190 40.09 -22.24 32.21
N VAL E 191 39.86 -23.12 31.24
CA VAL E 191 39.21 -24.41 31.49
C VAL E 191 40.12 -25.49 30.92
N LEU E 192 40.44 -26.49 31.74
CA LEU E 192 41.40 -27.52 31.37
C LEU E 192 40.95 -28.86 31.94
N ILE E 193 41.70 -29.90 31.60
CA ILE E 193 41.42 -31.27 32.01
C ILE E 193 42.49 -31.69 33.02
N VAL E 194 42.06 -32.37 34.08
CA VAL E 194 42.98 -32.78 35.14
C VAL E 194 43.60 -34.12 34.78
N TYR E 195 42.76 -35.15 34.65
CA TYR E 195 43.24 -36.48 34.31
C TYR E 195 42.16 -37.21 33.53
N GLU E 196 42.60 -38.15 32.70
CA GLU E 196 41.70 -39.02 31.96
C GLU E 196 42.22 -40.45 32.07
N LEU E 197 41.35 -41.35 32.54
CA LEU E 197 41.76 -42.73 32.78
C LEU E 197 42.13 -43.41 31.47
N THR E 198 43.04 -44.39 31.56
CA THR E 198 43.46 -45.18 30.42
C THR E 198 43.78 -46.58 30.92
N PRO E 199 43.21 -47.63 30.32
CA PRO E 199 43.48 -48.99 30.77
C PRO E 199 44.83 -49.49 30.27
N THR E 200 45.11 -50.76 30.57
CA THR E 200 46.39 -51.35 30.19
C THR E 200 46.52 -51.41 28.67
N ALA E 201 47.76 -51.33 28.19
CA ALA E 201 48.00 -51.37 26.76
C ALA E 201 47.51 -52.67 26.14
N GLU E 202 47.58 -53.78 26.89
CA GLU E 202 47.05 -55.04 26.39
C GLU E 202 45.55 -54.91 26.11
N GLN E 203 44.81 -54.31 27.04
CA GLN E 203 43.40 -54.07 26.81
C GLN E 203 43.16 -53.03 25.73
N LYS E 204 44.08 -52.07 25.57
CA LYS E 204 43.98 -51.15 24.46
C LYS E 204 44.00 -51.92 23.14
N ALA E 205 44.96 -52.82 22.97
CA ALA E 205 45.04 -53.61 21.75
C ALA E 205 43.82 -54.50 21.60
N LEU E 206 43.36 -55.11 22.69
CA LEU E 206 42.19 -55.99 22.62
C LEU E 206 40.96 -55.21 22.17
N ALA E 207 40.73 -54.02 22.74
CA ALA E 207 39.60 -53.20 22.32
C ALA E 207 39.74 -52.78 20.87
N THR E 208 40.96 -52.45 20.43
CA THR E 208 41.17 -52.13 19.02
C THR E 208 40.78 -53.31 18.13
N LYS E 209 41.13 -54.52 18.55
CA LYS E 209 40.80 -55.71 17.75
C LYS E 209 39.30 -55.86 17.59
N LEU E 210 38.55 -55.70 18.68
CA LEU E 210 37.10 -55.85 18.66
C LEU E 210 36.38 -54.54 18.38
N LYS E 211 37.10 -53.45 18.15
CA LYS E 211 36.50 -52.14 17.88
C LYS E 211 35.65 -51.67 19.07
N LEU E 212 36.04 -52.05 20.28
CA LEU E 212 35.39 -51.62 21.50
C LEU E 212 35.93 -50.27 21.94
N PRO E 213 35.22 -49.58 22.83
CA PRO E 213 35.72 -48.31 23.36
C PRO E 213 37.07 -48.50 24.04
N PRO E 214 37.98 -47.53 23.94
CA PRO E 214 39.31 -47.72 24.56
C PRO E 214 39.24 -48.00 26.05
N THR E 215 38.33 -47.34 26.78
CA THR E 215 38.19 -47.52 28.21
C THR E 215 37.20 -48.63 28.57
N PHE E 216 37.00 -49.59 27.67
CA PHE E 216 36.02 -50.65 27.93
C PHE E 216 36.46 -51.54 29.08
N PHE E 217 37.76 -51.87 29.15
CA PHE E 217 38.27 -52.84 30.11
C PHE E 217 38.72 -52.20 31.41
N CYS E 218 38.45 -50.91 31.61
CA CYS E 218 38.89 -50.25 32.84
C CYS E 218 38.33 -50.89 34.09
N TYR E 219 37.22 -51.63 33.98
CA TYR E 219 36.59 -52.20 35.17
C TYR E 219 37.53 -53.17 35.88
N LYS E 220 38.22 -54.04 35.13
CA LYS E 220 39.06 -55.05 35.73
C LYS E 220 40.40 -54.51 36.23
N ASN E 221 40.73 -53.27 35.90
CA ASN E 221 41.98 -52.66 36.33
C ASN E 221 41.83 -51.93 37.66
N ARG E 222 40.65 -51.94 38.26
CA ARG E 222 40.39 -51.26 39.51
C ARG E 222 40.67 -52.16 40.69
N PRO E 223 40.65 -51.63 41.92
CA PRO E 223 40.91 -52.47 43.09
C PRO E 223 39.87 -53.56 43.28
N ASP E 224 40.05 -54.38 44.31
CA ASP E 224 39.16 -55.49 44.64
C ASP E 224 38.75 -56.28 43.40
N TYR E 225 39.73 -56.59 42.55
CA TYR E 225 39.50 -57.41 41.38
C TYR E 225 40.09 -58.80 41.60
N VAL E 226 39.35 -59.83 41.19
CA VAL E 226 39.73 -61.21 41.41
C VAL E 226 39.75 -61.94 40.06
N SER E 227 40.23 -63.18 40.08
CA SER E 227 40.28 -63.99 38.89
C SER E 227 38.90 -64.07 38.23
N GLU E 228 38.90 -64.38 36.94
CA GLU E 228 37.68 -64.40 36.14
C GLU E 228 37.02 -65.76 36.26
N GLU E 229 36.03 -65.86 37.16
CA GLU E 229 35.21 -67.07 37.22
C GLU E 229 34.56 -67.32 35.87
N GLU E 230 34.66 -68.55 35.38
CA GLU E 230 34.13 -68.92 34.07
C GLU E 230 33.19 -70.12 34.25
N GLU E 231 31.96 -69.84 34.62
CA GLU E 231 30.89 -70.84 34.58
C GLU E 231 29.64 -70.32 33.88
N ASP E 232 29.29 -69.05 34.09
CA ASP E 232 28.13 -68.43 33.47
C ASP E 232 26.92 -69.36 33.46
N ASP E 233 26.69 -70.06 34.57
CA ASP E 233 25.52 -70.92 34.72
C ASP E 233 24.35 -70.14 35.29
N GLU E 234 24.03 -69.02 34.64
CA GLU E 234 23.00 -68.10 35.11
C GLU E 234 21.86 -68.08 34.12
N ASP E 235 20.64 -68.35 34.59
CA ASP E 235 19.43 -68.23 33.80
C ASP E 235 18.72 -66.93 34.17
N PHE E 236 17.82 -66.50 33.28
CA PHE E 236 17.09 -65.27 33.53
C PHE E 236 16.30 -65.34 34.83
N GLU E 237 15.77 -66.52 35.16
CA GLU E 237 15.02 -66.66 36.40
C GLU E 237 15.90 -66.38 37.61
N THR E 238 17.11 -66.95 37.62
CA THR E 238 18.02 -66.71 38.73
C THR E 238 18.40 -65.24 38.84
N ALA E 239 18.66 -64.59 37.69
CA ALA E 239 19.01 -63.17 37.71
C ALA E 239 17.87 -62.34 38.27
N VAL E 240 16.62 -62.67 37.89
CA VAL E 240 15.48 -61.97 38.44
C VAL E 240 15.39 -62.20 39.94
N LYS E 241 15.60 -63.45 40.38
CA LYS E 241 15.50 -63.75 41.80
C LYS E 241 16.52 -62.95 42.60
N LYS E 242 17.76 -62.86 42.08
CA LYS E 242 18.80 -62.13 42.81
C LYS E 242 18.36 -60.71 43.14
N LEU E 243 17.53 -60.11 42.29
CA LEU E 243 17.05 -58.76 42.57
C LEU E 243 16.23 -58.72 43.85
N ASN E 244 15.55 -59.82 44.19
CA ASN E 244 14.73 -59.90 45.39
C ASN E 244 13.65 -58.82 45.41
N GLY E 245 13.19 -58.41 44.23
CA GLY E 245 12.17 -57.38 44.14
C GLY E 245 12.66 -55.97 44.39
N LYS E 246 13.97 -55.78 44.53
CA LYS E 246 14.55 -54.46 44.73
C LYS E 246 15.42 -54.11 43.53
N LEU E 247 15.14 -52.96 42.92
CA LEU E 247 15.88 -52.51 41.75
C LEU E 247 16.19 -51.02 41.77
N TYR E 248 15.86 -50.30 42.85
CA TYR E 248 16.09 -48.88 42.94
C TYR E 248 16.84 -48.56 44.22
N LEU E 249 17.90 -47.77 44.10
CA LEU E 249 18.62 -47.31 45.28
C LEU E 249 17.82 -46.23 46.00
N ASP E 250 18.06 -46.12 47.30
CA ASP E 250 17.35 -45.16 48.14
C ASP E 250 18.35 -44.39 48.99
N GLY E 251 18.00 -43.13 49.28
CA GLY E 251 18.84 -42.27 50.09
C GLY E 251 18.48 -42.30 51.55
N GLY E 400 -13.98 -13.43 64.16
CA GLY E 400 -14.56 -14.08 63.00
C GLY E 400 -15.16 -13.08 62.02
N PHE E 401 -15.76 -13.61 60.95
CA PHE E 401 -16.38 -12.76 59.92
C PHE E 401 -17.57 -13.53 59.34
N GLY E 402 -18.75 -13.27 59.90
CA GLY E 402 -19.96 -13.89 59.41
C GLY E 402 -19.87 -15.40 59.31
N SER E 403 -19.79 -16.08 60.45
CA SER E 403 -19.72 -17.54 60.47
C SER E 403 -20.80 -18.13 59.56
N SER E 404 -20.37 -18.83 58.52
CA SER E 404 -21.25 -19.32 57.48
C SER E 404 -21.31 -20.84 57.49
N THR E 405 -22.48 -21.37 57.12
CA THR E 405 -22.69 -22.80 56.96
C THR E 405 -22.58 -23.23 55.50
N GLY E 406 -22.03 -22.39 54.64
CA GLY E 406 -21.95 -22.69 53.23
C GLY E 406 -20.99 -23.82 52.93
N LEU E 407 -21.00 -24.25 51.67
CA LEU E 407 -20.20 -25.36 51.21
C LEU E 407 -18.79 -24.86 50.88
N SER E 408 -17.97 -25.74 50.32
CA SER E 408 -16.60 -25.38 49.96
C SER E 408 -16.15 -26.23 48.78
N PHE E 409 -15.12 -25.77 48.08
CA PHE E 409 -14.61 -26.50 46.94
C PHE E 409 -14.09 -27.88 47.36
N ALA E 410 -13.40 -27.96 48.49
CA ALA E 410 -12.88 -29.24 48.95
C ALA E 410 -14.01 -30.22 49.21
N ASP E 411 -15.09 -29.76 49.84
CA ASP E 411 -16.22 -30.65 50.10
C ASP E 411 -16.87 -31.10 48.80
N LEU E 412 -17.06 -30.19 47.85
CA LEU E 412 -17.65 -30.56 46.57
C LEU E 412 -16.77 -31.55 45.83
N ALA E 413 -15.46 -31.33 45.82
CA ALA E 413 -14.56 -32.23 45.11
C ALA E 413 -14.61 -33.63 45.70
N SER E 414 -14.66 -33.74 47.03
CA SER E 414 -14.69 -35.05 47.67
C SER E 414 -15.97 -35.80 47.33
N SER E 415 -17.10 -35.10 47.27
CA SER E 415 -18.38 -35.77 47.05
C SER E 415 -18.41 -36.50 45.70
N ASN E 416 -17.88 -35.86 44.66
CA ASN E 416 -17.90 -36.42 43.32
C ASN E 416 -16.55 -37.04 42.99
N SER E 417 -16.58 -38.22 42.38
CA SER E 417 -15.36 -38.89 41.94
C SER E 417 -14.92 -38.28 40.61
N GLY E 418 -13.98 -38.94 39.92
CA GLY E 418 -13.48 -38.43 38.65
C GLY E 418 -14.54 -38.30 37.59
N ASP E 419 -15.67 -39.00 37.74
CA ASP E 419 -16.75 -38.90 36.76
C ASP E 419 -17.34 -37.50 36.76
N PHE E 420 -17.61 -36.99 35.56
CA PHE E 420 -18.17 -35.66 35.38
C PHE E 420 -19.69 -35.73 35.31
N ALA E 421 -20.34 -34.62 35.66
CA ALA E 421 -21.78 -34.51 35.62
C ALA E 421 -22.29 -33.88 34.32
N PHE E 422 -21.41 -33.63 33.36
CA PHE E 422 -21.78 -32.99 32.11
C PHE E 422 -22.42 -34.02 31.18
N GLY E 423 -22.61 -33.64 29.92
CA GLY E 423 -23.13 -34.55 28.92
C GLY E 423 -22.06 -35.50 28.42
N SER E 424 -22.42 -36.22 27.36
CA SER E 424 -21.50 -37.19 26.76
C SER E 424 -21.55 -37.14 25.23
N LYS E 425 -21.90 -35.98 24.66
CA LYS E 425 -21.99 -35.81 23.21
C LYS E 425 -23.00 -36.81 22.62
N ASP E 426 -24.25 -36.60 23.00
CA ASP E 426 -25.33 -37.46 22.54
C ASP E 426 -25.25 -37.67 21.03
N LYS E 427 -25.74 -38.82 20.58
CA LYS E 427 -25.63 -39.19 19.18
C LYS E 427 -26.28 -38.13 18.29
N ASN E 428 -25.60 -37.80 17.19
CA ASN E 428 -26.13 -36.88 16.19
C ASN E 428 -26.48 -35.53 16.81
N PHE E 429 -25.53 -34.97 17.54
CA PHE E 429 -25.66 -33.63 18.12
C PHE E 429 -24.71 -32.68 17.39
N GLN E 430 -25.24 -31.54 16.98
CA GLN E 430 -24.44 -30.47 16.40
C GLN E 430 -24.94 -29.14 16.92
N TRP E 431 -24.01 -28.19 17.06
CA TRP E 431 -24.39 -26.88 17.54
C TRP E 431 -25.31 -26.19 16.54
N ALA E 432 -26.09 -25.23 17.03
CA ALA E 432 -27.03 -24.53 16.18
C ALA E 432 -26.30 -23.81 15.05
N ASN E 433 -26.81 -23.97 13.83
CA ASN E 433 -26.28 -23.28 12.66
C ASN E 433 -24.85 -23.70 12.35
N THR E 434 -24.50 -24.94 12.65
CA THR E 434 -23.15 -25.43 12.36
C THR E 434 -22.87 -25.39 10.86
N GLY E 435 -21.93 -24.56 10.45
CA GLY E 435 -21.54 -24.45 9.05
C GLY E 435 -22.16 -23.31 8.28
N ALA E 436 -22.95 -22.47 8.94
CA ALA E 436 -23.60 -21.36 8.24
C ALA E 436 -22.56 -20.37 7.73
N ALA E 437 -22.89 -19.74 6.60
CA ALA E 437 -22.01 -18.73 6.04
C ALA E 437 -21.96 -17.50 6.94
N VAL E 438 -20.83 -16.80 6.89
CA VAL E 438 -20.64 -15.65 7.77
C VAL E 438 -21.70 -14.59 7.49
N PHE E 439 -21.92 -14.28 6.22
CA PHE E 439 -22.90 -13.27 5.81
C PHE E 439 -24.12 -14.01 5.26
N GLY E 440 -25.14 -14.19 6.08
CA GLY E 440 -26.35 -14.88 5.69
C GLY E 440 -26.46 -16.25 6.33
N HIS E 470 -11.17 -17.54 -48.80
CA HIS E 470 -11.29 -16.73 -47.60
C HIS E 470 -12.75 -16.35 -47.34
N PHE E 471 -13.18 -15.24 -47.94
CA PHE E 471 -14.52 -14.74 -47.70
C PHE E 471 -15.55 -15.59 -48.43
N GLU E 472 -16.68 -15.83 -47.77
CA GLU E 472 -17.73 -16.64 -48.37
C GLU E 472 -18.53 -15.82 -49.39
N PRO E 473 -19.11 -16.48 -50.39
CA PRO E 473 -19.87 -15.74 -51.40
C PRO E 473 -21.12 -15.11 -50.82
N ILE E 474 -21.53 -14.00 -51.41
CA ILE E 474 -22.72 -13.29 -51.00
C ILE E 474 -23.85 -13.42 -52.01
N VAL E 475 -23.55 -13.57 -53.29
CA VAL E 475 -24.56 -13.75 -54.34
C VAL E 475 -24.00 -14.70 -55.38
N SER E 476 -24.85 -15.59 -55.87
CA SER E 476 -24.48 -16.56 -56.91
C SER E 476 -25.22 -16.21 -58.19
N LEU E 477 -24.46 -16.08 -59.28
CA LEU E 477 -25.02 -15.72 -60.58
C LEU E 477 -24.70 -16.82 -61.59
N PRO E 478 -25.69 -17.49 -62.18
CA PRO E 478 -25.37 -18.49 -63.19
C PRO E 478 -24.75 -17.87 -64.43
N GLU E 479 -23.89 -18.64 -65.08
CA GLU E 479 -23.19 -18.15 -66.26
C GLU E 479 -24.20 -17.89 -67.39
N VAL E 480 -23.99 -16.80 -68.12
CA VAL E 480 -24.90 -16.37 -69.17
C VAL E 480 -24.12 -16.16 -70.46
N GLU E 481 -24.81 -16.29 -71.58
CA GLU E 481 -24.18 -16.05 -72.87
C GLU E 481 -23.91 -14.56 -73.07
N VAL E 482 -22.84 -14.27 -73.81
CA VAL E 482 -22.46 -12.90 -74.13
C VAL E 482 -22.68 -12.69 -75.63
N LYS E 483 -23.42 -11.63 -75.96
CA LYS E 483 -23.78 -11.32 -77.34
C LYS E 483 -23.37 -9.89 -77.63
N SER E 484 -22.31 -9.73 -78.43
CA SER E 484 -21.87 -8.42 -78.89
C SER E 484 -22.31 -8.24 -80.34
N GLY E 485 -22.88 -7.08 -80.65
CA GLY E 485 -23.49 -6.86 -81.95
C GLY E 485 -22.49 -6.77 -83.09
N GLU E 486 -21.72 -7.83 -83.30
CA GLU E 486 -20.76 -7.86 -84.38
C GLU E 486 -20.72 -9.19 -85.13
N GLU E 487 -21.62 -10.13 -84.82
CA GLU E 487 -21.57 -11.43 -85.49
C GLU E 487 -21.84 -11.30 -86.98
N ASP E 488 -22.82 -10.47 -87.36
CA ASP E 488 -23.25 -10.33 -88.75
C ASP E 488 -22.71 -9.07 -89.40
N GLU E 489 -21.48 -8.69 -89.09
CA GLU E 489 -20.86 -7.51 -89.67
C GLU E 489 -19.41 -7.81 -89.99
N GLU E 490 -18.88 -7.09 -90.98
CA GLU E 490 -17.51 -7.24 -91.44
C GLU E 490 -16.68 -6.06 -90.98
N ILE E 491 -15.47 -6.35 -90.50
CA ILE E 491 -14.56 -5.32 -90.01
C ILE E 491 -13.72 -4.84 -91.19
N LEU E 492 -13.97 -3.61 -91.63
CA LEU E 492 -13.19 -3.00 -92.69
C LEU E 492 -12.00 -2.21 -92.16
N PHE E 493 -11.85 -2.12 -90.83
CA PHE E 493 -10.77 -1.37 -90.23
C PHE E 493 -10.75 -1.67 -88.74
N LYS E 494 -9.55 -1.75 -88.17
CA LYS E 494 -9.41 -2.00 -86.74
C LYS E 494 -8.01 -1.55 -86.34
N GLU E 495 -7.91 -0.49 -85.55
CA GLU E 495 -6.60 0.03 -85.16
C GLU E 495 -6.65 0.66 -83.78
N ARG E 496 -5.52 0.62 -83.09
CA ARG E 496 -5.39 1.30 -81.81
C ARG E 496 -5.52 2.81 -82.01
N ALA E 497 -6.16 3.47 -81.05
CA ALA E 497 -6.34 4.91 -81.15
C ALA E 497 -6.77 5.45 -79.79
N LYS E 498 -6.71 6.78 -79.67
CA LYS E 498 -7.23 7.50 -78.51
C LYS E 498 -8.37 8.39 -78.95
N LEU E 499 -9.48 8.31 -78.24
CA LEU E 499 -10.68 9.07 -78.54
C LEU E 499 -10.86 10.16 -77.49
N TYR E 500 -11.06 11.39 -77.96
CA TYR E 500 -11.30 12.55 -77.11
C TYR E 500 -12.66 13.15 -77.46
N ARG E 501 -13.39 13.56 -76.43
CA ARG E 501 -14.69 14.20 -76.59
C ARG E 501 -14.56 15.69 -76.30
N TRP E 502 -15.19 16.52 -77.12
CA TRP E 502 -15.19 17.95 -76.88
C TRP E 502 -16.12 18.30 -75.72
N ASP E 503 -15.62 19.10 -74.79
CA ASP E 503 -16.39 19.56 -73.63
C ASP E 503 -16.66 21.04 -73.82
N ARG E 504 -17.90 21.38 -74.20
CA ARG E 504 -18.24 22.78 -74.46
C ARG E 504 -18.27 23.59 -73.18
N ASP E 505 -18.66 23.00 -72.05
CA ASP E 505 -18.78 23.75 -70.82
C ASP E 505 -17.43 24.35 -70.40
N VAL E 506 -16.36 23.56 -70.50
CA VAL E 506 -15.03 24.03 -70.12
C VAL E 506 -14.20 24.44 -71.32
N SER E 507 -14.61 24.07 -72.54
CA SER E 507 -13.90 24.44 -73.76
C SER E 507 -12.50 23.83 -73.80
N GLN E 508 -12.44 22.51 -73.60
CA GLN E 508 -11.18 21.79 -73.69
C GLN E 508 -11.47 20.33 -73.99
N TRP E 509 -10.55 19.68 -74.69
CA TRP E 509 -10.70 18.26 -74.99
C TRP E 509 -10.51 17.44 -73.72
N LYS E 510 -11.42 16.50 -73.50
CA LYS E 510 -11.34 15.57 -72.38
C LYS E 510 -11.23 14.16 -72.94
N GLU E 511 -10.27 13.39 -72.44
CA GLU E 511 -10.05 12.05 -72.95
C GLU E 511 -11.32 11.23 -72.81
N ARG E 512 -11.69 10.54 -73.89
CA ARG E 512 -12.85 9.64 -73.87
C ARG E 512 -12.44 8.19 -73.74
N GLY E 513 -11.25 7.82 -74.20
CA GLY E 513 -10.78 6.47 -74.01
C GLY E 513 -9.60 6.17 -74.90
N VAL E 514 -9.09 4.95 -74.72
CA VAL E 514 -8.01 4.41 -75.55
C VAL E 514 -8.38 2.97 -75.89
N GLY E 515 -8.35 2.61 -77.17
CA GLY E 515 -8.72 1.27 -77.54
C GLY E 515 -8.74 1.09 -79.04
N ASP E 516 -9.30 -0.03 -79.46
CA ASP E 516 -9.33 -0.43 -80.87
C ASP E 516 -10.58 0.16 -81.52
N ILE E 517 -10.39 1.18 -82.36
CA ILE E 517 -11.47 1.76 -83.14
C ILE E 517 -11.64 0.95 -84.42
N LYS E 518 -12.90 0.70 -84.79
CA LYS E 518 -13.23 -0.16 -85.91
C LYS E 518 -14.35 0.46 -86.72
N ILE E 519 -14.36 0.14 -88.01
CA ILE E 519 -15.39 0.61 -88.95
C ILE E 519 -16.10 -0.65 -89.45
N LEU E 520 -17.17 -1.02 -88.77
CA LEU E 520 -17.93 -2.21 -89.16
C LEU E 520 -18.91 -1.88 -90.27
N TRP E 521 -19.20 -2.88 -91.09
CA TRP E 521 -20.16 -2.74 -92.18
C TRP E 521 -21.12 -3.93 -92.15
N HIS E 522 -22.42 -3.64 -92.27
CA HIS E 522 -23.42 -4.69 -92.27
C HIS E 522 -23.69 -5.16 -93.69
N THR E 523 -24.07 -6.44 -93.81
CA THR E 523 -24.28 -7.03 -95.13
C THR E 523 -25.69 -6.72 -95.65
N MET E 524 -26.72 -7.15 -94.91
CA MET E 524 -28.09 -7.00 -95.39
C MET E 524 -28.58 -5.56 -95.24
N LYS E 525 -28.63 -5.06 -94.01
CA LYS E 525 -29.07 -3.69 -93.79
C LYS E 525 -28.17 -2.69 -94.50
N ASN E 526 -26.91 -3.06 -94.75
CA ASN E 526 -25.97 -2.25 -95.51
C ASN E 526 -25.82 -0.86 -94.89
N TYR E 527 -25.30 -0.85 -93.68
CA TYR E 527 -24.96 0.39 -92.99
C TYR E 527 -23.56 0.28 -92.40
N TYR E 528 -22.88 1.42 -92.31
CA TYR E 528 -21.53 1.50 -91.78
C TYR E 528 -21.59 2.14 -90.40
N ARG E 529 -20.93 1.50 -89.44
CA ARG E 529 -21.00 1.89 -88.05
C ARG E 529 -19.59 2.00 -87.48
N ILE E 530 -19.27 3.15 -86.89
CA ILE E 530 -18.01 3.34 -86.19
C ILE E 530 -18.20 2.87 -84.76
N LEU E 531 -17.30 2.00 -84.30
CA LEU E 531 -17.40 1.37 -83.00
C LEU E 531 -16.04 1.43 -82.31
N MET E 532 -16.07 1.50 -80.98
CA MET E 532 -14.84 1.49 -80.20
C MET E 532 -15.14 0.97 -78.81
N ARG E 533 -14.18 0.24 -78.25
CA ARG E 533 -14.28 -0.27 -76.89
C ARG E 533 -13.00 0.05 -76.14
N ARG E 534 -13.13 0.32 -74.85
CA ARG E 534 -11.98 0.69 -74.04
C ARG E 534 -11.04 -0.51 -73.93
N ASP E 535 -9.89 -0.28 -73.30
CA ASP E 535 -8.80 -1.25 -73.37
C ASP E 535 -9.09 -2.47 -72.49
N GLN E 536 -9.23 -2.26 -71.17
CA GLN E 536 -9.33 -3.35 -70.22
C GLN E 536 -10.76 -3.57 -69.74
N VAL E 537 -11.47 -2.51 -69.36
CA VAL E 537 -12.85 -2.67 -68.92
C VAL E 537 -13.78 -3.07 -70.07
N PHE E 538 -13.35 -2.85 -71.31
CA PHE E 538 -14.11 -3.25 -72.49
C PHE E 538 -15.44 -2.52 -72.63
N LYS E 539 -15.61 -1.38 -71.95
CA LYS E 539 -16.80 -0.58 -72.14
C LYS E 539 -16.77 0.10 -73.51
N VAL E 540 -17.95 0.37 -74.04
CA VAL E 540 -18.08 1.09 -75.30
C VAL E 540 -17.93 2.57 -75.04
N CYS E 541 -16.95 3.20 -75.70
CA CYS E 541 -16.69 4.63 -75.55
C CYS E 541 -17.10 5.44 -76.77
N ALA E 542 -17.40 4.80 -77.89
CA ALA E 542 -17.86 5.50 -79.08
C ALA E 542 -18.60 4.51 -79.95
N ASN E 543 -19.79 4.89 -80.41
CA ASN E 543 -20.60 4.01 -81.24
C ASN E 543 -21.62 4.86 -81.98
N HIS E 544 -21.52 4.91 -83.30
CA HIS E 544 -22.47 5.71 -84.07
C HIS E 544 -22.45 5.24 -85.52
N VAL E 545 -23.34 5.83 -86.32
CA VAL E 545 -23.50 5.47 -87.73
C VAL E 545 -22.86 6.54 -88.59
N ILE E 546 -22.42 6.13 -89.77
CA ILE E 546 -21.79 7.04 -90.73
C ILE E 546 -22.86 7.59 -91.66
N THR E 547 -22.87 8.92 -91.83
CA THR E 547 -23.84 9.59 -92.67
C THR E 547 -23.12 10.49 -93.66
N LYS E 548 -23.82 10.85 -94.73
CA LYS E 548 -23.23 11.69 -95.76
C LYS E 548 -22.86 13.07 -95.22
N THR E 549 -23.44 13.48 -94.09
CA THR E 549 -23.18 14.80 -93.52
C THR E 549 -21.93 14.84 -92.65
N MET E 550 -21.24 13.71 -92.48
CA MET E 550 -20.00 13.71 -91.72
C MET E 550 -18.98 14.64 -92.37
N GLU E 551 -18.22 15.35 -91.53
CA GLU E 551 -17.25 16.34 -91.99
C GLU E 551 -15.88 16.03 -91.40
N LEU E 552 -15.46 14.77 -91.49
CA LEU E 552 -14.15 14.39 -91.00
C LEU E 552 -13.08 15.22 -91.69
N LYS E 553 -12.20 15.83 -90.89
CA LYS E 553 -11.16 16.70 -91.42
C LYS E 553 -9.98 16.69 -90.46
N PRO E 554 -8.77 16.93 -90.95
CA PRO E 554 -7.60 16.89 -90.06
C PRO E 554 -7.66 17.99 -89.02
N LEU E 555 -7.01 17.73 -87.89
CA LEU E 555 -6.89 18.71 -86.81
C LEU E 555 -5.65 19.56 -87.06
N ASN E 556 -5.82 20.87 -87.13
CA ASN E 556 -4.71 21.75 -87.47
C ASN E 556 -3.57 21.59 -86.47
N VAL E 557 -3.88 21.66 -85.18
CA VAL E 557 -2.87 21.47 -84.14
C VAL E 557 -2.54 19.99 -84.04
N SER E 558 -1.45 19.67 -83.36
CA SER E 558 -1.02 18.28 -83.23
C SER E 558 -0.76 17.67 -84.60
N ASN E 559 -0.76 16.34 -84.69
CA ASN E 559 -0.49 15.66 -85.95
C ASN E 559 -1.22 14.33 -85.95
N ASN E 560 -1.40 13.79 -87.16
CA ASN E 560 -2.06 12.50 -87.37
C ASN E 560 -3.28 12.34 -86.47
N ALA E 561 -4.13 13.35 -86.48
CA ALA E 561 -5.37 13.35 -85.72
C ALA E 561 -6.51 13.79 -86.62
N LEU E 562 -7.70 13.28 -86.34
CA LEU E 562 -8.90 13.60 -87.11
C LEU E 562 -9.99 14.06 -86.16
N VAL E 563 -10.92 14.86 -86.69
CA VAL E 563 -12.01 15.42 -85.89
C VAL E 563 -13.30 15.32 -86.70
N TRP E 564 -14.40 15.00 -86.02
CA TRP E 564 -15.69 14.98 -86.70
C TRP E 564 -16.80 15.02 -85.68
N THR E 565 -17.95 15.55 -86.09
CA THR E 565 -19.14 15.60 -85.25
C THR E 565 -19.98 14.35 -85.49
N ALA E 566 -20.55 13.80 -84.42
CA ALA E 566 -21.33 12.58 -84.54
C ALA E 566 -22.37 12.51 -83.44
N SER E 567 -23.50 11.87 -83.75
CA SER E 567 -24.54 11.62 -82.77
C SER E 567 -24.20 10.33 -82.02
N ASP E 568 -23.25 10.46 -81.10
CA ASP E 568 -22.77 9.29 -80.37
C ASP E 568 -23.89 8.69 -79.53
N TYR E 569 -23.91 7.35 -79.46
CA TYR E 569 -24.88 6.60 -78.69
C TYR E 569 -24.15 5.65 -77.73
N ALA E 570 -23.15 6.19 -77.03
CA ALA E 570 -22.29 5.36 -76.21
C ALA E 570 -22.95 5.01 -74.87
N ASP E 571 -23.30 6.03 -74.08
CA ASP E 571 -23.68 5.79 -72.69
C ASP E 571 -25.11 5.30 -72.56
N GLY E 572 -26.08 6.18 -72.82
CA GLY E 572 -27.47 5.81 -72.67
C GLY E 572 -28.44 6.43 -73.65
N GLU E 573 -27.96 7.26 -74.57
CA GLU E 573 -28.85 7.96 -75.48
C GLU E 573 -28.00 8.81 -76.42
N ALA E 574 -28.65 9.34 -77.46
CA ALA E 574 -27.95 10.12 -78.46
C ALA E 574 -27.42 11.41 -77.85
N LYS E 575 -26.20 11.77 -78.24
CA LYS E 575 -25.58 13.03 -77.82
C LYS E 575 -24.69 13.51 -78.96
N VAL E 576 -24.87 14.76 -79.37
CA VAL E 576 -24.07 15.33 -80.44
C VAL E 576 -22.72 15.71 -79.86
N GLU E 577 -21.67 15.00 -80.26
CA GLU E 577 -20.34 15.19 -79.72
C GLU E 577 -19.34 15.39 -80.84
N GLN E 578 -18.38 16.29 -80.61
CA GLN E 578 -17.23 16.45 -81.50
C GLN E 578 -16.14 15.51 -81.00
N LEU E 579 -15.87 14.46 -81.77
CA LEU E 579 -14.91 13.44 -81.41
C LEU E 579 -13.62 13.65 -82.19
N ALA E 580 -12.51 13.61 -81.47
CA ALA E 580 -11.17 13.70 -82.06
C ALA E 580 -10.45 12.39 -81.81
N VAL E 581 -9.99 11.75 -82.88
CA VAL E 581 -9.29 10.47 -82.80
C VAL E 581 -7.83 10.69 -83.17
N ARG E 582 -6.93 10.23 -82.30
CA ARG E 582 -5.50 10.30 -82.54
C ARG E 582 -4.95 8.90 -82.66
N PHE E 583 -4.19 8.65 -83.73
CA PHE E 583 -3.62 7.35 -84.02
C PHE E 583 -2.14 7.32 -83.64
N LYS E 584 -1.50 6.17 -83.85
CA LYS E 584 -0.10 6.03 -83.49
C LYS E 584 0.80 6.75 -84.48
N THR E 585 0.50 6.65 -85.78
CA THR E 585 1.33 7.22 -86.82
C THR E 585 0.43 7.88 -87.86
N LYS E 586 1.04 8.37 -88.94
CA LYS E 586 0.30 9.13 -89.95
C LYS E 586 -0.32 8.24 -91.02
N GLU E 587 0.37 7.18 -91.43
CA GLU E 587 -0.19 6.30 -92.46
C GLU E 587 -1.47 5.63 -91.97
N VAL E 588 -1.54 5.29 -90.68
CA VAL E 588 -2.76 4.70 -90.14
C VAL E 588 -3.90 5.70 -90.22
N ALA E 589 -3.63 6.97 -89.89
CA ALA E 589 -4.67 7.99 -90.00
C ALA E 589 -5.10 8.17 -91.44
N ASP E 590 -4.16 8.15 -92.38
CA ASP E 590 -4.52 8.28 -93.79
C ASP E 590 -5.38 7.12 -94.24
N CYS E 591 -5.05 5.90 -93.83
CA CYS E 591 -5.88 4.74 -94.17
C CYS E 591 -7.27 4.87 -93.59
N PHE E 592 -7.36 5.32 -92.34
CA PHE E 592 -8.68 5.50 -91.72
C PHE E 592 -9.50 6.52 -92.47
N LYS E 593 -8.88 7.65 -92.85
CA LYS E 593 -9.61 8.67 -93.59
C LYS E 593 -10.04 8.16 -94.95
N LYS E 594 -9.17 7.40 -95.63
CA LYS E 594 -9.53 6.82 -96.92
C LYS E 594 -10.71 5.88 -96.79
N THR E 595 -10.71 5.02 -95.76
CA THR E 595 -11.82 4.12 -95.54
C THR E 595 -13.11 4.89 -95.26
N PHE E 596 -13.01 5.94 -94.45
CA PHE E 596 -14.18 6.76 -94.15
C PHE E 596 -14.75 7.38 -95.42
N GLU E 597 -13.88 7.95 -96.26
CA GLU E 597 -14.33 8.55 -97.50
C GLU E 597 -14.94 7.51 -98.42
N GLU E 598 -14.33 6.32 -98.51
CA GLU E 598 -14.88 5.27 -99.36
C GLU E 598 -16.25 4.84 -98.88
N CYS E 599 -16.43 4.73 -97.57
CA CYS E 599 -17.74 4.38 -97.03
C CYS E 599 -18.77 5.45 -97.37
N GLN E 600 -18.39 6.73 -97.22
CA GLN E 600 -19.32 7.80 -97.58
C GLN E 600 -19.69 7.75 -99.05
N GLN E 601 -18.70 7.53 -99.92
CA GLN E 601 -18.98 7.45 -101.35
C GLN E 601 -19.88 6.27 -101.68
N ASN E 602 -19.64 5.13 -101.04
CA ASN E 602 -20.48 3.96 -101.28
C ASN E 602 -21.92 4.24 -100.85
N LEU E 603 -22.10 4.90 -99.70
CA LEU E 603 -23.44 5.27 -99.27
C LEU E 603 -24.09 6.22 -100.27
N MET E 604 -23.34 7.21 -100.75
CA MET E 604 -23.93 8.21 -101.64
C MET E 604 -24.31 7.61 -102.98
N LYS E 605 -23.46 6.74 -103.54
CA LYS E 605 -23.73 6.22 -104.87
C LYS E 605 -24.93 5.27 -104.90
N LEU E 606 -25.34 4.76 -103.74
CA LEU E 606 -26.48 3.84 -103.70
C LEU E 606 -27.74 4.51 -104.22
N GLN E 607 -27.90 5.81 -103.98
CA GLN E 607 -29.09 6.53 -104.42
C GLN E 607 -29.17 6.55 -105.93
N GLN F 14 -31.54 -6.49 -60.94
CA GLN F 14 -30.11 -6.42 -61.24
C GLN F 14 -29.30 -6.76 -60.00
N VAL F 15 -27.98 -6.61 -60.08
CA VAL F 15 -27.06 -6.89 -58.99
C VAL F 15 -26.34 -5.61 -58.63
N GLN F 16 -26.35 -5.27 -57.33
CA GLN F 16 -25.68 -4.07 -56.84
C GLN F 16 -24.82 -4.43 -55.64
N PHE F 17 -23.61 -3.89 -55.61
CA PHE F 17 -22.65 -4.11 -54.54
C PHE F 17 -22.16 -2.74 -54.07
N LYS F 18 -22.75 -2.22 -52.99
CA LYS F 18 -22.31 -0.93 -52.48
C LYS F 18 -20.83 -0.99 -52.14
N LEU F 19 -20.01 -0.27 -52.89
CA LEU F 19 -18.58 -0.20 -52.66
C LEU F 19 -18.25 1.14 -52.02
N VAL F 20 -17.29 1.14 -51.11
CA VAL F 20 -16.90 2.35 -50.38
C VAL F 20 -15.45 2.67 -50.73
N LEU F 21 -15.23 3.83 -51.32
CA LEU F 21 -13.90 4.27 -51.72
C LEU F 21 -13.41 5.29 -50.70
N VAL F 22 -12.38 4.90 -49.94
CA VAL F 22 -11.89 5.66 -48.79
C VAL F 22 -10.39 5.85 -48.94
N GLY F 23 -9.90 7.04 -48.61
CA GLY F 23 -8.49 7.31 -48.68
C GLY F 23 -8.17 8.76 -48.39
N ASP F 24 -6.90 9.05 -48.07
CA ASP F 24 -6.53 10.39 -47.67
C ASP F 24 -6.76 11.37 -48.81
N GLY F 25 -6.89 12.65 -48.44
CA GLY F 25 -7.13 13.67 -49.45
C GLY F 25 -5.96 13.78 -50.41
N GLY F 26 -6.28 13.94 -51.69
CA GLY F 26 -5.26 14.08 -52.71
C GLY F 26 -4.65 12.77 -53.16
N THR F 27 -5.40 11.67 -53.07
CA THR F 27 -4.87 10.36 -53.43
C THR F 27 -5.32 9.88 -54.80
N GLY F 28 -6.52 10.23 -55.24
CA GLY F 28 -6.97 9.87 -56.57
C GLY F 28 -8.26 9.08 -56.58
N LYS F 29 -9.02 9.13 -55.49
CA LYS F 29 -10.28 8.40 -55.44
C LYS F 29 -11.26 8.92 -56.49
N THR F 30 -11.51 10.23 -56.47
CA THR F 30 -12.43 10.81 -57.46
C THR F 30 -11.89 10.67 -58.87
N THR F 31 -10.58 10.86 -59.04
CA THR F 31 -9.98 10.67 -60.37
C THR F 31 -10.13 9.22 -60.82
N PHE F 32 -9.93 8.27 -59.91
CA PHE F 32 -10.10 6.86 -60.24
C PHE F 32 -11.53 6.59 -60.71
N VAL F 33 -12.52 7.07 -59.94
CA VAL F 33 -13.92 6.82 -60.30
C VAL F 33 -14.26 7.48 -61.62
N LYS F 34 -13.81 8.72 -61.83
CA LYS F 34 -14.10 9.42 -63.08
C LYS F 34 -13.46 8.73 -64.27
N ARG F 35 -12.20 8.30 -64.13
CA ARG F 35 -11.56 7.57 -65.22
C ARG F 35 -12.30 6.28 -65.51
N HIS F 36 -12.91 5.67 -64.49
CA HIS F 36 -13.66 4.45 -64.74
C HIS F 36 -14.98 4.71 -65.45
N LEU F 37 -15.71 5.75 -65.05
CA LEU F 37 -17.06 5.94 -65.55
C LEU F 37 -17.16 6.84 -66.78
N THR F 38 -16.12 7.60 -67.10
CA THR F 38 -16.15 8.48 -68.26
C THR F 38 -14.91 8.27 -69.13
N GLY F 39 -13.80 7.88 -68.52
CA GLY F 39 -12.55 7.73 -69.23
C GLY F 39 -11.67 8.96 -69.24
N GLU F 40 -12.14 10.08 -68.70
CA GLU F 40 -11.37 11.31 -68.70
C GLU F 40 -10.26 11.22 -67.65
N PHE F 41 -9.56 12.33 -67.44
CA PHE F 41 -8.49 12.39 -66.43
C PHE F 41 -8.51 13.80 -65.84
N GLU F 42 -9.21 13.94 -64.71
CA GLU F 42 -9.34 15.24 -64.06
C GLU F 42 -8.03 15.56 -63.36
N LYS F 43 -7.20 16.38 -64.00
CA LYS F 43 -5.90 16.72 -63.44
C LYS F 43 -5.98 17.88 -62.46
N LYS F 44 -7.14 18.52 -62.30
CA LYS F 44 -7.33 19.52 -61.27
C LYS F 44 -7.75 18.84 -59.98
N TYR F 45 -7.27 19.37 -58.86
CA TYR F 45 -7.62 18.84 -57.55
C TYR F 45 -8.78 19.63 -56.99
N VAL F 46 -9.99 19.11 -57.16
CA VAL F 46 -11.19 19.68 -56.58
C VAL F 46 -11.62 18.74 -55.47
N ALA F 47 -11.37 19.13 -54.23
CA ALA F 47 -11.62 18.25 -53.10
C ALA F 47 -13.09 17.86 -53.05
N THR F 48 -13.34 16.57 -52.86
CA THR F 48 -14.70 16.07 -52.76
C THR F 48 -15.27 16.40 -51.38
N LEU F 49 -16.48 16.94 -51.36
CA LEU F 49 -17.14 17.32 -50.12
C LEU F 49 -18.23 16.30 -49.80
N GLY F 50 -18.26 15.84 -48.56
CA GLY F 50 -19.20 14.80 -48.19
C GLY F 50 -18.88 13.51 -48.93
N VAL F 51 -19.90 12.95 -49.57
CA VAL F 51 -19.76 11.68 -50.28
C VAL F 51 -20.48 11.82 -51.62
N GLU F 52 -19.92 11.19 -52.65
CA GLU F 52 -20.53 11.20 -53.98
C GLU F 52 -20.78 9.77 -54.43
N VAL F 53 -22.00 9.51 -54.91
CA VAL F 53 -22.40 8.18 -55.34
C VAL F 53 -22.26 8.10 -56.85
N HIS F 54 -21.50 7.12 -57.33
CA HIS F 54 -21.28 6.92 -58.76
C HIS F 54 -21.58 5.47 -59.10
N PRO F 55 -22.49 5.18 -60.04
CA PRO F 55 -22.70 3.78 -60.43
C PRO F 55 -21.79 3.36 -61.57
N LEU F 56 -21.07 2.26 -61.40
CA LEU F 56 -20.23 1.68 -62.45
C LEU F 56 -20.83 0.34 -62.84
N VAL F 57 -21.18 0.19 -64.11
CA VAL F 57 -21.79 -1.02 -64.61
C VAL F 57 -20.74 -1.82 -65.38
N PHE F 58 -20.43 -3.00 -64.88
CA PHE F 58 -19.49 -3.90 -65.53
C PHE F 58 -20.25 -5.10 -66.09
N HIS F 59 -19.69 -5.70 -67.15
CA HIS F 59 -20.24 -6.91 -67.74
C HIS F 59 -19.20 -8.01 -67.64
N THR F 60 -19.59 -9.14 -67.07
CA THR F 60 -18.74 -10.30 -66.88
C THR F 60 -19.40 -11.51 -67.54
N ASN F 61 -18.64 -12.62 -67.59
CA ASN F 61 -19.19 -13.82 -68.20
C ASN F 61 -20.39 -14.35 -67.44
N ARG F 62 -20.62 -13.89 -66.21
CA ARG F 62 -21.77 -14.30 -65.42
C ARG F 62 -22.91 -13.28 -65.47
N GLY F 63 -22.80 -12.24 -66.30
CA GLY F 63 -23.83 -11.26 -66.43
C GLY F 63 -23.37 -9.87 -66.06
N PRO F 64 -24.29 -8.92 -65.97
CA PRO F 64 -23.93 -7.56 -65.55
C PRO F 64 -23.99 -7.38 -64.05
N ILE F 65 -23.09 -6.54 -63.54
CA ILE F 65 -23.06 -6.15 -62.14
C ILE F 65 -22.90 -4.64 -62.07
N LYS F 66 -23.33 -4.08 -60.94
CA LYS F 66 -23.24 -2.65 -60.71
C LYS F 66 -22.58 -2.40 -59.36
N PHE F 67 -21.56 -1.55 -59.37
CA PHE F 67 -20.91 -1.09 -58.15
C PHE F 67 -21.36 0.34 -57.87
N ASN F 68 -22.03 0.55 -56.76
CA ASN F 68 -22.38 1.89 -56.30
C ASN F 68 -21.19 2.38 -55.48
N VAL F 69 -20.29 3.10 -56.13
CA VAL F 69 -19.08 3.60 -55.48
C VAL F 69 -19.45 4.86 -54.71
N TRP F 70 -19.40 4.76 -53.37
CA TRP F 70 -19.48 5.92 -52.50
C TRP F 70 -18.06 6.43 -52.36
N ASP F 71 -17.70 7.40 -53.19
CA ASP F 71 -16.43 8.10 -53.06
C ASP F 71 -16.54 9.04 -51.88
N THR F 72 -15.83 8.75 -50.79
CA THR F 72 -15.90 9.59 -49.61
C THR F 72 -14.78 10.62 -49.64
N ALA F 73 -14.90 11.62 -48.78
CA ALA F 73 -13.91 12.69 -48.69
C ALA F 73 -12.82 12.28 -47.70
N GLY F 74 -11.57 12.35 -48.15
CA GLY F 74 -10.46 12.02 -47.29
C GLY F 74 -10.02 13.12 -46.34
N LEU F 75 -10.50 14.34 -46.55
CA LEU F 75 -10.10 15.45 -45.70
C LEU F 75 -10.79 15.43 -44.34
N GLU F 76 -11.91 14.72 -44.22
CA GLU F 76 -12.62 14.66 -42.96
C GLU F 76 -11.87 13.79 -41.95
N LYS F 77 -12.25 13.95 -40.69
CA LYS F 77 -11.71 13.11 -39.64
C LYS F 77 -12.45 11.76 -39.62
N PHE F 78 -12.05 10.91 -38.68
CA PHE F 78 -12.71 9.63 -38.47
C PHE F 78 -13.84 9.80 -37.45
N GLY F 79 -14.37 8.70 -36.95
CA GLY F 79 -15.39 8.73 -35.93
C GLY F 79 -16.75 8.33 -36.48
N GLY F 80 -17.75 8.46 -35.62
CA GLY F 80 -19.11 8.10 -36.00
C GLY F 80 -19.80 9.11 -36.89
N LEU F 81 -19.30 10.33 -36.95
CA LEU F 81 -19.97 11.37 -37.74
C LEU F 81 -20.12 10.94 -39.19
N ARG F 82 -19.22 10.10 -39.68
CA ARG F 82 -19.26 9.63 -41.06
C ARG F 82 -19.62 8.15 -41.17
N ASP F 83 -19.99 7.50 -40.05
CA ASP F 83 -20.37 6.10 -40.15
C ASP F 83 -21.55 5.89 -41.09
N GLY F 84 -22.33 6.94 -41.34
CA GLY F 84 -23.42 6.82 -42.30
C GLY F 84 -22.95 6.34 -43.66
N TYR F 85 -21.72 6.67 -44.04
CA TYR F 85 -21.20 6.16 -45.31
C TYR F 85 -21.07 4.65 -45.29
N TYR F 86 -20.58 4.09 -44.18
CA TYR F 86 -20.22 2.67 -44.12
C TYR F 86 -21.39 1.75 -43.87
N ILE F 87 -22.56 2.28 -43.50
CA ILE F 87 -23.69 1.41 -43.17
C ILE F 87 -24.03 0.53 -44.37
N GLN F 88 -24.16 -0.77 -44.12
CA GLN F 88 -24.58 -1.73 -45.14
C GLN F 88 -23.60 -1.73 -46.32
N ALA F 89 -22.32 -1.68 -46.03
CA ALA F 89 -21.28 -1.78 -47.06
C ALA F 89 -20.93 -3.24 -47.31
N GLN F 90 -20.47 -3.53 -48.52
CA GLN F 90 -20.13 -4.88 -48.91
C GLN F 90 -18.76 -5.02 -49.55
N CYS F 91 -18.01 -3.93 -49.66
CA CYS F 91 -16.65 -3.99 -50.18
C CYS F 91 -16.03 -2.60 -50.07
N ALA F 92 -14.73 -2.56 -49.83
CA ALA F 92 -14.05 -1.29 -49.61
C ALA F 92 -12.74 -1.24 -50.38
N ILE F 93 -12.39 -0.05 -50.82
CA ILE F 93 -11.11 0.22 -51.47
C ILE F 93 -10.42 1.32 -50.68
N ILE F 94 -9.36 0.96 -49.98
CA ILE F 94 -8.54 1.92 -49.25
C ILE F 94 -7.40 2.34 -50.17
N MET F 95 -7.36 3.61 -50.52
CA MET F 95 -6.44 4.13 -51.51
C MET F 95 -5.41 5.03 -50.84
N PHE F 96 -4.14 4.77 -51.10
CA PHE F 96 -3.05 5.59 -50.58
C PHE F 96 -2.13 5.98 -51.73
N ASP F 97 -1.44 7.10 -51.56
CA ASP F 97 -0.62 7.66 -52.61
C ASP F 97 0.80 7.12 -52.51
N VAL F 98 1.28 6.50 -53.58
CA VAL F 98 2.60 5.87 -53.55
C VAL F 98 3.70 6.90 -53.36
N THR F 99 3.53 8.10 -53.91
CA THR F 99 4.56 9.13 -53.82
C THR F 99 4.44 9.98 -52.57
N SER F 100 3.85 9.44 -51.51
CA SER F 100 3.73 10.17 -50.24
C SER F 100 3.62 9.15 -49.12
N ARG F 101 4.61 9.14 -48.22
CA ARG F 101 4.56 8.20 -47.11
C ARG F 101 3.55 8.63 -46.04
N VAL F 102 3.31 9.93 -45.90
CA VAL F 102 2.34 10.39 -44.91
C VAL F 102 0.96 9.81 -45.21
N THR F 103 0.62 9.69 -46.48
CA THR F 103 -0.66 9.08 -46.85
C THR F 103 -0.67 7.58 -46.58
N TYR F 104 0.48 6.92 -46.69
CA TYR F 104 0.53 5.50 -46.40
C TYR F 104 0.42 5.23 -44.90
N LYS F 105 0.91 6.16 -44.07
CA LYS F 105 0.82 5.96 -42.63
C LYS F 105 -0.61 5.95 -42.13
N ASN F 106 -1.55 6.48 -42.92
CA ASN F 106 -2.95 6.55 -42.50
C ASN F 106 -3.78 5.35 -42.93
N VAL F 107 -3.21 4.43 -43.72
CA VAL F 107 -3.98 3.25 -44.12
C VAL F 107 -4.47 2.48 -42.91
N PRO F 108 -3.67 2.24 -41.86
CA PRO F 108 -4.21 1.54 -40.69
C PRO F 108 -5.41 2.23 -40.08
N ASN F 109 -5.40 3.57 -40.03
CA ASN F 109 -6.53 4.28 -39.44
C ASN F 109 -7.80 4.06 -40.27
N TRP F 110 -7.69 4.15 -41.59
CA TRP F 110 -8.86 3.93 -42.43
C TRP F 110 -9.36 2.50 -42.30
N HIS F 111 -8.45 1.53 -42.25
CA HIS F 111 -8.88 0.14 -42.10
C HIS F 111 -9.59 -0.05 -40.77
N ARG F 112 -9.07 0.52 -39.69
CA ARG F 112 -9.73 0.43 -38.40
C ARG F 112 -11.12 1.06 -38.45
N ASP F 113 -11.23 2.23 -39.07
CA ASP F 113 -12.52 2.90 -39.16
C ASP F 113 -13.52 2.07 -39.95
N LEU F 114 -13.07 1.43 -41.03
CA LEU F 114 -13.97 0.58 -41.81
C LEU F 114 -14.42 -0.63 -41.01
N VAL F 115 -13.46 -1.37 -40.42
CA VAL F 115 -13.81 -2.59 -39.73
C VAL F 115 -14.59 -2.31 -38.45
N ARG F 116 -14.57 -1.06 -37.96
CA ARG F 116 -15.41 -0.73 -36.81
C ARG F 116 -16.90 -0.90 -37.15
N VAL F 117 -17.30 -0.47 -38.35
CA VAL F 117 -18.70 -0.52 -38.75
C VAL F 117 -19.03 -1.82 -39.48
N CYS F 118 -18.23 -2.17 -40.49
CA CYS F 118 -18.44 -3.40 -41.27
C CYS F 118 -17.27 -4.32 -40.98
N GLU F 119 -17.53 -5.41 -40.25
CA GLU F 119 -16.45 -6.21 -39.69
C GLU F 119 -15.68 -6.94 -40.77
N ASN F 120 -16.33 -7.85 -41.49
CA ASN F 120 -15.66 -8.70 -42.47
C ASN F 120 -16.22 -8.37 -43.86
N ILE F 121 -15.39 -7.75 -44.69
CA ILE F 121 -15.76 -7.41 -46.06
C ILE F 121 -14.50 -7.39 -46.92
N PRO F 122 -14.58 -7.72 -48.20
CA PRO F 122 -13.41 -7.60 -49.07
C PRO F 122 -12.89 -6.17 -49.10
N ILE F 123 -11.66 -6.00 -48.62
CA ILE F 123 -10.99 -4.71 -48.57
C ILE F 123 -9.75 -4.80 -49.45
N VAL F 124 -9.62 -3.86 -50.39
CA VAL F 124 -8.52 -3.85 -51.35
C VAL F 124 -7.69 -2.60 -51.11
N LEU F 125 -6.38 -2.78 -50.96
CA LEU F 125 -5.46 -1.67 -50.79
C LEU F 125 -4.91 -1.28 -52.17
N CYS F 126 -5.01 0.00 -52.51
CA CYS F 126 -4.62 0.48 -53.83
C CYS F 126 -3.56 1.57 -53.66
N GLY F 127 -2.37 1.30 -54.20
CA GLY F 127 -1.32 2.30 -54.22
C GLY F 127 -1.34 3.07 -55.52
N ASN F 128 -1.73 4.33 -55.44
CA ASN F 128 -1.97 5.14 -56.63
C ASN F 128 -0.74 5.97 -56.98
N LYS F 129 -0.71 6.46 -58.21
CA LYS F 129 0.34 7.35 -58.70
C LYS F 129 1.68 6.63 -58.84
N VAL F 130 1.65 5.41 -59.39
CA VAL F 130 2.90 4.66 -59.58
C VAL F 130 3.63 5.03 -60.86
N ASP F 131 3.13 6.00 -61.61
CA ASP F 131 3.79 6.41 -62.85
C ASP F 131 4.83 7.50 -62.64
N ILE F 132 4.95 8.05 -61.43
CA ILE F 132 5.91 9.11 -61.14
C ILE F 132 7.24 8.49 -60.81
N LYS F 133 8.32 9.14 -61.23
CA LYS F 133 9.65 8.55 -61.06
C LYS F 133 10.12 8.64 -59.62
N ASP F 134 9.91 9.78 -58.96
CA ASP F 134 10.30 9.95 -57.56
C ASP F 134 9.29 9.22 -56.70
N ARG F 135 9.53 7.93 -56.48
CA ARG F 135 8.64 7.09 -55.71
C ARG F 135 9.22 6.89 -54.30
N LYS F 136 8.41 7.21 -53.29
CA LYS F 136 8.86 7.11 -51.91
C LYS F 136 8.53 5.75 -51.30
N VAL F 137 7.25 5.38 -51.30
CA VAL F 137 6.85 4.08 -50.79
C VAL F 137 7.16 3.03 -51.84
N LYS F 138 7.82 1.95 -51.43
CA LYS F 138 8.27 0.91 -52.35
C LYS F 138 7.61 -0.42 -52.00
N ALA F 139 7.70 -1.35 -52.96
CA ALA F 139 7.01 -2.63 -52.79
C ALA F 139 7.52 -3.39 -51.57
N LYS F 140 8.77 -3.15 -51.15
CA LYS F 140 9.29 -3.83 -49.98
C LYS F 140 8.74 -3.24 -48.68
N SER F 141 8.48 -1.93 -48.65
CA SER F 141 8.00 -1.28 -47.44
C SER F 141 6.50 -1.46 -47.22
N ILE F 142 5.77 -1.95 -48.21
CA ILE F 142 4.33 -2.19 -48.06
C ILE F 142 4.17 -3.51 -47.33
N VAL F 143 4.01 -3.44 -46.01
CA VAL F 143 3.87 -4.62 -45.17
C VAL F 143 2.55 -4.67 -44.43
N PHE F 144 1.74 -3.62 -44.47
CA PHE F 144 0.49 -3.61 -43.72
C PHE F 144 -0.45 -4.70 -44.21
N HIS F 145 -0.58 -4.87 -45.52
CA HIS F 145 -1.55 -5.82 -46.06
C HIS F 145 -1.22 -7.26 -45.68
N ARG F 146 0.03 -7.54 -45.30
CA ARG F 146 0.36 -8.90 -44.89
C ARG F 146 -0.18 -9.23 -43.51
N LYS F 147 -0.14 -8.26 -42.58
CA LYS F 147 -0.65 -8.50 -41.24
C LYS F 147 -2.12 -8.86 -41.26
N LYS F 148 -2.91 -8.09 -42.02
CA LYS F 148 -4.32 -8.38 -42.20
C LYS F 148 -4.50 -9.27 -43.43
N ASN F 149 -5.73 -9.46 -43.87
CA ASN F 149 -6.04 -10.23 -45.08
C ASN F 149 -6.58 -9.25 -46.11
N LEU F 150 -5.66 -8.63 -46.86
CA LEU F 150 -6.00 -7.67 -47.89
C LEU F 150 -5.30 -8.07 -49.19
N GLN F 151 -5.79 -7.52 -50.29
CA GLN F 151 -5.15 -7.64 -51.58
C GLN F 151 -4.61 -6.28 -51.98
N TYR F 152 -3.32 -6.22 -52.27
CA TYR F 152 -2.64 -4.97 -52.59
C TYR F 152 -2.39 -4.88 -54.08
N TYR F 153 -2.72 -3.73 -54.67
CA TYR F 153 -2.54 -3.53 -56.09
C TYR F 153 -1.96 -2.15 -56.35
N ASP F 154 -0.96 -2.08 -57.23
CA ASP F 154 -0.48 -0.81 -57.74
C ASP F 154 -1.36 -0.37 -58.90
N ILE F 155 -1.86 0.86 -58.84
CA ILE F 155 -2.70 1.40 -59.89
C ILE F 155 -2.18 2.77 -60.28
N SER F 156 -2.60 3.23 -61.45
CA SER F 156 -2.27 4.57 -61.92
C SER F 156 -3.42 5.04 -62.78
N ALA F 157 -4.21 5.98 -62.26
CA ALA F 157 -5.36 6.48 -63.00
C ALA F 157 -4.96 7.28 -64.23
N LYS F 158 -3.67 7.62 -64.38
CA LYS F 158 -3.20 8.39 -65.52
C LYS F 158 -2.85 7.48 -66.69
N SER F 159 -1.95 6.52 -66.47
CA SER F 159 -1.49 5.63 -67.52
C SER F 159 -2.31 4.35 -67.62
N ASN F 160 -3.37 4.21 -66.82
CA ASN F 160 -4.24 3.03 -66.87
C ASN F 160 -3.43 1.75 -66.66
N TYR F 161 -2.83 1.64 -65.48
CA TYR F 161 -2.04 0.48 -65.10
C TYR F 161 -2.78 -0.23 -63.98
N ASN F 162 -3.30 -1.42 -64.27
CA ASN F 162 -4.05 -2.20 -63.29
C ASN F 162 -5.19 -1.38 -62.69
N PHE F 163 -5.84 -0.58 -63.52
CA PHE F 163 -6.88 0.32 -63.03
C PHE F 163 -8.25 -0.35 -62.96
N GLU F 164 -8.36 -1.63 -63.31
CA GLU F 164 -9.58 -2.38 -63.12
C GLU F 164 -9.37 -3.63 -62.28
N LYS F 165 -8.13 -3.93 -61.88
CA LYS F 165 -7.90 -5.09 -61.04
C LYS F 165 -8.66 -5.03 -59.72
N PRO F 166 -8.74 -3.92 -59.01
CA PRO F 166 -9.50 -3.91 -57.74
C PRO F 166 -10.94 -4.34 -57.92
N PHE F 167 -11.62 -3.83 -58.94
CA PHE F 167 -13.01 -4.21 -59.16
C PHE F 167 -13.12 -5.68 -59.54
N LEU F 168 -12.19 -6.17 -60.35
CA LEU F 168 -12.22 -7.59 -60.72
C LEU F 168 -12.06 -8.47 -59.49
N TRP F 169 -11.12 -8.14 -58.61
CA TRP F 169 -10.91 -8.94 -57.41
C TRP F 169 -12.12 -8.89 -56.50
N LEU F 170 -12.70 -7.69 -56.31
CA LEU F 170 -13.87 -7.59 -55.46
C LEU F 170 -15.03 -8.39 -56.03
N ALA F 171 -15.23 -8.33 -57.35
CA ALA F 171 -16.28 -9.12 -57.97
C ALA F 171 -16.02 -10.61 -57.80
N ARG F 172 -14.76 -11.03 -57.93
CA ARG F 172 -14.45 -12.44 -57.74
C ARG F 172 -14.79 -12.89 -56.32
N LYS F 173 -14.46 -12.08 -55.32
CA LYS F 173 -14.70 -12.48 -53.95
C LYS F 173 -16.18 -12.38 -53.56
N LEU F 174 -16.94 -11.48 -54.18
CA LEU F 174 -18.34 -11.34 -53.84
C LEU F 174 -19.21 -12.36 -54.57
N ILE F 175 -19.09 -12.43 -55.90
CA ILE F 175 -19.89 -13.38 -56.67
C ILE F 175 -19.57 -14.81 -56.26
N GLY F 176 -18.30 -15.09 -55.95
CA GLY F 176 -17.89 -16.40 -55.54
C GLY F 176 -17.30 -17.26 -56.63
N ASP F 177 -17.00 -16.69 -57.80
CA ASP F 177 -16.43 -17.45 -58.91
C ASP F 177 -14.99 -17.02 -59.12
N PRO F 178 -14.00 -17.81 -58.70
CA PRO F 178 -12.61 -17.38 -58.88
C PRO F 178 -12.22 -17.13 -60.32
N ASN F 179 -12.85 -17.83 -61.27
CA ASN F 179 -12.52 -17.72 -62.68
C ASN F 179 -13.38 -16.70 -63.41
N LEU F 180 -13.87 -15.68 -62.70
CA LEU F 180 -14.68 -14.64 -63.33
C LEU F 180 -13.78 -13.60 -63.99
N GLU F 181 -14.17 -13.16 -65.18
CA GLU F 181 -13.43 -12.14 -65.91
C GLU F 181 -14.39 -11.34 -66.77
N PHE F 182 -13.97 -10.13 -67.14
CA PHE F 182 -14.83 -9.24 -67.89
C PHE F 182 -14.97 -9.69 -69.34
N VAL F 183 -16.21 -9.65 -69.84
CA VAL F 183 -16.49 -9.89 -71.24
C VAL F 183 -16.60 -8.55 -71.95
N ALA F 184 -16.62 -8.59 -73.28
CA ALA F 184 -16.48 -7.35 -74.03
C ALA F 184 -17.60 -6.36 -73.75
N MET F 185 -18.82 -6.66 -74.22
CA MET F 185 -19.96 -5.78 -74.00
C MET F 185 -21.19 -6.35 -74.70
N PRO F 186 -22.41 -6.10 -74.20
CA PRO F 186 -23.61 -6.33 -75.01
C PRO F 186 -24.05 -5.08 -75.77
N ALA F 187 -23.21 -4.61 -76.68
CA ALA F 187 -23.47 -3.38 -77.43
C ALA F 187 -24.16 -3.72 -78.73
N LEU F 188 -25.33 -3.13 -78.96
CA LEU F 188 -26.13 -3.33 -80.16
C LEU F 188 -26.12 -2.07 -81.01
N ALA F 189 -26.77 -2.16 -82.17
CA ALA F 189 -26.74 -1.06 -83.12
C ALA F 189 -27.50 0.15 -82.58
N PRO F 190 -27.14 1.36 -83.01
CA PRO F 190 -27.84 2.53 -82.54
C PRO F 190 -29.28 2.51 -83.02
N PRO F 191 -30.19 3.15 -82.27
CA PRO F 191 -31.61 3.13 -82.67
C PRO F 191 -31.84 3.73 -84.04
N GLU F 192 -31.45 4.99 -84.23
CA GLU F 192 -31.66 5.69 -85.50
C GLU F 192 -31.02 7.06 -85.48
N VAL F 193 -30.67 7.58 -86.64
CA VAL F 193 -30.09 8.92 -86.75
C VAL F 193 -31.19 9.95 -86.59
N VAL F 194 -30.97 10.91 -85.69
CA VAL F 194 -31.92 11.99 -85.44
C VAL F 194 -31.13 13.28 -85.29
N MET F 195 -31.67 14.37 -85.87
CA MET F 195 -31.04 15.67 -85.79
C MET F 195 -32.11 16.73 -85.61
N ASP F 196 -31.72 17.84 -84.97
CA ASP F 196 -32.60 18.99 -84.76
C ASP F 196 -32.02 20.20 -85.45
N PRO F 197 -32.54 20.60 -86.61
CA PRO F 197 -31.94 21.74 -87.33
C PRO F 197 -31.95 23.03 -86.54
N ALA F 198 -32.80 23.16 -85.52
CA ALA F 198 -32.84 24.39 -84.74
C ALA F 198 -31.50 24.67 -84.09
N LEU F 199 -30.89 23.66 -83.47
CA LEU F 199 -29.61 23.81 -82.80
C LEU F 199 -28.43 23.40 -83.68
N ALA F 200 -28.69 22.91 -84.89
CA ALA F 200 -27.61 22.38 -85.73
C ALA F 200 -26.51 23.42 -85.92
N ALA F 201 -26.89 24.66 -86.26
CA ALA F 201 -25.91 25.70 -86.45
C ALA F 201 -25.00 25.81 -85.23
N GLN F 202 -25.61 25.80 -84.02
CA GLN F 202 -24.81 25.88 -82.80
C GLN F 202 -23.73 24.82 -82.79
N TYR F 203 -24.10 23.57 -83.12
CA TYR F 203 -23.12 22.50 -83.15
C TYR F 203 -21.95 22.88 -84.05
N GLU F 204 -22.24 23.39 -85.24
CA GLU F 204 -21.16 23.79 -86.15
C GLU F 204 -20.22 24.77 -85.46
N HIS F 205 -20.78 25.73 -84.72
CA HIS F 205 -19.94 26.70 -84.04
C HIS F 205 -18.93 26.01 -83.14
N ASP F 206 -19.37 24.97 -82.41
CA ASP F 206 -18.45 24.26 -81.54
C ASP F 206 -17.26 23.72 -82.33
N LEU F 207 -17.52 23.15 -83.51
CA LEU F 207 -16.42 22.65 -84.32
C LEU F 207 -15.47 23.77 -84.68
N GLU F 208 -16.00 24.96 -84.97
CA GLU F 208 -15.13 26.09 -85.29
C GLU F 208 -14.16 26.39 -84.17
N VAL F 209 -14.55 26.10 -82.93
CA VAL F 209 -13.63 26.26 -81.80
C VAL F 209 -12.85 24.99 -81.54
N ALA F 210 -13.39 23.82 -81.90
CA ALA F 210 -12.72 22.57 -81.60
C ALA F 210 -11.34 22.52 -82.25
N GLN F 211 -11.22 23.00 -83.48
CA GLN F 211 -9.94 22.97 -84.18
C GLN F 211 -8.93 23.97 -83.62
N THR F 212 -9.35 24.86 -82.72
CA THR F 212 -8.49 25.92 -82.22
C THR F 212 -7.87 25.58 -80.87
N THR F 213 -7.99 24.33 -80.41
CA THR F 213 -7.41 23.91 -79.13
C THR F 213 -6.63 22.62 -79.33
N ALA F 214 -5.60 22.45 -78.53
CA ALA F 214 -4.70 21.31 -78.63
C ALA F 214 -5.09 20.23 -77.63
N LEU F 215 -4.88 18.98 -78.02
CA LEU F 215 -5.23 17.86 -77.16
C LEU F 215 -4.29 17.81 -75.95
N PRO F 216 -4.76 17.33 -74.80
CA PRO F 216 -3.87 17.20 -73.64
C PRO F 216 -2.82 16.11 -73.84
N ASP F 217 -1.82 16.40 -74.65
CA ASP F 217 -0.76 15.45 -74.97
C ASP F 217 0.48 15.79 -74.16
N GLU F 218 1.01 14.79 -73.45
CA GLU F 218 2.19 14.98 -72.61
C GLU F 218 3.41 14.34 -73.26
N ALA G 6 10.91 15.26 -26.48
CA ALA G 6 10.65 16.23 -27.54
C ALA G 6 10.26 17.58 -26.94
N SER G 7 11.10 18.59 -27.18
CA SER G 7 10.81 19.92 -26.65
C SER G 7 9.53 20.50 -27.23
N GLU G 8 9.12 20.06 -28.42
CA GLU G 8 7.87 20.55 -29.00
C GLU G 8 6.68 20.16 -28.14
N ASP G 9 6.67 18.94 -27.62
CA ASP G 9 5.56 18.51 -26.77
C ASP G 9 5.44 19.38 -25.53
N ILE G 10 6.57 19.66 -24.88
CA ILE G 10 6.52 20.47 -23.66
C ILE G 10 6.19 21.92 -23.99
N ALA G 11 6.66 22.43 -25.12
CA ALA G 11 6.28 23.79 -25.52
C ALA G 11 4.78 23.89 -25.74
N LYS G 12 4.19 22.91 -26.43
CA LYS G 12 2.75 22.89 -26.62
C LYS G 12 2.03 22.76 -25.29
N LEU G 13 2.56 21.94 -24.37
CA LEU G 13 1.95 21.79 -23.06
C LEU G 13 1.94 23.11 -22.31
N ALA G 14 3.05 23.84 -22.34
CA ALA G 14 3.11 25.14 -21.69
C ALA G 14 2.14 26.12 -22.32
N GLU G 15 2.06 26.12 -23.65
CA GLU G 15 1.12 27.02 -24.33
C GLU G 15 -0.31 26.72 -23.94
N THR G 16 -0.68 25.44 -23.89
CA THR G 16 -2.03 25.07 -23.49
C THR G 16 -2.30 25.45 -22.04
N LEU G 17 -1.32 25.25 -21.16
CA LEU G 17 -1.50 25.62 -19.76
C LEU G 17 -1.71 27.13 -19.62
N ALA G 18 -0.98 27.92 -20.41
CA ALA G 18 -1.08 29.37 -20.29
C ALA G 18 -2.46 29.90 -20.62
N LYS G 19 -3.30 29.12 -21.30
CA LYS G 19 -4.61 29.58 -21.75
C LYS G 19 -5.73 28.74 -21.16
N THR G 20 -5.57 28.31 -19.90
CA THR G 20 -6.63 27.66 -19.15
C THR G 20 -7.09 28.61 -18.05
N GLN G 21 -8.41 28.79 -17.95
CA GLN G 21 -9.00 29.69 -16.97
C GLN G 21 -10.12 28.98 -16.23
N VAL G 22 -10.33 29.39 -14.98
CA VAL G 22 -11.39 28.81 -14.17
C VAL G 22 -12.75 29.43 -14.49
N ALA G 23 -12.78 30.62 -15.08
CA ALA G 23 -14.05 31.23 -15.46
C ALA G 23 -13.78 32.28 -16.53
N GLY G 24 -14.84 32.59 -17.28
CA GLY G 24 -14.75 33.60 -18.32
C GLY G 24 -13.62 33.34 -19.31
N GLY G 25 -13.67 32.19 -19.98
CA GLY G 25 -12.62 31.80 -20.91
C GLY G 25 -13.18 31.02 -22.06
N GLN G 26 -12.48 29.95 -22.43
CA GLN G 26 -12.82 29.19 -23.62
C GLN G 26 -14.16 28.47 -23.46
N LEU G 27 -14.93 28.43 -24.54
CA LEU G 27 -16.15 27.64 -24.62
C LEU G 27 -15.93 26.57 -25.68
N SER G 28 -16.24 25.32 -25.35
CA SER G 28 -15.90 24.20 -26.20
C SER G 28 -17.10 23.28 -26.39
N PHE G 29 -17.13 22.62 -27.55
CA PHE G 29 -18.08 21.55 -27.84
C PHE G 29 -17.37 20.33 -28.39
N LYS G 30 -16.06 20.22 -28.16
CA LYS G 30 -15.28 19.14 -28.76
C LYS G 30 -15.81 17.78 -28.33
N GLY G 31 -15.82 16.85 -29.27
CA GLY G 31 -16.19 15.48 -28.96
C GLY G 31 -17.61 15.31 -28.48
N LYS G 32 -18.56 16.03 -29.08
CA LYS G 32 -19.97 15.83 -28.79
C LYS G 32 -20.76 15.26 -29.96
N SER G 33 -20.22 15.33 -31.18
CA SER G 33 -20.85 14.74 -32.36
C SER G 33 -22.26 15.30 -32.57
N LEU G 34 -22.49 16.55 -32.17
CA LEU G 34 -23.79 17.16 -32.40
C LEU G 34 -24.01 17.37 -33.89
N LYS G 35 -25.18 16.96 -34.37
CA LYS G 35 -25.55 17.15 -35.77
C LYS G 35 -26.53 18.31 -35.85
N LEU G 36 -25.97 19.53 -35.87
CA LEU G 36 -26.79 20.74 -35.92
C LEU G 36 -27.39 20.89 -37.31
N ASN G 37 -28.31 20.01 -37.66
CA ASN G 37 -28.89 19.99 -39.00
C ASN G 37 -30.07 20.94 -39.16
N THR G 38 -30.47 21.64 -38.11
CA THR G 38 -31.62 22.54 -38.18
C THR G 38 -31.43 23.68 -37.19
N ALA G 39 -32.12 24.79 -37.45
CA ALA G 39 -32.03 25.93 -36.56
C ALA G 39 -32.51 25.58 -35.16
N GLU G 40 -33.64 24.88 -35.05
CA GLU G 40 -34.13 24.48 -33.75
C GLU G 40 -33.18 23.49 -33.07
N ASP G 41 -32.57 22.61 -33.85
CA ASP G 41 -31.68 21.61 -33.28
C ASP G 41 -30.45 22.25 -32.62
N ALA G 42 -30.16 23.51 -32.91
CA ALA G 42 -29.06 24.22 -32.31
C ALA G 42 -29.51 25.14 -31.18
N LYS G 43 -30.70 24.91 -30.62
CA LYS G 43 -31.22 25.76 -29.56
C LYS G 43 -30.30 25.74 -28.34
N ASP G 44 -29.85 24.55 -27.94
CA ASP G 44 -28.99 24.44 -26.77
C ASP G 44 -27.67 25.17 -27.01
N VAL G 45 -27.08 25.02 -28.20
CA VAL G 45 -25.80 25.64 -28.47
C VAL G 45 -25.91 27.16 -28.40
N ILE G 46 -26.94 27.71 -29.05
CA ILE G 46 -27.10 29.17 -29.02
C ILE G 46 -27.40 29.65 -27.61
N LYS G 47 -28.22 28.91 -26.87
CA LYS G 47 -28.54 29.32 -25.50
C LYS G 47 -27.29 29.33 -24.63
N GLU G 48 -26.42 28.33 -24.81
CA GLU G 48 -25.17 28.30 -24.05
C GLU G 48 -24.24 29.43 -24.47
N ILE G 49 -24.18 29.72 -25.77
CA ILE G 49 -23.30 30.79 -26.25
C ILE G 49 -23.75 32.13 -25.70
N GLU G 50 -25.06 32.39 -25.70
CA GLU G 50 -25.57 33.64 -25.17
C GLU G 50 -25.23 33.80 -23.69
N ASP G 51 -25.39 32.73 -22.92
CA ASP G 51 -25.12 32.77 -21.48
C ASP G 51 -23.63 32.49 -21.24
N PHE G 52 -22.83 33.51 -21.54
CA PHE G 52 -21.39 33.45 -21.31
C PHE G 52 -20.88 34.86 -21.10
N ASP G 53 -20.37 35.14 -19.90
CA ASP G 53 -19.98 36.49 -19.53
C ASP G 53 -18.91 37.03 -20.48
N SER G 54 -17.74 36.41 -20.48
CA SER G 54 -16.61 36.83 -21.31
C SER G 54 -16.18 35.66 -22.17
N LEU G 55 -16.18 35.86 -23.49
CA LEU G 55 -15.83 34.82 -24.45
C LEU G 55 -14.54 35.21 -25.14
N GLU G 56 -13.54 34.31 -25.09
CA GLU G 56 -12.25 34.54 -25.72
C GLU G 56 -11.79 33.34 -26.55
N ALA G 57 -12.66 32.36 -26.76
CA ALA G 57 -12.32 31.21 -27.59
C ALA G 57 -13.57 30.38 -27.78
N LEU G 58 -13.73 29.81 -28.98
CA LEU G 58 -14.88 28.98 -29.30
C LEU G 58 -14.40 27.78 -30.10
N ARG G 59 -14.59 26.59 -29.55
CA ARG G 59 -14.24 25.34 -30.22
C ARG G 59 -15.52 24.64 -30.68
N LEU G 60 -15.56 24.27 -31.94
CA LEU G 60 -16.68 23.52 -32.51
C LEU G 60 -16.20 22.21 -33.11
N GLU G 61 -15.09 21.68 -32.61
CA GLU G 61 -14.51 20.48 -33.18
C GLU G 61 -15.46 19.30 -33.04
N GLY G 62 -15.38 18.39 -34.00
CA GLY G 62 -16.15 17.16 -33.93
C GLY G 62 -17.65 17.37 -33.94
N ASN G 63 -18.13 18.30 -34.78
CA ASN G 63 -19.57 18.52 -34.91
C ASN G 63 -19.95 18.58 -36.38
N THR G 64 -21.20 18.92 -36.67
CA THR G 64 -21.70 18.98 -38.04
C THR G 64 -22.66 20.17 -38.10
N VAL G 65 -22.18 21.30 -38.59
CA VAL G 65 -22.94 22.54 -38.61
C VAL G 65 -23.56 22.69 -40.00
N GLY G 66 -24.90 22.70 -40.04
CA GLY G 66 -25.62 22.93 -41.28
C GLY G 66 -25.76 24.41 -41.58
N VAL G 67 -26.47 24.69 -42.66
CA VAL G 67 -26.64 26.08 -43.09
C VAL G 67 -27.48 26.85 -42.07
N GLU G 68 -28.62 26.28 -41.68
CA GLU G 68 -29.49 26.98 -40.73
C GLU G 68 -28.82 27.14 -39.38
N ALA G 69 -28.19 26.07 -38.89
CA ALA G 69 -27.47 26.18 -37.62
C ALA G 69 -26.34 27.19 -37.73
N ALA G 70 -25.67 27.23 -38.89
CA ALA G 70 -24.62 28.22 -39.08
C ALA G 70 -25.16 29.64 -39.01
N ARG G 71 -26.31 29.89 -39.64
CA ARG G 71 -26.89 31.22 -39.57
C ARG G 71 -27.28 31.59 -38.15
N VAL G 72 -27.87 30.65 -37.42
CA VAL G 72 -28.27 30.92 -36.04
C VAL G 72 -27.05 31.21 -35.18
N ILE G 73 -25.99 30.42 -35.34
CA ILE G 73 -24.79 30.62 -34.55
C ILE G 73 -24.12 31.95 -34.90
N ALA G 74 -24.15 32.33 -36.17
CA ALA G 74 -23.59 33.63 -36.55
C ALA G 74 -24.38 34.76 -35.91
N LYS G 75 -25.71 34.66 -35.93
CA LYS G 75 -26.53 35.68 -35.28
C LYS G 75 -26.22 35.76 -33.79
N ALA G 76 -26.02 34.61 -33.14
CA ALA G 76 -25.66 34.61 -31.74
C ALA G 76 -24.29 35.26 -31.52
N LEU G 77 -23.32 34.95 -32.39
CA LEU G 77 -21.98 35.50 -32.25
C LEU G 77 -21.97 37.00 -32.45
N GLU G 78 -22.91 37.54 -33.22
CA GLU G 78 -22.99 38.97 -33.46
C GLU G 78 -22.77 39.77 -32.17
N LYS G 79 -23.27 39.26 -31.05
CA LYS G 79 -23.15 39.98 -29.78
C LYS G 79 -21.72 39.95 -29.26
N LYS G 80 -21.08 38.79 -29.29
CA LYS G 80 -19.75 38.64 -28.68
C LYS G 80 -18.73 39.49 -29.42
N SER G 81 -18.22 40.51 -28.75
CA SER G 81 -17.24 41.42 -29.34
C SER G 81 -15.83 41.20 -28.81
N GLU G 82 -15.65 40.42 -27.75
CA GLU G 82 -14.33 40.16 -27.19
C GLU G 82 -13.71 38.89 -27.74
N LEU G 83 -14.37 38.19 -28.65
CA LEU G 83 -13.82 36.96 -29.20
C LEU G 83 -12.46 37.24 -29.83
N LYS G 84 -11.49 36.36 -29.54
CA LYS G 84 -10.13 36.52 -30.05
C LYS G 84 -9.58 35.26 -30.70
N ARG G 85 -10.19 34.10 -30.51
CA ARG G 85 -9.76 32.87 -31.16
C ARG G 85 -10.97 32.04 -31.49
N CYS G 86 -10.84 31.18 -32.50
CA CYS G 86 -11.93 30.30 -32.90
C CYS G 86 -11.33 29.07 -33.57
N HIS G 87 -11.29 27.96 -32.83
CA HIS G 87 -10.80 26.70 -33.36
C HIS G 87 -11.98 25.94 -33.95
N TRP G 88 -12.17 26.07 -35.26
CA TRP G 88 -13.29 25.44 -35.97
C TRP G 88 -12.86 24.18 -36.70
N SER G 89 -11.92 23.43 -36.12
CA SER G 89 -11.39 22.25 -36.78
C SER G 89 -12.47 21.18 -36.93
N ASP G 90 -12.77 20.79 -38.17
CA ASP G 90 -13.64 19.66 -38.45
C ASP G 90 -15.03 19.87 -37.86
N MET G 91 -15.73 20.87 -38.39
CA MET G 91 -17.10 21.14 -38.01
C MET G 91 -18.05 21.05 -39.20
N PHE G 92 -17.68 20.32 -40.25
CA PHE G 92 -18.55 20.16 -41.41
C PHE G 92 -18.53 18.73 -41.93
N THR G 93 -18.25 17.76 -41.05
CA THR G 93 -18.19 16.37 -41.47
C THR G 93 -19.53 15.88 -42.00
N GLY G 94 -19.60 15.63 -43.30
CA GLY G 94 -20.79 15.07 -43.92
C GLY G 94 -21.55 16.03 -44.80
N ARG G 95 -21.22 17.32 -44.81
CA ARG G 95 -21.96 18.28 -45.59
C ARG G 95 -21.47 18.30 -47.03
N LEU G 96 -22.41 18.53 -47.96
CA LEU G 96 -22.11 18.51 -49.38
C LEU G 96 -21.54 19.86 -49.81
N ARG G 97 -21.35 20.03 -51.12
CA ARG G 97 -20.75 21.26 -51.65
C ARG G 97 -21.70 22.44 -51.61
N THR G 98 -23.00 22.21 -51.55
CA THR G 98 -23.99 23.29 -51.56
C THR G 98 -24.24 23.87 -50.18
N GLU G 99 -23.58 23.35 -49.14
CA GLU G 99 -23.87 23.75 -47.77
C GLU G 99 -22.67 24.29 -47.01
N ILE G 100 -21.45 24.08 -47.48
CA ILE G 100 -20.27 24.56 -46.78
C ILE G 100 -20.05 26.05 -47.05
N PRO G 101 -19.96 26.49 -48.30
CA PRO G 101 -19.70 27.91 -48.57
C PRO G 101 -20.74 28.81 -47.92
N PRO G 102 -22.03 28.47 -48.00
CA PRO G 102 -23.02 29.32 -47.32
C PRO G 102 -22.80 29.43 -45.82
N ALA G 103 -22.59 28.31 -45.14
CA ALA G 103 -22.37 28.36 -43.70
C ALA G 103 -21.12 29.16 -43.35
N LEU G 104 -20.04 28.94 -44.10
CA LEU G 104 -18.79 29.63 -43.82
C LEU G 104 -18.95 31.14 -44.04
N ILE G 105 -19.63 31.54 -45.11
CA ILE G 105 -19.84 32.96 -45.36
C ILE G 105 -20.71 33.57 -44.26
N SER G 106 -21.74 32.85 -43.82
CA SER G 106 -22.58 33.37 -42.75
C SER G 106 -21.79 33.57 -41.46
N LEU G 107 -20.94 32.59 -41.11
CA LEU G 107 -20.12 32.74 -39.92
C LEU G 107 -19.15 33.90 -40.06
N GLY G 108 -18.55 34.06 -41.24
CA GLY G 108 -17.65 35.18 -41.46
C GLY G 108 -18.35 36.51 -41.30
N GLU G 109 -19.55 36.63 -41.88
CA GLU G 109 -20.32 37.87 -41.74
C GLU G 109 -20.67 38.13 -40.28
N GLY G 110 -21.05 37.09 -39.56
CA GLY G 110 -21.36 37.27 -38.15
C GLY G 110 -20.18 37.79 -37.36
N LEU G 111 -19.00 37.19 -37.58
CA LEU G 111 -17.81 37.66 -36.88
C LEU G 111 -17.46 39.09 -37.29
N ILE G 112 -17.57 39.41 -38.58
CA ILE G 112 -17.22 40.74 -39.05
C ILE G 112 -18.12 41.79 -38.40
N THR G 113 -19.43 41.54 -38.40
CA THR G 113 -20.34 42.51 -37.80
C THR G 113 -20.18 42.57 -36.29
N ALA G 114 -19.76 41.47 -35.66
CA ALA G 114 -19.50 41.49 -34.23
C ALA G 114 -18.38 42.46 -33.88
N GLY G 115 -17.31 42.45 -34.66
CA GLY G 115 -16.17 43.32 -34.39
C GLY G 115 -15.10 42.63 -33.59
N ALA G 116 -14.83 41.36 -33.90
CA ALA G 116 -13.83 40.59 -33.17
C ALA G 116 -12.44 40.97 -33.65
N GLN G 117 -11.43 40.24 -33.19
CA GLN G 117 -10.04 40.48 -33.60
C GLN G 117 -9.33 39.23 -34.11
N LEU G 118 -9.76 38.04 -33.73
CA LEU G 118 -9.25 36.79 -34.30
C LEU G 118 -7.72 36.74 -34.27
N VAL G 119 -7.20 36.69 -33.03
CA VAL G 119 -5.77 36.48 -32.87
C VAL G 119 -5.35 35.16 -33.47
N GLU G 120 -6.24 34.17 -33.46
CA GLU G 120 -6.00 32.88 -34.10
C GLU G 120 -7.23 32.48 -34.89
N LEU G 121 -7.01 31.79 -36.00
CA LEU G 121 -8.09 31.31 -36.86
C LEU G 121 -7.68 29.95 -37.39
N ASP G 122 -8.33 28.90 -36.91
CA ASP G 122 -8.02 27.53 -37.29
C ASP G 122 -9.20 26.94 -38.04
N LEU G 123 -8.93 26.29 -39.17
CA LEU G 123 -9.95 25.63 -39.96
C LEU G 123 -9.48 24.26 -40.43
N SER G 124 -8.64 23.60 -39.64
CA SER G 124 -8.05 22.35 -40.05
C SER G 124 -9.11 21.27 -40.21
N ASP G 125 -8.82 20.32 -41.11
CA ASP G 125 -9.59 19.10 -41.31
C ASP G 125 -10.97 19.35 -41.90
N ASN G 126 -11.27 20.56 -42.34
CA ASN G 126 -12.50 20.84 -43.07
C ASN G 126 -12.25 20.67 -44.56
N ALA G 127 -13.10 19.90 -45.22
CA ALA G 127 -13.00 19.70 -46.67
C ALA G 127 -13.52 20.97 -47.34
N PHE G 128 -12.62 21.89 -47.67
CA PHE G 128 -13.00 23.15 -48.27
C PHE G 128 -12.79 23.17 -49.78
N GLY G 129 -11.56 22.97 -50.23
CA GLY G 129 -11.24 23.18 -51.62
C GLY G 129 -11.42 24.63 -52.00
N PRO G 130 -11.38 24.92 -53.30
CA PRO G 130 -11.61 26.30 -53.74
C PRO G 130 -12.94 26.87 -53.28
N ASP G 131 -13.97 26.04 -53.17
CA ASP G 131 -15.26 26.54 -52.72
C ASP G 131 -15.18 27.09 -51.31
N GLY G 132 -14.63 26.31 -50.37
CA GLY G 132 -14.49 26.79 -49.02
C GLY G 132 -13.54 27.96 -48.91
N VAL G 133 -12.48 27.96 -49.72
CA VAL G 133 -11.56 29.10 -49.71
C VAL G 133 -12.29 30.36 -50.13
N GLN G 134 -13.11 30.28 -51.18
CA GLN G 134 -13.96 31.41 -51.53
C GLN G 134 -14.90 31.76 -50.38
N GLY G 135 -15.38 30.74 -49.66
CA GLY G 135 -16.31 31.01 -48.57
C GLY G 135 -15.72 31.88 -47.48
N PHE G 136 -14.53 31.53 -47.01
CA PHE G 136 -13.92 32.26 -45.90
C PHE G 136 -12.92 33.32 -46.33
N GLU G 137 -12.74 33.53 -47.63
CA GLU G 137 -11.93 34.65 -48.10
C GLU G 137 -12.52 35.98 -47.63
N ALA G 138 -13.85 36.08 -47.59
CA ALA G 138 -14.48 37.32 -47.13
C ALA G 138 -14.09 37.63 -45.70
N LEU G 139 -14.10 36.61 -44.83
CA LEU G 139 -13.65 36.82 -43.46
C LEU G 139 -12.17 37.17 -43.43
N LEU G 140 -11.35 36.48 -44.22
CA LEU G 140 -9.91 36.70 -44.16
C LEU G 140 -9.54 38.12 -44.55
N LYS G 141 -10.18 38.65 -45.60
CA LYS G 141 -9.84 39.99 -46.07
C LYS G 141 -10.33 41.07 -45.10
N SER G 142 -11.48 40.85 -44.46
CA SER G 142 -12.14 41.92 -43.72
C SER G 142 -11.30 42.41 -42.55
N SER G 143 -11.79 43.42 -41.84
CA SER G 143 -11.06 43.99 -40.71
C SER G 143 -10.93 43.03 -39.54
N ALA G 144 -11.68 41.92 -39.56
CA ALA G 144 -11.61 40.96 -38.45
C ALA G 144 -10.28 40.23 -38.38
N CYS G 145 -9.43 40.34 -39.38
CA CYS G 145 -8.17 39.59 -39.41
C CYS G 145 -6.98 40.50 -39.71
N PHE G 146 -7.02 41.75 -39.23
CA PHE G 146 -5.83 42.59 -39.29
C PHE G 146 -4.81 42.21 -38.22
N THR G 147 -5.29 41.77 -37.05
CA THR G 147 -4.41 41.38 -35.96
C THR G 147 -4.07 39.90 -35.97
N LEU G 148 -4.55 39.16 -36.97
CA LEU G 148 -4.36 37.71 -37.00
C LEU G 148 -2.88 37.36 -36.86
N GLN G 149 -2.57 36.43 -35.95
CA GLN G 149 -1.21 36.01 -35.70
C GLN G 149 -0.97 34.54 -36.01
N GLU G 150 -1.99 33.71 -36.12
CA GLU G 150 -1.85 32.32 -36.49
C GLU G 150 -2.98 31.94 -37.43
N LEU G 151 -2.65 31.26 -38.52
CA LEU G 151 -3.62 30.84 -39.52
C LEU G 151 -3.36 29.38 -39.84
N LYS G 152 -4.04 28.48 -39.14
CA LYS G 152 -3.88 27.05 -39.32
C LYS G 152 -4.94 26.56 -40.30
N LEU G 153 -4.50 26.06 -41.45
CA LEU G 153 -5.38 25.50 -42.47
C LEU G 153 -4.99 24.07 -42.82
N ASN G 154 -4.44 23.36 -41.85
CA ASN G 154 -3.92 22.03 -42.12
C ASN G 154 -5.03 21.12 -42.63
N ASN G 155 -4.75 20.43 -43.74
CA ASN G 155 -5.62 19.41 -44.30
C ASN G 155 -6.93 19.99 -44.83
N CYS G 156 -6.95 21.27 -45.21
CA CYS G 156 -8.15 21.84 -45.82
C CYS G 156 -8.36 21.38 -47.24
N GLY G 157 -7.36 20.76 -47.88
CA GLY G 157 -7.50 20.29 -49.24
C GLY G 157 -7.80 21.41 -50.22
N MET G 158 -7.05 22.51 -50.12
CA MET G 158 -7.33 23.67 -50.96
C MET G 158 -7.01 23.38 -52.42
N GLY G 159 -5.78 23.01 -52.72
CA GLY G 159 -5.37 22.80 -54.09
C GLY G 159 -4.73 24.05 -54.68
N ILE G 160 -4.49 23.99 -56.00
CA ILE G 160 -3.84 25.09 -56.68
C ILE G 160 -4.71 26.34 -56.64
N GLY G 161 -5.98 26.21 -57.01
CA GLY G 161 -6.87 27.37 -57.01
C GLY G 161 -7.07 27.93 -55.62
N GLY G 162 -7.28 27.06 -54.64
CA GLY G 162 -7.41 27.52 -53.27
C GLY G 162 -6.17 28.24 -52.78
N GLY G 163 -4.99 27.70 -53.12
CA GLY G 163 -3.76 28.36 -52.72
C GLY G 163 -3.62 29.74 -53.35
N LYS G 164 -3.93 29.86 -54.64
CA LYS G 164 -3.86 31.17 -55.28
C LYS G 164 -4.83 32.16 -54.63
N ILE G 165 -6.06 31.71 -54.36
CA ILE G 165 -7.04 32.60 -53.74
C ILE G 165 -6.56 33.02 -52.35
N LEU G 166 -6.03 32.08 -51.58
CA LEU G 166 -5.56 32.40 -50.23
C LEU G 166 -4.39 33.38 -50.28
N ALA G 167 -3.47 33.19 -51.24
CA ALA G 167 -2.35 34.12 -51.36
C ALA G 167 -2.84 35.52 -51.72
N ALA G 168 -3.79 35.61 -52.66
CA ALA G 168 -4.34 36.92 -53.00
C ALA G 168 -5.01 37.56 -51.80
N ALA G 169 -5.78 36.78 -51.03
CA ALA G 169 -6.44 37.32 -49.85
C ALA G 169 -5.43 37.80 -48.83
N LEU G 170 -4.36 37.04 -48.61
CA LEU G 170 -3.33 37.46 -47.67
C LEU G 170 -2.66 38.76 -48.11
N THR G 171 -2.35 38.87 -49.40
CA THR G 171 -1.73 40.11 -49.89
C THR G 171 -2.67 41.30 -49.71
N GLU G 172 -3.95 41.12 -50.03
CA GLU G 172 -4.90 42.22 -49.87
C GLU G 172 -5.06 42.60 -48.40
N CYS G 173 -5.08 41.60 -47.50
CA CYS G 173 -5.19 41.89 -46.09
C CYS G 173 -3.96 42.66 -45.60
N HIS G 174 -2.77 42.27 -46.05
CA HIS G 174 -1.58 43.01 -45.67
C HIS G 174 -1.64 44.45 -46.17
N ARG G 175 -2.07 44.64 -47.42
CA ARG G 175 -2.15 45.99 -47.96
C ARG G 175 -3.11 46.86 -47.15
N LYS G 176 -4.31 46.32 -46.87
CA LYS G 176 -5.28 47.09 -46.10
C LYS G 176 -4.77 47.39 -44.70
N SER G 177 -4.14 46.40 -44.05
CA SER G 177 -3.64 46.62 -42.70
C SER G 177 -2.55 47.69 -42.70
N SER G 178 -1.64 47.66 -43.67
CA SER G 178 -0.61 48.68 -43.75
C SER G 178 -1.24 50.05 -43.98
N ALA G 179 -2.29 50.12 -44.81
CA ALA G 179 -2.99 51.38 -45.01
C ALA G 179 -3.58 51.89 -43.70
N GLN G 180 -4.19 51.00 -42.92
CA GLN G 180 -4.81 51.42 -41.66
C GLN G 180 -3.77 51.95 -40.69
N GLY G 181 -2.64 51.27 -40.55
CA GLY G 181 -1.60 51.69 -39.64
C GLY G 181 -1.07 50.58 -38.77
N LYS G 182 -1.70 49.40 -38.82
CA LYS G 182 -1.31 48.23 -38.05
C LYS G 182 -1.13 47.07 -39.01
N PRO G 183 0.03 46.97 -39.67
CA PRO G 183 0.20 45.95 -40.71
C PRO G 183 0.02 44.55 -40.15
N LEU G 184 -0.59 43.68 -40.96
CA LEU G 184 -0.74 42.29 -40.58
C LEU G 184 0.64 41.68 -40.32
N ALA G 185 0.76 40.98 -39.20
CA ALA G 185 2.02 40.33 -38.80
C ALA G 185 1.73 38.87 -38.51
N LEU G 186 1.74 38.06 -39.56
CA LEU G 186 1.54 36.62 -39.39
C LEU G 186 2.76 36.02 -38.71
N LYS G 187 2.52 35.09 -37.79
CA LYS G 187 3.60 34.42 -37.07
C LYS G 187 3.66 32.94 -37.37
N VAL G 188 2.53 32.24 -37.33
CA VAL G 188 2.48 30.80 -37.60
C VAL G 188 1.54 30.58 -38.78
N PHE G 189 2.04 29.91 -39.81
CA PHE G 189 1.24 29.54 -40.96
C PHE G 189 1.37 28.03 -41.15
N VAL G 190 0.24 27.32 -41.05
CA VAL G 190 0.22 25.87 -41.14
C VAL G 190 -0.75 25.52 -42.26
N ALA G 191 -0.22 25.21 -43.44
CA ALA G 191 -1.02 24.79 -44.58
C ALA G 191 -0.40 23.51 -45.13
N GLY G 192 -0.79 22.37 -44.58
CA GLY G 192 -0.24 21.09 -44.97
C GLY G 192 -1.32 20.20 -45.57
N ARG G 193 -0.89 19.29 -46.45
CA ARG G 193 -1.78 18.28 -47.00
C ARG G 193 -2.88 18.92 -47.85
N ASN G 194 -2.52 19.96 -48.60
CA ASN G 194 -3.46 20.66 -49.46
C ASN G 194 -3.17 20.52 -50.94
N ARG G 195 -2.07 19.88 -51.32
CA ARG G 195 -1.68 19.74 -52.73
C ARG G 195 -1.59 21.11 -53.40
N LEU G 196 -0.60 21.87 -52.92
CA LEU G 196 -0.25 23.18 -53.46
C LEU G 196 0.92 23.07 -54.43
N GLU G 197 0.91 22.02 -55.26
CA GLU G 197 2.13 21.45 -55.82
C GLU G 197 3.15 22.49 -56.26
N ASN G 198 2.84 23.30 -57.25
CA ASN G 198 3.80 24.31 -57.67
C ASN G 198 3.19 25.69 -57.83
N ASP G 199 1.97 25.79 -58.35
CA ASP G 199 1.34 27.09 -58.50
C ASP G 199 0.93 27.65 -57.14
N GLY G 200 0.29 26.82 -56.31
CA GLY G 200 -0.05 27.27 -54.97
C GLY G 200 1.18 27.58 -54.14
N ALA G 201 2.21 26.73 -54.25
CA ALA G 201 3.43 26.98 -53.49
C ALA G 201 4.09 28.28 -53.89
N THR G 202 4.17 28.56 -55.19
CA THR G 202 4.77 29.81 -55.65
C THR G 202 3.92 31.01 -55.23
N ALA G 203 2.59 30.89 -55.32
CA ALA G 203 1.73 31.99 -54.89
C ALA G 203 1.92 32.27 -53.41
N LEU G 204 1.98 31.23 -52.58
CA LEU G 204 2.17 31.45 -51.15
C LEU G 204 3.58 31.95 -50.84
N ALA G 205 4.58 31.55 -51.62
CA ALA G 205 5.91 32.12 -51.45
C ALA G 205 5.90 33.61 -51.75
N GLU G 206 5.19 34.02 -52.81
CA GLU G 206 5.05 35.43 -53.10
C GLU G 206 4.34 36.16 -51.97
N ALA G 207 3.30 35.54 -51.41
CA ALA G 207 2.61 36.14 -50.27
C ALA G 207 3.55 36.31 -49.07
N PHE G 208 4.36 35.28 -48.80
CA PHE G 208 5.30 35.37 -47.69
C PHE G 208 6.32 36.47 -47.91
N ARG G 209 6.79 36.63 -49.14
CA ARG G 209 7.81 37.64 -49.40
C ARG G 209 7.36 39.02 -48.96
N VAL G 210 6.07 39.30 -49.03
CA VAL G 210 5.57 40.60 -48.57
C VAL G 210 5.64 40.70 -47.06
N ILE G 211 5.30 39.63 -46.35
CA ILE G 211 5.25 39.63 -44.89
C ILE G 211 6.60 39.16 -44.36
N GLY G 212 7.26 40.00 -43.58
CA GLY G 212 8.55 39.67 -43.04
C GLY G 212 8.52 39.24 -41.59
N THR G 213 7.35 38.88 -41.08
CA THR G 213 7.17 38.58 -39.67
C THR G 213 6.98 37.09 -39.38
N LEU G 214 7.03 36.24 -40.40
CA LEU G 214 6.77 34.82 -40.17
C LEU G 214 7.80 34.23 -39.21
N GLU G 215 7.34 33.30 -38.37
CA GLU G 215 8.21 32.56 -37.47
C GLU G 215 8.14 31.06 -37.66
N GLU G 216 6.98 30.51 -38.00
CA GLU G 216 6.83 29.10 -38.30
C GLU G 216 6.08 28.95 -39.62
N VAL G 217 6.46 27.94 -40.40
CA VAL G 217 5.80 27.66 -41.66
C VAL G 217 5.81 26.17 -41.91
N HIS G 218 4.62 25.56 -41.96
CA HIS G 218 4.47 24.14 -42.19
C HIS G 218 3.82 23.92 -43.55
N MET G 219 4.45 23.11 -44.39
CA MET G 219 3.83 22.74 -45.65
C MET G 219 4.06 21.27 -45.94
N PRO G 220 3.80 20.36 -45.00
CA PRO G 220 4.03 18.94 -45.28
C PRO G 220 3.05 18.41 -46.32
N GLN G 221 3.49 17.38 -47.04
CA GLN G 221 2.61 16.57 -47.88
C GLN G 221 1.82 17.45 -48.85
N ASN G 222 2.50 18.42 -49.46
CA ASN G 222 1.91 19.29 -50.47
C ASN G 222 2.27 18.88 -51.89
N GLY G 223 2.97 17.77 -52.07
CA GLY G 223 3.36 17.37 -53.41
C GLY G 223 4.18 18.41 -54.13
N ILE G 224 4.92 19.24 -53.40
CA ILE G 224 5.75 20.27 -54.03
C ILE G 224 6.98 19.63 -54.63
N ASN G 225 7.35 20.09 -55.83
CA ASN G 225 8.57 19.68 -56.50
C ASN G 225 9.60 20.81 -56.43
N HIS G 226 10.77 20.57 -57.01
CA HIS G 226 11.84 21.56 -56.90
C HIS G 226 11.49 22.91 -57.51
N PRO G 227 10.82 23.02 -58.67
CA PRO G 227 10.58 24.36 -59.21
C PRO G 227 9.81 25.27 -58.27
N GLY G 228 8.93 24.72 -57.44
CA GLY G 228 8.23 25.52 -56.45
C GLY G 228 9.00 25.67 -55.16
N ILE G 229 9.80 24.65 -54.82
CA ILE G 229 10.56 24.70 -53.58
C ILE G 229 11.65 25.75 -53.66
N THR G 230 12.21 25.99 -54.84
CA THR G 230 13.20 27.05 -54.99
C THR G 230 12.58 28.41 -54.67
N ALA G 231 11.39 28.66 -55.21
CA ALA G 231 10.70 29.92 -54.91
C ALA G 231 10.35 30.01 -53.44
N LEU G 232 9.92 28.90 -52.84
CA LEU G 232 9.60 28.91 -51.41
C LEU G 232 10.84 29.23 -50.58
N ALA G 233 11.99 28.66 -50.96
CA ALA G 233 13.23 28.95 -50.24
C ALA G 233 13.64 30.40 -50.39
N GLN G 234 13.51 30.94 -51.60
CA GLN G 234 13.82 32.36 -51.80
C GLN G 234 12.91 33.24 -50.95
N ALA G 235 11.63 32.88 -50.84
CA ALA G 235 10.72 33.63 -49.99
C ALA G 235 11.13 33.53 -48.52
N PHE G 236 11.51 32.33 -48.07
CA PHE G 236 11.98 32.16 -46.70
C PHE G 236 13.19 33.05 -46.43
N ALA G 237 14.09 33.16 -47.41
CA ALA G 237 15.33 33.90 -47.20
C ALA G 237 15.05 35.30 -46.68
N VAL G 238 13.99 35.94 -47.17
CA VAL G 238 13.68 37.30 -46.74
C VAL G 238 13.32 37.33 -45.26
N ASN G 239 12.48 36.40 -44.83
CA ASN G 239 12.04 36.37 -43.43
C ASN G 239 13.22 36.03 -42.52
N PRO G 240 13.73 36.97 -41.72
CA PRO G 240 14.88 36.66 -40.86
C PRO G 240 14.52 36.06 -39.52
N LEU G 241 13.24 36.01 -39.16
CA LEU G 241 12.81 35.52 -37.85
C LEU G 241 12.29 34.10 -37.90
N LEU G 242 12.48 33.39 -39.02
CA LEU G 242 12.02 32.01 -39.11
C LEU G 242 12.64 31.18 -38.01
N ARG G 243 11.83 30.32 -37.41
CA ARG G 243 12.25 29.46 -36.32
C ARG G 243 12.01 27.98 -36.60
N VAL G 244 10.91 27.64 -37.26
CA VAL G 244 10.60 26.27 -37.65
C VAL G 244 10.35 26.24 -39.15
N ILE G 245 11.02 25.33 -39.84
CA ILE G 245 10.86 25.16 -41.28
C ILE G 245 10.49 23.70 -41.50
N ASN G 246 9.20 23.41 -41.53
CA ASN G 246 8.70 22.04 -41.69
C ASN G 246 8.18 21.89 -43.11
N LEU G 247 8.86 21.05 -43.89
CA LEU G 247 8.47 20.73 -45.27
C LEU G 247 8.53 19.23 -45.48
N ASN G 248 7.96 18.48 -44.53
CA ASN G 248 8.05 17.03 -44.57
C ASN G 248 7.27 16.46 -45.75
N ASP G 249 7.85 15.44 -46.38
CA ASP G 249 7.18 14.67 -47.42
C ASP G 249 6.85 15.54 -48.65
N ASN G 250 7.87 16.19 -49.18
CA ASN G 250 7.83 16.84 -50.48
C ASN G 250 8.88 16.17 -51.37
N THR G 251 9.15 16.75 -52.53
CA THR G 251 10.13 16.22 -53.47
C THR G 251 11.11 17.33 -53.83
N PHE G 252 12.25 17.37 -53.14
CA PHE G 252 13.31 18.32 -53.48
C PHE G 252 14.29 17.77 -54.50
N THR G 253 14.39 16.45 -54.62
CA THR G 253 15.41 15.84 -55.46
C THR G 253 16.78 16.37 -55.04
N GLU G 254 17.40 17.18 -55.89
CA GLU G 254 18.71 17.76 -55.57
C GLU G 254 18.75 19.27 -55.74
N LYS G 255 18.05 19.81 -56.74
CA LYS G 255 18.02 21.26 -56.90
C LYS G 255 17.35 21.93 -55.70
N GLY G 256 16.26 21.34 -55.22
CA GLY G 256 15.56 21.92 -54.08
C GLY G 256 16.45 21.98 -52.85
N ALA G 257 17.21 20.92 -52.61
CA ALA G 257 18.09 20.91 -51.43
C ALA G 257 19.18 21.98 -51.55
N VAL G 258 19.75 22.16 -52.75
CA VAL G 258 20.75 23.21 -52.94
C VAL G 258 20.13 24.57 -52.69
N ALA G 259 18.93 24.81 -53.23
CA ALA G 259 18.27 26.09 -53.01
C ALA G 259 17.99 26.32 -51.53
N MET G 260 17.56 25.28 -50.82
CA MET G 260 17.33 25.41 -49.38
C MET G 260 18.61 25.69 -48.62
N ALA G 261 19.71 25.05 -49.01
CA ALA G 261 20.99 25.33 -48.36
C ALA G 261 21.40 26.77 -48.58
N GLU G 262 21.15 27.30 -49.77
CA GLU G 262 21.49 28.69 -50.04
C GLU G 262 20.83 29.63 -49.05
N THR G 263 19.55 29.41 -48.73
CA THR G 263 18.86 30.28 -47.77
C THR G 263 19.28 29.95 -46.34
N LEU G 264 19.48 28.66 -46.02
CA LEU G 264 19.90 28.31 -44.67
C LEU G 264 21.24 28.94 -44.32
N LYS G 265 22.07 29.21 -45.33
CA LYS G 265 23.32 29.92 -45.06
C LYS G 265 23.05 31.27 -44.42
N THR G 266 22.02 31.98 -44.88
CA THR G 266 21.76 33.35 -44.46
C THR G 266 20.78 33.47 -43.32
N LEU G 267 20.29 32.36 -42.76
CA LEU G 267 19.38 32.39 -41.62
C LEU G 267 20.14 31.99 -40.36
N ARG G 268 19.96 32.76 -39.29
CA ARG G 268 20.71 32.57 -38.05
C ARG G 268 19.80 32.38 -36.84
N GLN G 269 18.56 31.93 -37.05
CA GLN G 269 17.68 31.65 -35.93
C GLN G 269 16.85 30.39 -36.14
N VAL G 270 17.11 29.61 -37.18
CA VAL G 270 16.35 28.38 -37.41
C VAL G 270 16.65 27.39 -36.28
N GLU G 271 15.59 26.80 -35.74
CA GLU G 271 15.73 25.83 -34.65
C GLU G 271 15.26 24.43 -35.02
N VAL G 272 14.32 24.30 -35.93
CA VAL G 272 13.81 23.00 -36.36
C VAL G 272 13.84 22.96 -37.88
N ILE G 273 14.35 21.86 -38.42
CA ILE G 273 14.40 21.67 -39.87
C ILE G 273 13.96 20.25 -40.19
N ASN G 274 12.70 20.08 -40.58
CA ASN G 274 12.15 18.77 -40.89
C ASN G 274 12.13 18.62 -42.41
N PHE G 275 12.92 17.67 -42.92
CA PHE G 275 12.99 17.39 -44.35
C PHE G 275 12.80 15.91 -44.64
N GLY G 276 12.04 15.22 -43.79
CA GLY G 276 11.84 13.80 -44.01
C GLY G 276 11.12 13.52 -45.31
N ASP G 277 11.45 12.38 -45.91
CA ASP G 277 10.79 11.92 -47.13
C ASP G 277 10.93 12.94 -48.26
N CYS G 278 11.98 13.75 -48.24
CA CYS G 278 12.16 14.79 -49.24
C CYS G 278 13.06 14.39 -50.39
N LEU G 279 13.57 13.16 -50.40
CA LEU G 279 14.40 12.67 -51.49
C LEU G 279 15.56 13.64 -51.78
N VAL G 280 16.44 13.78 -50.80
CA VAL G 280 17.57 14.67 -50.96
C VAL G 280 18.69 14.00 -51.75
N ARG G 281 18.82 12.67 -51.64
CA ARG G 281 19.64 11.86 -52.54
C ARG G 281 21.14 12.04 -52.32
N SER G 282 21.56 12.36 -51.09
CA SER G 282 22.96 12.25 -50.70
C SER G 282 23.87 13.34 -51.28
N LYS G 283 23.33 14.20 -52.14
CA LYS G 283 24.06 15.38 -52.58
C LYS G 283 23.52 16.64 -51.92
N GLY G 284 22.20 16.82 -51.95
CA GLY G 284 21.60 17.85 -51.13
C GLY G 284 21.92 17.67 -49.67
N ALA G 285 22.16 16.43 -49.24
CA ALA G 285 22.60 16.21 -47.86
C ALA G 285 23.95 16.87 -47.62
N VAL G 286 24.88 16.72 -48.57
CA VAL G 286 26.17 17.38 -48.45
C VAL G 286 26.01 18.90 -48.45
N ALA G 287 25.14 19.41 -49.33
CA ALA G 287 24.92 20.84 -49.38
C ALA G 287 24.37 21.38 -48.06
N ILE G 288 23.39 20.68 -47.48
CA ILE G 288 22.82 21.09 -46.21
C ILE G 288 23.87 20.99 -45.11
N ALA G 289 24.71 19.95 -45.15
CA ALA G 289 25.77 19.82 -44.16
C ALA G 289 26.71 21.01 -44.23
N ASP G 290 27.11 21.42 -45.43
CA ASP G 290 27.97 22.58 -45.58
C ASP G 290 27.27 23.84 -45.06
N ALA G 291 25.99 24.00 -45.38
CA ALA G 291 25.27 25.19 -44.95
C ALA G 291 25.21 25.28 -43.43
N ILE G 292 24.90 24.16 -42.76
CA ILE G 292 24.80 24.18 -41.31
C ILE G 292 26.18 24.35 -40.68
N ARG G 293 27.21 23.74 -41.25
CA ARG G 293 28.56 23.93 -40.74
C ARG G 293 28.97 25.40 -40.82
N GLY G 294 28.55 26.09 -41.90
CA GLY G 294 28.89 27.49 -42.06
C GLY G 294 28.39 28.39 -40.93
N GLY G 295 27.60 27.86 -40.01
CA GLY G 295 27.11 28.64 -38.89
C GLY G 295 25.61 28.72 -38.84
N LEU G 296 25.01 28.09 -37.82
CA LEU G 296 23.57 28.07 -37.67
C LEU G 296 23.23 27.70 -36.22
N PRO G 297 23.58 28.56 -35.25
CA PRO G 297 23.35 28.20 -33.85
C PRO G 297 21.86 28.12 -33.50
N LYS G 298 21.56 27.73 -32.26
CA LYS G 298 20.21 27.56 -31.75
C LYS G 298 19.47 26.41 -32.39
N LEU G 299 20.16 25.58 -33.18
CA LEU G 299 19.49 24.45 -33.83
C LEU G 299 19.21 23.36 -32.81
N LYS G 300 17.97 22.89 -32.79
CA LYS G 300 17.54 21.86 -31.83
C LYS G 300 17.13 20.56 -32.49
N GLU G 301 16.59 20.58 -33.70
CA GLU G 301 16.16 19.37 -34.37
C GLU G 301 16.53 19.44 -35.84
N LEU G 302 16.76 18.28 -36.44
CA LEU G 302 17.07 18.20 -37.86
C LEU G 302 16.71 16.79 -38.33
N ASN G 303 15.71 16.68 -39.20
CA ASN G 303 15.21 15.40 -39.66
C ASN G 303 15.53 15.26 -41.14
N LEU G 304 16.23 14.18 -41.49
CA LEU G 304 16.50 13.82 -42.88
C LEU G 304 16.10 12.38 -43.16
N SER G 305 15.20 11.83 -42.37
CA SER G 305 14.85 10.42 -42.51
C SER G 305 14.23 10.13 -43.87
N PHE G 306 14.53 8.94 -44.38
CA PHE G 306 13.95 8.46 -45.64
C PHE G 306 14.24 9.42 -46.79
N CYS G 307 15.45 9.99 -46.80
CA CYS G 307 15.90 10.83 -47.90
C CYS G 307 16.83 10.09 -48.86
N GLU G 308 16.95 8.78 -48.72
CA GLU G 308 17.82 7.97 -49.58
C GLU G 308 19.26 8.49 -49.55
N ILE G 309 19.71 8.91 -48.37
CA ILE G 309 21.09 9.36 -48.20
C ILE G 309 22.00 8.15 -48.11
N LYS G 310 23.22 8.30 -48.62
CA LYS G 310 24.22 7.24 -48.60
C LYS G 310 25.15 7.45 -47.40
N ARG G 311 26.12 6.54 -47.27
CA ARG G 311 26.94 6.50 -46.07
C ARG G 311 27.82 7.73 -45.94
N ASP G 312 28.54 8.10 -47.01
CA ASP G 312 29.47 9.22 -46.92
C ASP G 312 28.76 10.52 -46.62
N ALA G 313 27.63 10.78 -47.27
CA ALA G 313 26.88 11.99 -47.00
C ALA G 313 26.33 11.99 -45.57
N ALA G 314 25.91 10.83 -45.07
CA ALA G 314 25.46 10.73 -43.70
C ALA G 314 26.57 11.09 -42.73
N LEU G 315 27.78 10.57 -42.96
CA LEU G 315 28.91 10.92 -42.11
C LEU G 315 29.21 12.41 -42.18
N ALA G 316 29.16 12.98 -43.38
CA ALA G 316 29.43 14.40 -43.53
C ALA G 316 28.43 15.25 -42.76
N VAL G 317 27.14 14.92 -42.87
CA VAL G 317 26.13 15.70 -42.16
C VAL G 317 26.27 15.51 -40.66
N ALA G 318 26.61 14.30 -40.22
CA ALA G 318 26.81 14.07 -38.79
C ALA G 318 27.97 14.92 -38.27
N GLU G 319 29.08 14.93 -39.00
CA GLU G 319 30.23 15.73 -38.57
C GLU G 319 29.88 17.21 -38.53
N ALA G 320 29.17 17.70 -39.55
CA ALA G 320 28.78 19.10 -39.56
C ALA G 320 27.85 19.43 -38.39
N MET G 321 26.92 18.53 -38.09
CA MET G 321 25.93 18.77 -37.06
C MET G 321 26.54 18.73 -35.67
N ALA G 322 27.55 17.88 -35.46
CA ALA G 322 28.10 17.69 -34.12
C ALA G 322 28.56 19.00 -33.51
N ASP G 323 29.04 19.93 -34.32
CA ASP G 323 29.57 21.19 -33.78
C ASP G 323 28.49 22.02 -33.09
N LYS G 324 27.21 21.76 -33.37
CA LYS G 324 26.14 22.53 -32.76
C LYS G 324 26.12 22.32 -31.25
N ALA G 325 25.73 23.37 -30.53
CA ALA G 325 25.73 23.33 -29.08
C ALA G 325 24.42 22.80 -28.49
N GLU G 326 23.29 23.38 -28.89
CA GLU G 326 22.00 23.04 -28.31
C GLU G 326 21.25 21.97 -29.10
N LEU G 327 21.95 21.17 -29.89
CA LEU G 327 21.30 20.10 -30.64
C LEU G 327 20.61 19.15 -29.68
N GLU G 328 19.39 18.73 -30.04
CA GLU G 328 18.59 17.86 -29.18
C GLU G 328 18.00 16.65 -29.89
N LYS G 329 18.03 16.60 -31.22
CA LYS G 329 17.47 15.46 -31.93
C LYS G 329 17.97 15.48 -33.37
N LEU G 330 18.48 14.34 -33.83
CA LEU G 330 18.87 14.14 -35.21
C LEU G 330 18.27 12.84 -35.70
N ASP G 331 17.60 12.89 -36.85
CA ASP G 331 16.96 11.70 -37.41
C ASP G 331 17.60 11.36 -38.75
N LEU G 332 18.05 10.12 -38.88
CA LEU G 332 18.56 9.61 -40.14
C LEU G 332 18.03 8.22 -40.44
N ASN G 333 17.01 7.77 -39.72
CA ASN G 333 16.45 6.45 -39.98
C ASN G 333 15.87 6.40 -41.38
N GLY G 334 16.03 5.25 -42.04
CA GLY G 334 15.50 5.03 -43.36
C GLY G 334 16.49 5.25 -44.48
N ASN G 335 17.58 5.97 -44.22
CA ASN G 335 18.59 6.17 -45.26
C ASN G 335 19.31 4.86 -45.55
N THR G 336 19.84 4.76 -46.77
CA THR G 336 20.53 3.56 -47.23
C THR G 336 21.93 3.52 -46.64
N LEU G 337 21.99 3.36 -45.33
CA LEU G 337 23.24 3.27 -44.59
C LEU G 337 23.56 1.80 -44.32
N GLY G 338 24.78 1.39 -44.62
CA GLY G 338 25.19 0.03 -44.32
C GLY G 338 25.20 -0.25 -42.83
N GLU G 339 25.19 -1.53 -42.50
CA GLU G 339 25.21 -1.92 -41.09
C GLU G 339 26.45 -1.38 -40.40
N GLU G 340 27.61 -1.48 -41.06
CA GLU G 340 28.81 -0.83 -40.55
C GLU G 340 28.68 0.69 -40.57
N GLY G 341 27.86 1.22 -41.47
CA GLY G 341 27.65 2.65 -41.50
C GLY G 341 27.01 3.18 -40.23
N CYS G 342 26.03 2.44 -39.70
CA CYS G 342 25.40 2.85 -38.44
C CYS G 342 26.42 2.86 -37.32
N GLU G 343 27.27 1.84 -37.24
CA GLU G 343 28.29 1.79 -36.20
C GLU G 343 29.27 2.95 -36.35
N GLN G 344 29.68 3.26 -37.57
CA GLN G 344 30.59 4.37 -37.79
C GLN G 344 29.95 5.69 -37.38
N LEU G 345 28.67 5.87 -37.72
CA LEU G 345 27.97 7.09 -37.32
C LEU G 345 27.87 7.20 -35.81
N GLN G 346 27.56 6.09 -35.14
CA GLN G 346 27.51 6.09 -33.69
C GLN G 346 28.87 6.45 -33.09
N GLU G 347 29.95 5.89 -33.64
CA GLU G 347 31.27 6.20 -33.14
C GLU G 347 31.60 7.68 -33.33
N VAL G 348 31.26 8.24 -34.49
CA VAL G 348 31.53 9.65 -34.75
C VAL G 348 30.77 10.52 -33.76
N LEU G 349 29.48 10.20 -33.56
CA LEU G 349 28.67 11.01 -32.65
C LEU G 349 29.18 10.91 -31.21
N GLU G 350 29.51 9.71 -30.75
CA GLU G 350 30.02 9.56 -29.39
C GLU G 350 31.40 10.16 -29.24
N GLY G 351 32.12 10.39 -30.34
CA GLY G 351 33.34 11.17 -30.26
C GLY G 351 33.10 12.55 -29.68
N PHE G 352 31.87 13.04 -29.81
CA PHE G 352 31.45 14.31 -29.22
C PHE G 352 30.75 14.04 -27.89
N ASN G 353 30.13 15.08 -27.33
CA ASN G 353 29.50 14.95 -26.02
C ASN G 353 28.17 14.21 -26.11
N MET G 354 27.38 14.46 -27.15
CA MET G 354 26.01 13.95 -27.19
C MET G 354 25.98 12.43 -27.17
N ALA G 355 26.43 11.80 -28.26
CA ALA G 355 26.56 10.34 -28.32
C ALA G 355 25.23 9.61 -28.31
N LYS G 356 24.12 10.32 -28.11
CA LYS G 356 22.81 9.68 -28.12
C LYS G 356 21.74 10.55 -28.77
N VAL G 357 22.11 11.69 -29.35
CA VAL G 357 21.11 12.61 -29.87
C VAL G 357 20.36 11.98 -31.05
N LEU G 358 21.06 11.19 -31.86
CA LEU G 358 20.45 10.64 -33.06
C LEU G 358 19.31 9.70 -32.69
N ALA G 359 18.28 9.69 -33.54
CA ALA G 359 17.15 8.78 -33.36
C ALA G 359 17.53 7.37 -33.78
N SER G 360 16.71 6.41 -33.37
CA SER G 360 17.01 5.00 -33.62
C SER G 360 17.07 4.72 -35.12
N LEU G 361 18.11 4.03 -35.54
CA LEU G 361 18.26 3.60 -36.93
C LEU G 361 17.80 2.15 -37.08
N SER G 362 16.50 1.95 -36.86
CA SER G 362 15.91 0.63 -36.89
C SER G 362 15.49 0.19 -38.28
N ASP G 363 15.60 1.05 -39.28
CA ASP G 363 15.20 0.72 -40.65
C ASP G 363 16.24 1.31 -41.60
N ASP G 364 17.10 0.44 -42.13
CA ASP G 364 18.16 0.85 -43.04
C ASP G 364 18.28 -0.17 -44.15
N GLU G 365 18.93 0.25 -45.25
CA GLU G 365 19.11 -0.60 -46.41
C GLU G 365 20.50 -0.37 -46.98
N ASP G 366 20.97 -1.33 -47.77
CA ASP G 366 22.28 -1.24 -48.39
C ASP G 366 22.20 -1.58 -49.87
N ALA G 436 -13.88 -63.53 -14.16
CA ALA G 436 -12.65 -64.14 -14.63
C ALA G 436 -11.56 -63.08 -14.80
N ASP G 437 -11.97 -61.88 -15.20
CA ASP G 437 -11.06 -60.77 -15.41
C ASP G 437 -10.92 -59.88 -14.18
N VAL G 438 -11.50 -60.28 -13.04
CA VAL G 438 -11.34 -59.49 -11.82
C VAL G 438 -9.86 -59.42 -11.45
N SER G 439 -9.15 -60.55 -11.52
CA SER G 439 -7.72 -60.54 -11.22
C SER G 439 -6.96 -59.66 -12.21
N THR G 440 -7.33 -59.74 -13.50
CA THR G 440 -6.66 -58.92 -14.50
C THR G 440 -6.82 -57.44 -14.20
N PHE G 441 -8.03 -57.02 -13.82
CA PHE G 441 -8.24 -55.64 -13.41
C PHE G 441 -7.42 -55.29 -12.17
N LEU G 442 -7.44 -56.18 -11.17
CA LEU G 442 -6.69 -55.91 -9.94
C LEU G 442 -5.21 -55.76 -10.21
N ALA G 443 -4.69 -56.42 -11.25
CA ALA G 443 -3.27 -56.31 -11.56
C ALA G 443 -2.90 -54.87 -11.87
N PHE G 444 -3.62 -54.23 -12.80
CA PHE G 444 -3.41 -52.84 -13.17
C PHE G 444 -4.76 -52.15 -13.16
N PRO G 445 -5.28 -51.81 -11.97
CA PRO G 445 -6.61 -51.21 -11.91
C PRO G 445 -6.70 -49.93 -12.72
N SER G 446 -7.84 -49.74 -13.38
CA SER G 446 -8.12 -48.54 -14.14
C SER G 446 -9.58 -48.16 -13.93
N PRO G 447 -9.91 -46.86 -13.99
CA PRO G 447 -11.31 -46.47 -13.74
C PRO G 447 -12.30 -47.13 -14.69
N GLU G 448 -11.94 -47.27 -15.96
CA GLU G 448 -12.88 -47.81 -16.94
C GLU G 448 -13.06 -49.31 -16.76
N LYS G 449 -12.00 -50.02 -16.39
CA LYS G 449 -12.08 -51.47 -16.24
C LYS G 449 -13.06 -51.85 -15.14
N LEU G 450 -13.18 -51.02 -14.10
CA LEU G 450 -14.15 -51.31 -13.04
C LEU G 450 -15.58 -51.30 -13.59
N LEU G 451 -15.88 -50.35 -14.48
CA LEU G 451 -17.24 -50.24 -14.99
C LEU G 451 -17.64 -51.48 -15.78
N ARG G 452 -16.72 -52.05 -16.55
CA ARG G 452 -17.07 -53.15 -17.43
C ARG G 452 -17.66 -54.33 -16.66
N LEU G 453 -17.26 -54.50 -15.39
CA LEU G 453 -17.78 -55.60 -14.60
C LEU G 453 -19.27 -55.44 -14.30
N GLY G 454 -19.81 -54.24 -14.42
CA GLY G 454 -21.21 -54.01 -14.16
C GLY G 454 -21.56 -54.21 -12.70
N PRO G 455 -22.83 -54.53 -12.41
CA PRO G 455 -23.22 -54.76 -11.01
C PRO G 455 -22.52 -55.96 -10.39
N LYS G 456 -21.96 -56.86 -11.19
CA LYS G 456 -21.24 -58.00 -10.63
C LYS G 456 -20.05 -57.55 -9.79
N SER G 457 -19.51 -56.36 -10.07
CA SER G 457 -18.36 -55.87 -9.32
C SER G 457 -18.66 -55.72 -7.83
N SER G 458 -19.93 -55.61 -7.46
CA SER G 458 -20.27 -55.42 -6.05
C SER G 458 -19.80 -56.61 -5.21
N VAL G 459 -20.05 -57.83 -5.69
CA VAL G 459 -19.71 -59.03 -4.95
C VAL G 459 -18.51 -59.77 -5.53
N LEU G 460 -18.20 -59.57 -6.81
CA LEU G 460 -17.04 -60.25 -7.39
C LEU G 460 -15.75 -59.83 -6.67
N ILE G 461 -15.61 -58.54 -6.39
CA ILE G 461 -14.43 -58.08 -5.66
C ILE G 461 -14.41 -58.66 -4.25
N ALA G 462 -15.57 -58.64 -3.57
CA ALA G 462 -15.63 -59.16 -2.22
C ALA G 462 -15.33 -60.66 -2.19
N GLN G 463 -15.90 -61.41 -3.13
CA GLN G 463 -15.71 -62.86 -3.14
C GLN G 463 -14.26 -63.23 -3.46
N GLN G 464 -13.70 -62.60 -4.50
CA GLN G 464 -12.36 -62.98 -4.94
C GLN G 464 -11.32 -62.71 -3.86
N THR G 465 -11.43 -61.57 -3.19
CA THR G 465 -10.43 -61.18 -2.20
C THR G 465 -10.47 -62.14 -1.00
N ASP G 466 -9.29 -62.50 -0.52
CA ASP G 466 -9.16 -63.34 0.68
C ASP G 466 -9.19 -62.42 1.89
N THR G 467 -10.29 -62.45 2.64
CA THR G 467 -10.50 -61.53 3.75
C THR G 467 -10.03 -62.07 5.08
N SER G 468 -9.50 -63.30 5.12
CA SER G 468 -9.01 -63.84 6.39
C SER G 468 -7.85 -63.01 6.93
N ASP G 469 -6.93 -62.62 6.06
CA ASP G 469 -5.74 -61.86 6.47
C ASP G 469 -5.96 -60.39 6.18
N PRO G 470 -5.87 -59.49 7.18
CA PRO G 470 -6.13 -58.07 6.91
C PRO G 470 -5.22 -57.45 5.86
N GLU G 471 -4.02 -57.99 5.65
CA GLU G 471 -3.14 -57.40 4.64
C GLU G 471 -3.76 -57.45 3.25
N LYS G 472 -4.36 -58.59 2.89
CA LYS G 472 -5.01 -58.68 1.58
C LYS G 472 -6.25 -57.79 1.51
N VAL G 473 -6.99 -57.65 2.61
CA VAL G 473 -8.12 -56.74 2.63
C VAL G 473 -7.66 -55.31 2.36
N VAL G 474 -6.57 -54.89 3.00
CA VAL G 474 -6.07 -53.55 2.80
C VAL G 474 -5.58 -53.37 1.37
N SER G 475 -4.89 -54.37 0.82
CA SER G 475 -4.42 -54.27 -0.55
C SER G 475 -5.60 -54.14 -1.52
N ALA G 476 -6.66 -54.94 -1.31
CA ALA G 476 -7.83 -54.86 -2.17
C ALA G 476 -8.51 -53.50 -2.03
N PHE G 477 -8.63 -52.99 -0.80
CA PHE G 477 -9.23 -51.68 -0.60
C PHE G 477 -8.46 -50.60 -1.33
N LEU G 478 -7.13 -50.60 -1.21
CA LEU G 478 -6.33 -49.60 -1.88
C LEU G 478 -6.45 -49.72 -3.40
N LYS G 479 -6.41 -50.94 -3.92
CA LYS G 479 -6.52 -51.11 -5.37
C LYS G 479 -7.87 -50.62 -5.88
N VAL G 480 -8.94 -50.94 -5.15
CA VAL G 480 -10.27 -50.49 -5.58
C VAL G 480 -10.38 -48.98 -5.54
N SER G 481 -9.88 -48.35 -4.47
CA SER G 481 -10.03 -46.92 -4.31
C SER G 481 -9.02 -46.12 -5.13
N SER G 482 -8.00 -46.74 -5.69
CA SER G 482 -7.02 -46.01 -6.48
C SER G 482 -7.64 -45.38 -7.72
N VAL G 483 -8.69 -45.99 -8.27
CA VAL G 483 -9.30 -45.53 -9.51
C VAL G 483 -10.49 -44.62 -9.20
N PHE G 484 -10.60 -44.19 -7.95
CA PHE G 484 -11.72 -43.35 -7.54
C PHE G 484 -11.72 -42.04 -8.33
N LYS G 485 -12.89 -41.65 -8.81
CA LYS G 485 -13.06 -40.42 -9.55
C LYS G 485 -14.38 -39.77 -9.17
N ASP G 486 -14.44 -38.45 -9.34
CA ASP G 486 -15.62 -37.68 -8.96
C ASP G 486 -16.81 -37.93 -9.88
N GLU G 487 -16.60 -38.59 -11.02
CA GLU G 487 -17.72 -38.91 -11.90
C GLU G 487 -18.76 -39.72 -11.13
N ALA G 488 -20.03 -39.36 -11.30
CA ALA G 488 -21.08 -39.89 -10.44
C ALA G 488 -21.17 -41.41 -10.57
N THR G 489 -21.13 -41.94 -11.78
CA THR G 489 -21.27 -43.38 -11.97
C THR G 489 -20.10 -44.14 -11.36
N VAL G 490 -18.88 -43.66 -11.58
CA VAL G 490 -17.70 -44.37 -11.07
C VAL G 490 -17.68 -44.36 -9.56
N ARG G 491 -17.95 -43.20 -8.94
CA ARG G 491 -17.85 -43.11 -7.49
C ARG G 491 -18.84 -44.03 -6.81
N MET G 492 -20.05 -44.16 -7.36
CA MET G 492 -21.04 -45.03 -6.75
C MET G 492 -20.59 -46.49 -6.81
N ALA G 493 -20.05 -46.92 -7.95
CA ALA G 493 -19.53 -48.27 -8.06
C ALA G 493 -18.41 -48.51 -7.05
N VAL G 494 -17.48 -47.56 -6.96
CA VAL G 494 -16.37 -47.71 -6.03
C VAL G 494 -16.89 -47.81 -4.60
N GLN G 495 -17.84 -46.95 -4.24
CA GLN G 495 -18.33 -46.91 -2.87
C GLN G 495 -19.09 -48.18 -2.51
N ASP G 496 -19.93 -48.69 -3.43
CA ASP G 496 -20.63 -49.93 -3.12
C ASP G 496 -19.68 -51.11 -3.04
N ALA G 497 -18.67 -51.15 -3.92
CA ALA G 497 -17.67 -52.21 -3.84
C ALA G 497 -16.93 -52.17 -2.51
N VAL G 498 -16.53 -50.97 -2.07
CA VAL G 498 -15.84 -50.83 -0.80
C VAL G 498 -16.75 -51.26 0.35
N ASP G 499 -18.02 -50.85 0.30
CA ASP G 499 -18.94 -51.23 1.36
C ASP G 499 -19.08 -52.74 1.45
N ALA G 500 -19.24 -53.41 0.30
CA ALA G 500 -19.34 -54.86 0.31
C ALA G 500 -18.07 -55.51 0.85
N LEU G 501 -16.91 -55.02 0.41
CA LEU G 501 -15.65 -55.61 0.82
C LEU G 501 -15.45 -55.49 2.33
N MET G 502 -15.75 -54.32 2.89
CA MET G 502 -15.57 -54.14 4.33
C MET G 502 -16.66 -54.86 5.12
N GLN G 503 -17.88 -54.94 4.58
CA GLN G 503 -18.94 -55.69 5.24
C GLN G 503 -18.55 -57.15 5.38
N LYS G 504 -17.99 -57.73 4.32
CA LYS G 504 -17.50 -59.11 4.41
C LYS G 504 -16.25 -59.19 5.30
N ALA G 505 -15.44 -58.13 5.31
CA ALA G 505 -14.22 -58.15 6.12
C ALA G 505 -14.50 -57.97 7.61
N PHE G 506 -15.39 -57.04 7.96
CA PHE G 506 -15.61 -56.71 9.36
C PHE G 506 -16.47 -57.74 10.09
N ASN G 507 -17.23 -58.55 9.37
CA ASN G 507 -18.02 -59.60 10.01
C ASN G 507 -17.26 -60.92 10.06
N SER G 508 -16.04 -60.87 10.60
CA SER G 508 -15.19 -62.04 10.73
C SER G 508 -14.55 -62.01 12.11
N SER G 509 -14.79 -63.06 12.90
CA SER G 509 -14.21 -63.12 14.24
C SER G 509 -12.68 -63.19 14.18
N SER G 510 -12.15 -63.96 13.22
CA SER G 510 -10.71 -64.07 13.06
C SER G 510 -10.18 -62.92 12.21
N PHE G 511 -10.50 -61.68 12.60
CA PHE G 511 -10.09 -60.50 11.84
C PHE G 511 -10.04 -59.33 12.82
N ASN G 512 -8.83 -58.93 13.21
CA ASN G 512 -8.65 -57.84 14.15
C ASN G 512 -8.70 -56.51 13.40
N SER G 513 -9.62 -55.64 13.81
CA SER G 513 -9.79 -54.36 13.12
C SER G 513 -8.56 -53.48 13.27
N ASN G 514 -7.95 -53.47 14.46
CA ASN G 514 -6.79 -52.61 14.68
C ASN G 514 -5.65 -52.96 13.75
N THR G 515 -5.46 -54.24 13.46
CA THR G 515 -4.43 -54.64 12.51
C THR G 515 -4.73 -54.05 11.13
N PHE G 516 -5.99 -54.11 10.71
CA PHE G 516 -6.37 -53.55 9.42
C PHE G 516 -6.07 -52.05 9.38
N LEU G 517 -6.44 -51.33 10.45
CA LEU G 517 -6.21 -49.89 10.46
C LEU G 517 -4.72 -49.58 10.44
N THR G 518 -3.92 -50.32 11.21
CA THR G 518 -2.48 -50.05 11.22
C THR G 518 -1.87 -50.31 9.86
N ARG G 519 -2.27 -51.40 9.19
CA ARG G 519 -1.73 -51.67 7.86
C ARG G 519 -2.18 -50.61 6.87
N LEU G 520 -3.43 -50.16 6.97
CA LEU G 520 -3.91 -49.12 6.07
C LEU G 520 -3.10 -47.84 6.24
N LEU G 521 -2.86 -47.44 7.49
CA LEU G 521 -2.04 -46.25 7.74
C LEU G 521 -0.63 -46.44 7.22
N VAL G 522 -0.07 -47.64 7.39
CA VAL G 522 1.30 -47.90 6.94
C VAL G 522 1.39 -47.77 5.43
N HIS G 523 0.43 -48.36 4.71
CA HIS G 523 0.49 -48.33 3.25
C HIS G 523 0.34 -46.91 2.72
N MET G 524 -0.54 -46.12 3.32
CA MET G 524 -0.73 -44.74 2.87
C MET G 524 0.44 -43.83 3.20
N GLY G 525 1.40 -44.31 3.99
CA GLY G 525 2.55 -43.52 4.36
C GLY G 525 2.38 -42.68 5.61
N LEU G 526 1.18 -42.67 6.20
CA LEU G 526 0.96 -41.90 7.41
C LEU G 526 1.72 -42.46 8.60
N LEU G 527 2.14 -43.72 8.53
CA LEU G 527 2.82 -44.38 9.63
C LEU G 527 3.97 -45.21 9.08
N LYS G 528 4.97 -45.44 9.92
CA LYS G 528 6.15 -46.22 9.54
C LYS G 528 6.00 -47.67 9.99
N SER G 529 6.82 -48.54 9.40
CA SER G 529 6.68 -49.98 9.59
C SER G 529 8.03 -50.62 9.82
N GLU G 530 8.01 -51.79 10.45
CA GLU G 530 9.23 -52.54 10.70
C GLU G 530 9.94 -52.86 9.40
N ASP G 531 9.22 -53.42 8.44
CA ASP G 531 9.71 -53.64 7.08
C ASP G 531 9.14 -52.54 6.20
N LYS G 532 10.02 -51.73 5.61
CA LYS G 532 9.59 -50.51 4.95
C LYS G 532 8.84 -50.82 3.65
N VAL G 533 7.52 -50.90 3.73
CA VAL G 533 6.69 -51.10 2.55
C VAL G 533 6.53 -49.76 1.84
N LYS G 534 6.81 -49.74 0.55
CA LYS G 534 6.76 -48.49 -0.20
C LYS G 534 5.34 -47.93 -0.20
N ALA G 535 5.22 -46.64 0.10
CA ALA G 535 3.93 -46.00 0.22
C ALA G 535 3.33 -45.73 -1.16
N ILE G 536 2.15 -45.14 -1.17
CA ILE G 536 1.46 -44.80 -2.40
C ILE G 536 1.64 -43.32 -2.70
N ALA G 537 1.33 -42.92 -3.93
CA ALA G 537 1.56 -41.54 -4.35
C ALA G 537 0.42 -40.62 -3.91
N ASN G 538 -0.80 -40.89 -4.37
CA ASN G 538 -1.94 -40.02 -4.14
C ASN G 538 -2.89 -40.68 -3.14
N LEU G 539 -3.30 -39.93 -2.13
CA LEU G 539 -4.22 -40.40 -1.11
C LEU G 539 -5.65 -39.93 -1.33
N TYR G 540 -5.93 -39.28 -2.47
CA TYR G 540 -7.27 -38.75 -2.70
C TYR G 540 -8.30 -39.87 -2.71
N GLY G 541 -8.04 -40.93 -3.47
CA GLY G 541 -8.98 -42.03 -3.56
C GLY G 541 -9.16 -42.75 -2.25
N PRO G 542 -8.05 -43.16 -1.62
CA PRO G 542 -8.16 -43.80 -0.30
C PRO G 542 -8.85 -42.92 0.73
N LEU G 543 -8.57 -41.62 0.73
CA LEU G 543 -9.21 -40.74 1.70
C LEU G 543 -10.70 -40.61 1.45
N MET G 544 -11.11 -40.51 0.17
CA MET G 544 -12.53 -40.45 -0.14
C MET G 544 -13.23 -41.75 0.25
N ALA G 545 -12.59 -42.89 -0.03
CA ALA G 545 -13.19 -44.16 0.36
C ALA G 545 -13.32 -44.27 1.87
N LEU G 546 -12.31 -43.82 2.61
CA LEU G 546 -12.40 -43.82 4.07
C LEU G 546 -13.53 -42.91 4.53
N ASN G 547 -13.65 -41.73 3.93
CA ASN G 547 -14.72 -40.81 4.31
C ASN G 547 -16.07 -41.45 4.12
N HIS G 548 -16.27 -42.16 3.00
CA HIS G 548 -17.52 -42.88 2.81
C HIS G 548 -17.69 -43.98 3.84
N MET G 549 -16.61 -44.71 4.14
CA MET G 549 -16.71 -45.85 5.04
C MET G 549 -17.05 -45.41 6.46
N VAL G 550 -16.52 -44.28 6.90
CA VAL G 550 -16.73 -43.83 8.27
C VAL G 550 -18.21 -43.64 8.55
N GLN G 551 -19.00 -43.35 7.52
CA GLN G 551 -20.42 -43.06 7.68
C GLN G 551 -21.29 -44.31 7.64
N GLN G 552 -20.70 -45.49 7.50
CA GLN G 552 -21.45 -46.74 7.48
C GLN G 552 -21.49 -47.37 8.87
N ASP G 553 -22.45 -48.27 9.06
CA ASP G 553 -22.67 -48.86 10.38
C ASP G 553 -21.56 -49.84 10.74
N TYR G 554 -21.15 -50.69 9.80
CA TYR G 554 -20.18 -51.73 10.11
C TYR G 554 -18.85 -51.16 10.60
N PHE G 555 -18.54 -49.92 10.27
CA PHE G 555 -17.30 -49.32 10.72
C PHE G 555 -17.31 -49.19 12.24
N PRO G 556 -16.34 -49.77 12.96
CA PRO G 556 -16.34 -49.64 14.42
C PRO G 556 -16.24 -48.20 14.87
N LYS G 557 -16.88 -47.90 15.98
CA LYS G 557 -16.78 -46.58 16.61
C LYS G 557 -15.52 -46.43 17.44
N ALA G 558 -14.62 -47.41 17.40
CA ALA G 558 -13.36 -47.36 18.13
C ALA G 558 -12.18 -46.96 17.26
N LEU G 559 -12.28 -47.12 15.95
CA LEU G 559 -11.20 -46.72 15.05
C LEU G 559 -11.28 -45.27 14.64
N ALA G 560 -12.35 -44.55 15.00
CA ALA G 560 -12.43 -43.13 14.68
C ALA G 560 -11.27 -42.34 15.27
N PRO G 561 -10.94 -42.48 16.55
CA PRO G 561 -9.83 -41.67 17.09
C PRO G 561 -8.50 -41.91 16.40
N LEU G 562 -8.20 -43.16 16.00
CA LEU G 562 -6.92 -43.43 15.34
C LEU G 562 -6.85 -42.71 13.99
N LEU G 563 -7.92 -42.82 13.20
CA LEU G 563 -7.96 -42.12 11.91
C LEU G 563 -7.88 -40.62 12.11
N LEU G 564 -8.59 -40.09 13.10
CA LEU G 564 -8.54 -38.66 13.37
C LEU G 564 -7.12 -38.22 13.71
N ALA G 565 -6.46 -38.97 14.59
CA ALA G 565 -5.12 -38.60 15.02
C ALA G 565 -4.12 -38.65 13.88
N PHE G 566 -4.24 -39.65 13.00
CA PHE G 566 -3.27 -39.78 11.92
C PHE G 566 -3.66 -39.02 10.65
N VAL G 567 -4.86 -38.46 10.60
CA VAL G 567 -5.22 -37.57 9.50
C VAL G 567 -4.93 -36.11 9.86
N THR G 568 -5.17 -35.73 11.11
CA THR G 568 -4.67 -34.44 11.58
C THR G 568 -3.15 -34.43 11.72
N LYS G 569 -2.51 -35.59 11.66
CA LYS G 569 -1.07 -35.69 11.73
C LYS G 569 -0.46 -35.01 10.50
N PRO G 570 0.43 -34.04 10.68
CA PRO G 570 1.04 -33.39 9.51
C PRO G 570 1.80 -34.38 8.65
N ASN G 571 1.69 -34.21 7.34
CA ASN G 571 2.39 -35.07 6.39
C ASN G 571 2.31 -34.43 5.01
N SER G 572 3.41 -34.53 4.26
CA SER G 572 3.44 -33.94 2.92
C SER G 572 2.46 -34.63 1.98
N ALA G 573 2.34 -35.96 2.09
CA ALA G 573 1.44 -36.68 1.20
C ALA G 573 -0.02 -36.27 1.38
N LEU G 574 -0.36 -35.71 2.54
CA LEU G 574 -1.74 -35.31 2.81
C LEU G 574 -2.06 -33.91 2.30
N GLU G 575 -1.12 -32.96 2.46
CA GLU G 575 -1.38 -31.59 2.03
C GLU G 575 -1.59 -31.49 0.52
N SER G 576 -1.18 -32.50 -0.23
CA SER G 576 -1.44 -32.52 -1.67
C SER G 576 -2.94 -32.54 -1.95
N CYS G 577 -3.68 -33.35 -1.20
CA CYS G 577 -5.13 -33.47 -1.32
C CYS G 577 -5.77 -32.85 -0.09
N SER G 578 -5.97 -31.53 -0.13
CA SER G 578 -6.52 -30.83 1.03
C SER G 578 -8.03 -31.04 1.16
N PHE G 579 -8.75 -31.10 0.05
CA PHE G 579 -10.20 -31.21 0.12
C PHE G 579 -10.63 -32.56 0.70
N ALA G 580 -10.03 -33.65 0.23
CA ALA G 580 -10.37 -34.96 0.77
C ALA G 580 -10.03 -35.05 2.24
N ARG G 581 -8.86 -34.53 2.64
CA ARG G 581 -8.47 -34.54 4.04
C ARG G 581 -9.46 -33.75 4.90
N HIS G 582 -9.86 -32.57 4.43
CA HIS G 582 -10.79 -31.75 5.19
C HIS G 582 -12.15 -32.43 5.32
N SER G 583 -12.66 -33.01 4.22
CA SER G 583 -13.94 -33.69 4.29
C SER G 583 -13.87 -34.89 5.23
N LEU G 584 -12.78 -35.65 5.17
CA LEU G 584 -12.63 -36.78 6.08
C LEU G 584 -12.58 -36.31 7.53
N LEU G 585 -11.88 -35.21 7.81
CA LEU G 585 -11.81 -34.72 9.17
C LEU G 585 -13.18 -34.23 9.67
N GLN G 586 -13.94 -33.55 8.82
CA GLN G 586 -15.28 -33.15 9.21
C GLN G 586 -16.14 -34.37 9.52
N THR G 587 -16.08 -35.40 8.67
CA THR G 587 -16.84 -36.61 8.92
C THR G 587 -16.43 -37.26 10.24
N LEU G 588 -15.12 -37.31 10.51
CA LEU G 588 -14.65 -37.90 11.75
C LEU G 588 -15.13 -37.13 12.97
N TYR G 589 -15.09 -35.80 12.89
CA TYR G 589 -15.58 -34.99 14.01
C TYR G 589 -17.09 -35.05 14.15
N LYS G 590 -17.81 -35.45 13.10
CA LYS G 590 -19.25 -35.69 13.26
C LYS G 590 -19.49 -36.79 14.29
N VAL G 591 -18.75 -37.89 14.20
CA VAL G 591 -18.92 -39.01 15.12
C VAL G 591 -18.02 -38.82 16.33
#